data_2LP6
#
_entry.id   2LP6
#
_entity_poly.entity_id   1
_entity_poly.type   'polypeptide(L)'
_entity_poly.pdbx_seq_one_letter_code
;MRIKGVVLSYRRSKENQHNNVMIIKPLDVNSREEASKLIGRLVLWKSPSGKILKGKIVRVHGTKGAVRARFEKGLPGQAL
GDYVEIVLEHHHHHH
;
_entity_poly.pdbx_strand_id   A
#
# COMPACT_ATOMS: atom_id res chain seq x y z
N MET A 1 -4.63 15.31 -1.14
CA MET A 1 -5.38 14.20 -1.79
C MET A 1 -5.04 12.86 -1.12
N ARG A 2 -6.08 12.05 -0.80
CA ARG A 2 -5.89 10.65 -0.34
C ARG A 2 -6.73 9.74 -1.24
N ILE A 3 -6.09 8.70 -1.80
CA ILE A 3 -6.72 7.75 -2.73
C ILE A 3 -7.16 6.49 -1.95
N LYS A 4 -8.40 6.05 -2.16
CA LYS A 4 -8.96 4.90 -1.45
C LYS A 4 -8.65 3.61 -2.22
N GLY A 5 -8.10 2.61 -1.52
CA GLY A 5 -7.70 1.33 -2.15
C GLY A 5 -8.12 0.12 -1.33
N VAL A 6 -8.08 -1.06 -1.94
CA VAL A 6 -8.41 -2.34 -1.30
C VAL A 6 -7.18 -3.27 -1.32
N VAL A 7 -6.72 -3.69 -0.14
CA VAL A 7 -5.64 -4.68 -0.05
C VAL A 7 -6.15 -6.05 -0.52
N LEU A 8 -5.77 -6.42 -1.76
CA LEU A 8 -6.10 -7.71 -2.37
C LEU A 8 -5.33 -8.85 -1.67
N SER A 9 -4.07 -8.56 -1.29
CA SER A 9 -3.16 -9.56 -0.71
C SER A 9 -2.06 -8.92 0.13
N TYR A 10 -1.47 -9.69 1.06
CA TYR A 10 -0.28 -9.30 1.84
C TYR A 10 0.88 -10.24 1.51
N ARG A 11 2.10 -9.80 1.85
CA ARG A 11 3.32 -10.62 1.77
C ARG A 11 4.11 -10.40 3.05
N ARG A 12 4.49 -11.49 3.73
CA ARG A 12 5.33 -11.41 4.94
C ARG A 12 6.76 -11.07 4.54
N SER A 13 7.26 -9.95 5.07
CA SER A 13 8.63 -9.51 4.86
C SER A 13 9.61 -10.45 5.59
N LYS A 14 10.21 -11.35 4.80
CA LYS A 14 11.24 -12.30 5.27
C LYS A 14 12.64 -11.69 5.19
N GLU A 15 12.71 -10.44 4.67
CA GLU A 15 13.96 -9.71 4.45
C GLU A 15 14.48 -9.15 5.79
N ASN A 16 15.70 -8.56 5.76
CA ASN A 16 16.26 -7.83 6.93
C ASN A 16 15.39 -6.60 7.25
N GLN A 17 15.03 -5.87 6.19
CA GLN A 17 14.09 -4.74 6.26
C GLN A 17 12.66 -5.29 6.39
N HIS A 18 12.21 -5.52 7.63
CA HIS A 18 10.86 -6.00 7.92
C HIS A 18 9.84 -4.89 7.63
N ASN A 19 9.40 -4.85 6.37
CA ASN A 19 8.40 -3.88 5.89
C ASN A 19 7.28 -4.65 5.20
N ASN A 20 6.11 -4.76 5.87
CA ASN A 20 5.01 -5.62 5.42
C ASN A 20 4.49 -5.15 4.06
N VAL A 21 4.59 -6.02 3.06
CA VAL A 21 4.24 -5.70 1.67
C VAL A 21 2.77 -6.03 1.45
N MET A 22 2.11 -5.28 0.56
CA MET A 22 0.71 -5.54 0.21
C MET A 22 0.41 -5.16 -1.23
N ILE A 23 -0.40 -6.00 -1.87
CA ILE A 23 -0.93 -5.75 -3.21
C ILE A 23 -2.22 -4.93 -3.04
N ILE A 24 -2.10 -3.61 -3.20
CA ILE A 24 -3.23 -2.66 -3.08
C ILE A 24 -3.81 -2.40 -4.47
N LYS A 25 -5.13 -2.46 -4.60
CA LYS A 25 -5.85 -2.05 -5.80
C LYS A 25 -6.57 -0.72 -5.50
N PRO A 26 -5.98 0.46 -5.87
CA PRO A 26 -6.64 1.75 -5.65
C PRO A 26 -7.88 1.89 -6.57
N LEU A 27 -9.04 2.12 -5.94
CA LEU A 27 -10.36 2.20 -6.62
C LEU A 27 -10.38 3.32 -7.70
N ASP A 28 -9.59 4.37 -7.46
CA ASP A 28 -9.46 5.53 -8.36
C ASP A 28 -8.37 5.33 -9.43
N VAL A 29 -7.35 4.52 -9.12
CA VAL A 29 -6.18 4.32 -9.98
C VAL A 29 -6.28 2.94 -10.65
N ASN A 30 -6.73 2.92 -11.91
CA ASN A 30 -6.87 1.67 -12.70
C ASN A 30 -5.97 1.74 -13.96
N SER A 31 -5.06 2.73 -14.00
CA SER A 31 -4.08 2.91 -15.09
C SER A 31 -2.64 2.89 -14.53
N ARG A 32 -1.70 2.40 -15.37
CA ARG A 32 -0.28 2.26 -15.02
C ARG A 32 0.37 3.63 -14.76
N GLU A 33 -0.06 4.63 -15.55
CA GLU A 33 0.48 6.01 -15.49
C GLU A 33 0.14 6.65 -14.12
N GLU A 34 -1.16 6.54 -13.76
CA GLU A 34 -1.70 7.08 -12.51
C GLU A 34 -1.05 6.41 -11.29
N ALA A 35 -0.65 5.13 -11.45
CA ALA A 35 0.02 4.34 -10.41
C ALA A 35 1.51 4.69 -10.31
N SER A 36 2.13 4.97 -11.47
CA SER A 36 3.58 5.17 -11.60
C SER A 36 4.00 6.54 -11.01
N LYS A 37 3.06 7.50 -11.03
CA LYS A 37 3.27 8.83 -10.43
C LYS A 37 3.01 8.81 -8.89
N LEU A 38 2.63 7.62 -8.37
CA LEU A 38 2.43 7.40 -6.92
C LEU A 38 3.65 6.73 -6.26
N ILE A 39 4.72 6.46 -7.03
CA ILE A 39 5.93 5.81 -6.48
C ILE A 39 6.64 6.76 -5.49
N GLY A 40 6.58 6.40 -4.20
CA GLY A 40 7.15 7.22 -3.12
C GLY A 40 6.08 7.76 -2.18
N ARG A 41 4.81 7.72 -2.61
CA ARG A 41 3.68 8.27 -1.85
C ARG A 41 3.38 7.40 -0.62
N LEU A 42 2.81 8.05 0.41
CA LEU A 42 2.68 7.49 1.75
C LEU A 42 1.31 6.85 1.91
N VAL A 43 1.27 5.53 2.09
CA VAL A 43 0.00 4.79 2.23
C VAL A 43 -0.26 4.56 3.73
N LEU A 44 -1.49 4.88 4.15
CA LEU A 44 -1.94 4.71 5.53
C LEU A 44 -2.92 3.54 5.59
N TRP A 45 -2.43 2.37 6.04
CA TRP A 45 -3.26 1.18 6.25
C TRP A 45 -3.60 1.04 7.72
N LYS A 46 -4.84 0.64 7.98
CA LYS A 46 -5.36 0.41 9.32
C LYS A 46 -5.15 -1.08 9.69
N SER A 47 -4.11 -1.35 10.50
CA SER A 47 -3.82 -2.71 11.00
C SER A 47 -4.96 -3.21 11.94
N PRO A 48 -5.20 -4.56 12.00
CA PRO A 48 -6.15 -5.17 12.98
C PRO A 48 -5.79 -4.85 14.45
N SER A 49 -4.53 -4.45 14.69
CA SER A 49 -4.01 -4.05 16.01
C SER A 49 -4.58 -2.69 16.48
N GLY A 50 -5.29 -1.97 15.58
CA GLY A 50 -5.87 -0.65 15.89
C GLY A 50 -4.85 0.46 15.76
N LYS A 51 -3.92 0.28 14.82
CA LYS A 51 -2.86 1.26 14.52
C LYS A 51 -2.86 1.55 13.02
N ILE A 52 -2.54 2.78 12.64
CA ILE A 52 -2.42 3.18 11.24
C ILE A 52 -0.94 3.17 10.84
N LEU A 53 -0.53 2.08 10.16
CA LEU A 53 0.84 1.89 9.68
C LEU A 53 1.08 2.78 8.45
N LYS A 54 2.23 3.43 8.40
CA LYS A 54 2.64 4.25 7.26
C LYS A 54 3.55 3.41 6.34
N GLY A 55 3.34 3.55 5.03
CA GLY A 55 4.04 2.76 4.02
C GLY A 55 4.43 3.56 2.81
N LYS A 56 5.12 2.92 1.87
CA LYS A 56 5.64 3.59 0.67
C LYS A 56 5.46 2.69 -0.55
N ILE A 57 4.82 3.23 -1.60
CA ILE A 57 4.66 2.53 -2.87
C ILE A 57 6.03 2.40 -3.56
N VAL A 58 6.59 1.19 -3.49
CA VAL A 58 7.95 0.90 -3.99
C VAL A 58 7.93 0.62 -5.50
N ARG A 59 6.85 -0.03 -5.96
CA ARG A 59 6.66 -0.38 -7.38
C ARG A 59 5.19 -0.75 -7.62
N VAL A 60 4.73 -0.56 -8.86
CA VAL A 60 3.34 -0.86 -9.27
C VAL A 60 3.25 -2.30 -9.80
N HIS A 61 2.03 -2.75 -10.00
CA HIS A 61 1.74 -4.09 -10.50
C HIS A 61 0.91 -3.95 -11.79
N GLY A 62 1.59 -4.17 -12.93
CA GLY A 62 0.97 -4.19 -14.25
C GLY A 62 0.38 -2.86 -14.69
N THR A 63 -0.68 -2.92 -15.51
CA THR A 63 -1.41 -1.74 -16.00
C THR A 63 -2.70 -1.50 -15.19
N LYS A 64 -3.06 -2.47 -14.32
CA LYS A 64 -4.30 -2.41 -13.49
C LYS A 64 -4.30 -1.23 -12.50
N GLY A 65 -3.14 -0.57 -12.33
CA GLY A 65 -3.03 0.55 -11.39
C GLY A 65 -2.82 0.10 -9.96
N ALA A 66 -2.80 -1.25 -9.75
CA ALA A 66 -2.58 -1.85 -8.46
C ALA A 66 -1.15 -1.56 -7.97
N VAL A 67 -1.03 -0.89 -6.83
CA VAL A 67 0.28 -0.46 -6.30
C VAL A 67 0.74 -1.40 -5.17
N ARG A 68 2.06 -1.58 -5.04
CA ARG A 68 2.65 -2.47 -4.03
C ARG A 68 3.45 -1.62 -3.02
N ALA A 69 2.97 -1.59 -1.77
CA ALA A 69 3.51 -0.73 -0.72
C ALA A 69 4.16 -1.55 0.41
N ARG A 70 5.36 -1.12 0.83
CA ARG A 70 6.08 -1.69 1.97
C ARG A 70 5.94 -0.74 3.17
N PHE A 71 5.42 -1.25 4.30
CA PHE A 71 5.11 -0.44 5.50
C PHE A 71 6.23 -0.54 6.54
N GLU A 72 6.73 0.63 6.98
CA GLU A 72 7.91 0.78 7.87
C GLU A 72 7.84 -0.11 9.15
N LYS A 73 6.63 -0.23 9.72
CA LYS A 73 6.40 -0.93 11.00
C LYS A 73 6.47 -2.46 10.83
N GLY A 74 6.20 -2.94 9.60
CA GLY A 74 6.36 -4.36 9.26
C GLY A 74 5.44 -5.29 10.03
N LEU A 75 4.31 -4.76 10.50
CA LEU A 75 3.37 -5.49 11.35
C LEU A 75 2.36 -6.28 10.48
N PRO A 76 2.08 -7.57 10.85
CA PRO A 76 1.16 -8.45 10.10
C PRO A 76 -0.32 -8.01 10.24
N GLY A 77 -1.20 -8.69 9.50
CA GLY A 77 -2.61 -8.31 9.46
C GLY A 77 -3.49 -9.46 9.00
N GLN A 78 -3.32 -9.86 7.72
CA GLN A 78 -4.18 -10.89 7.06
C GLN A 78 -5.67 -10.43 7.04
N ALA A 79 -5.82 -9.10 6.95
CA ALA A 79 -7.12 -8.40 6.91
C ALA A 79 -7.66 -8.26 5.46
N LEU A 80 -7.31 -9.27 4.61
CA LEU A 80 -7.63 -9.33 3.13
C LEU A 80 -9.02 -8.73 2.76
N GLY A 81 -8.98 -7.59 2.05
CA GLY A 81 -10.19 -6.84 1.66
C GLY A 81 -10.31 -5.49 2.36
N ASP A 82 -9.36 -5.21 3.28
CA ASP A 82 -9.35 -3.96 4.09
C ASP A 82 -8.94 -2.75 3.24
N TYR A 83 -9.32 -1.55 3.69
CA TYR A 83 -9.15 -0.31 2.92
C TYR A 83 -7.95 0.52 3.44
N VAL A 84 -7.23 1.11 2.47
CA VAL A 84 -6.10 2.02 2.73
C VAL A 84 -6.41 3.43 2.22
N GLU A 85 -5.59 4.43 2.63
CA GLU A 85 -5.63 5.78 2.07
C GLU A 85 -4.21 6.21 1.65
N ILE A 86 -4.01 6.29 0.33
CA ILE A 86 -2.73 6.69 -0.28
C ILE A 86 -2.62 8.21 -0.30
N VAL A 87 -1.88 8.76 0.66
CA VAL A 87 -1.64 10.18 0.77
C VAL A 87 -0.68 10.62 -0.34
N LEU A 88 -1.16 11.51 -1.23
CA LEU A 88 -0.37 12.16 -2.27
C LEU A 88 0.69 13.02 -1.56
N GLU A 89 1.80 12.37 -1.25
CA GLU A 89 2.94 12.97 -0.57
C GLU A 89 3.73 13.87 -1.54
N HIS A 90 4.29 13.22 -2.59
CA HIS A 90 5.10 13.87 -3.62
C HIS A 90 6.32 14.58 -2.99
N HIS A 91 7.38 13.80 -2.71
CA HIS A 91 8.67 14.36 -2.23
C HIS A 91 9.62 14.57 -3.43
N MET A 1 -6.53 15.74 -0.16
CA MET A 1 -6.05 14.95 -1.30
C MET A 1 -5.57 13.58 -0.82
N ARG A 2 -6.45 12.58 -1.00
CA ARG A 2 -6.21 11.18 -0.63
C ARG A 2 -6.98 10.27 -1.59
N ILE A 3 -6.37 9.14 -1.97
CA ILE A 3 -6.96 8.11 -2.84
C ILE A 3 -7.20 6.84 -1.99
N LYS A 4 -8.37 6.22 -2.08
CA LYS A 4 -8.66 4.98 -1.35
C LYS A 4 -8.22 3.77 -2.18
N GLY A 5 -7.51 2.85 -1.53
CA GLY A 5 -7.08 1.60 -2.14
C GLY A 5 -7.61 0.40 -1.36
N VAL A 6 -7.55 -0.78 -1.96
CA VAL A 6 -7.98 -2.04 -1.34
C VAL A 6 -6.77 -2.93 -1.07
N VAL A 7 -6.65 -3.40 0.19
CA VAL A 7 -5.64 -4.39 0.61
C VAL A 7 -5.91 -5.72 -0.12
N LEU A 8 -5.23 -5.92 -1.26
CA LEU A 8 -5.40 -7.12 -2.09
C LEU A 8 -4.79 -8.33 -1.39
N SER A 9 -3.52 -8.18 -0.96
CA SER A 9 -2.76 -9.25 -0.28
C SER A 9 -1.59 -8.67 0.52
N TYR A 10 -1.13 -9.42 1.55
CA TYR A 10 0.11 -9.14 2.27
C TYR A 10 1.24 -9.95 1.61
N ARG A 11 2.09 -9.25 0.85
CA ARG A 11 3.24 -9.87 0.18
C ARG A 11 4.41 -9.96 1.17
N ARG A 12 4.79 -11.18 1.56
CA ARG A 12 5.95 -11.41 2.43
C ARG A 12 7.25 -11.21 1.64
N SER A 13 8.28 -10.74 2.33
CA SER A 13 9.58 -10.40 1.74
C SER A 13 10.70 -10.90 2.65
N LYS A 14 11.91 -11.10 2.07
CA LYS A 14 13.10 -11.54 2.82
C LYS A 14 13.70 -10.35 3.60
N GLU A 15 13.04 -10.03 4.70
CA GLU A 15 13.39 -8.92 5.60
C GLU A 15 14.76 -9.17 6.28
N ASN A 16 15.63 -8.15 6.23
CA ASN A 16 16.95 -8.16 6.90
C ASN A 16 16.75 -8.25 8.43
N GLN A 17 15.94 -7.35 8.95
CA GLN A 17 15.55 -7.30 10.37
C GLN A 17 14.03 -7.50 10.47
N HIS A 18 13.26 -6.52 9.95
CA HIS A 18 11.79 -6.62 9.88
C HIS A 18 11.21 -5.64 8.84
N ASN A 19 10.55 -6.21 7.80
CA ASN A 19 9.92 -5.48 6.67
C ASN A 19 8.79 -6.36 6.11
N ASN A 20 7.62 -5.77 5.81
CA ASN A 20 6.52 -6.50 5.14
C ASN A 20 5.87 -5.60 4.06
N VAL A 21 5.53 -6.23 2.93
CA VAL A 21 4.93 -5.57 1.77
C VAL A 21 3.41 -5.83 1.75
N MET A 22 2.65 -4.90 1.19
CA MET A 22 1.22 -5.03 0.95
C MET A 22 0.93 -4.65 -0.51
N ILE A 23 0.34 -5.59 -1.27
CA ILE A 23 -0.15 -5.33 -2.63
C ILE A 23 -1.54 -4.66 -2.51
N ILE A 24 -1.65 -3.44 -3.02
CA ILE A 24 -2.87 -2.60 -2.93
C ILE A 24 -3.32 -2.24 -4.35
N LYS A 25 -4.61 -1.99 -4.55
CA LYS A 25 -5.15 -1.38 -5.78
C LYS A 25 -5.90 -0.09 -5.42
N PRO A 26 -5.38 1.12 -5.79
CA PRO A 26 -6.15 2.37 -5.75
C PRO A 26 -7.40 2.27 -6.65
N LEU A 27 -8.60 2.52 -6.08
CA LEU A 27 -9.88 2.46 -6.82
C LEU A 27 -9.92 3.51 -7.94
N ASP A 28 -9.27 4.66 -7.70
CA ASP A 28 -9.15 5.75 -8.67
C ASP A 28 -8.35 5.32 -9.92
N VAL A 29 -7.46 4.34 -9.72
CA VAL A 29 -6.47 3.92 -10.73
C VAL A 29 -6.80 2.52 -11.29
N ASN A 30 -6.78 2.40 -12.63
CA ASN A 30 -7.02 1.13 -13.36
C ASN A 30 -5.89 0.88 -14.37
N SER A 31 -4.74 1.59 -14.23
CA SER A 31 -3.62 1.52 -15.19
C SER A 31 -2.27 1.63 -14.46
N ARG A 32 -1.22 1.06 -15.09
CA ARG A 32 0.15 0.97 -14.52
C ARG A 32 0.74 2.37 -14.24
N GLU A 33 0.71 3.27 -15.25
CA GLU A 33 1.36 4.60 -15.16
C GLU A 33 0.56 5.56 -14.24
N GLU A 34 -0.76 5.36 -14.21
CA GLU A 34 -1.66 6.08 -13.29
C GLU A 34 -1.38 5.70 -11.82
N ALA A 35 -0.85 4.48 -11.64
CA ALA A 35 -0.38 4.00 -10.32
C ALA A 35 1.09 4.42 -10.09
N SER A 36 1.84 4.53 -11.21
CA SER A 36 3.29 4.77 -11.20
C SER A 36 3.61 6.28 -11.12
N LYS A 37 2.58 7.13 -11.21
CA LYS A 37 2.71 8.56 -10.90
C LYS A 37 2.57 8.76 -9.38
N LEU A 38 1.98 7.75 -8.69
CA LEU A 38 1.74 7.77 -7.23
C LEU A 38 2.95 7.23 -6.45
N ILE A 39 4.07 6.95 -7.16
CA ILE A 39 5.33 6.50 -6.52
C ILE A 39 5.86 7.60 -5.59
N GLY A 40 5.98 7.28 -4.30
CA GLY A 40 6.51 8.19 -3.31
C GLY A 40 5.44 8.78 -2.41
N ARG A 41 4.16 8.46 -2.69
CA ARG A 41 3.04 8.81 -1.80
C ARG A 41 2.98 7.79 -0.66
N LEU A 42 2.49 8.24 0.48
CA LEU A 42 2.38 7.45 1.70
C LEU A 42 1.01 6.75 1.72
N VAL A 43 0.90 5.70 2.50
CA VAL A 43 -0.32 4.92 2.67
C VAL A 43 -0.59 4.80 4.18
N LEU A 44 -1.69 5.40 4.62
CA LEU A 44 -2.12 5.43 6.02
C LEU A 44 -3.19 4.34 6.22
N TRP A 45 -2.82 3.27 6.93
CA TRP A 45 -3.72 2.13 7.18
C TRP A 45 -3.44 1.56 8.59
N LYS A 46 -4.48 1.51 9.43
CA LYS A 46 -4.37 0.94 10.79
C LYS A 46 -4.64 -0.58 10.74
N SER A 47 -3.80 -1.35 11.45
CA SER A 47 -3.93 -2.81 11.59
C SER A 47 -5.12 -3.17 12.51
N PRO A 48 -5.69 -4.42 12.41
CA PRO A 48 -6.63 -4.96 13.42
C PRO A 48 -5.97 -5.19 14.80
N SER A 49 -4.62 -5.06 14.85
CA SER A 49 -3.85 -5.01 16.10
C SER A 49 -4.05 -3.66 16.84
N GLY A 50 -4.47 -2.62 16.09
CA GLY A 50 -4.76 -1.29 16.66
C GLY A 50 -3.71 -0.25 16.33
N LYS A 51 -2.51 -0.71 15.95
CA LYS A 51 -1.37 0.17 15.62
C LYS A 51 -1.47 0.64 14.16
N ILE A 52 -1.25 1.96 13.93
CA ILE A 52 -1.31 2.56 12.58
C ILE A 52 0.00 2.24 11.84
N LEU A 53 -0.13 1.62 10.66
CA LEU A 53 1.01 1.26 9.80
C LEU A 53 1.06 2.26 8.64
N LYS A 54 2.24 2.82 8.37
CA LYS A 54 2.46 3.69 7.20
C LYS A 54 3.39 2.97 6.21
N GLY A 55 3.00 2.96 4.94
CA GLY A 55 3.79 2.33 3.87
C GLY A 55 3.86 3.22 2.66
N LYS A 56 4.93 3.12 1.87
CA LYS A 56 5.12 3.99 0.70
C LYS A 56 5.10 3.18 -0.59
N ILE A 57 4.37 3.71 -1.59
CA ILE A 57 4.32 3.13 -2.94
C ILE A 57 5.70 3.31 -3.60
N VAL A 58 6.53 2.27 -3.52
CA VAL A 58 7.93 2.31 -4.03
C VAL A 58 7.99 1.95 -5.53
N ARG A 59 7.06 1.09 -5.96
CA ARG A 59 6.98 0.58 -7.34
C ARG A 59 5.53 0.18 -7.62
N VAL A 60 5.23 -0.30 -8.84
CA VAL A 60 3.93 -0.90 -9.18
C VAL A 60 4.14 -2.26 -9.84
N HIS A 61 3.07 -3.08 -9.86
CA HIS A 61 3.10 -4.42 -10.48
C HIS A 61 1.73 -4.70 -11.12
N GLY A 62 1.65 -4.60 -12.46
CA GLY A 62 0.40 -4.84 -13.19
C GLY A 62 -0.14 -3.58 -13.85
N THR A 63 -0.77 -3.76 -15.02
CA THR A 63 -1.35 -2.67 -15.82
C THR A 63 -2.83 -2.40 -15.45
N LYS A 64 -3.28 -2.99 -14.33
CA LYS A 64 -4.64 -2.80 -13.78
C LYS A 64 -4.60 -1.91 -12.53
N GLY A 65 -3.48 -1.19 -12.33
CA GLY A 65 -3.35 -0.23 -11.25
C GLY A 65 -3.09 -0.87 -9.89
N ALA A 66 -2.32 -1.97 -9.87
CA ALA A 66 -1.87 -2.59 -8.62
C ALA A 66 -0.52 -1.96 -8.23
N VAL A 67 -0.44 -1.40 -7.02
CA VAL A 67 0.77 -0.75 -6.49
C VAL A 67 1.51 -1.67 -5.49
N ARG A 68 2.81 -1.45 -5.42
CA ARG A 68 3.74 -2.12 -4.51
C ARG A 68 4.04 -1.16 -3.34
N ALA A 69 3.43 -1.43 -2.17
CA ALA A 69 3.58 -0.58 -0.97
C ALA A 69 4.44 -1.28 0.10
N ARG A 70 5.59 -0.68 0.41
CA ARG A 70 6.52 -1.15 1.45
C ARG A 70 6.15 -0.53 2.81
N PHE A 71 5.49 -1.33 3.67
CA PHE A 71 5.08 -0.90 5.02
C PHE A 71 6.24 -1.06 6.02
N GLU A 72 6.39 -0.02 6.88
CA GLU A 72 7.43 0.05 7.92
C GLU A 72 7.31 -1.15 8.90
N LYS A 73 6.10 -1.36 9.44
CA LYS A 73 5.80 -2.43 10.40
C LYS A 73 5.29 -3.64 9.63
N GLY A 74 4.25 -3.39 8.81
CA GLY A 74 3.61 -4.42 8.00
C GLY A 74 3.00 -5.52 8.84
N LEU A 75 2.21 -5.12 9.86
CA LEU A 75 1.47 -6.05 10.72
C LEU A 75 0.35 -6.74 9.91
N PRO A 76 0.49 -8.08 9.67
CA PRO A 76 -0.44 -8.85 8.84
C PRO A 76 -1.67 -9.29 9.65
N GLY A 77 -2.64 -9.88 8.96
CA GLY A 77 -3.86 -10.39 9.60
C GLY A 77 -4.94 -10.68 8.58
N GLN A 78 -6.16 -10.90 9.07
CA GLN A 78 -7.32 -11.08 8.19
C GLN A 78 -8.06 -9.74 8.04
N ALA A 79 -7.37 -8.80 7.37
CA ALA A 79 -7.92 -7.50 6.98
C ALA A 79 -7.88 -7.35 5.44
N LEU A 80 -7.91 -8.50 4.75
CA LEU A 80 -7.89 -8.56 3.28
C LEU A 80 -9.21 -8.01 2.70
N GLY A 81 -9.10 -6.94 1.91
CA GLY A 81 -10.25 -6.26 1.30
C GLY A 81 -10.56 -4.93 1.96
N ASP A 82 -9.78 -4.58 3.02
CA ASP A 82 -9.96 -3.34 3.79
C ASP A 82 -9.42 -2.14 2.98
N TYR A 83 -9.83 -0.92 3.37
CA TYR A 83 -9.49 0.32 2.65
C TYR A 83 -8.31 1.04 3.33
N VAL A 84 -7.33 1.43 2.49
CA VAL A 84 -6.21 2.28 2.88
C VAL A 84 -6.50 3.72 2.41
N GLU A 85 -5.82 4.71 3.02
CA GLU A 85 -5.84 6.10 2.53
C GLU A 85 -4.43 6.46 2.04
N ILE A 86 -4.29 6.54 0.71
CA ILE A 86 -3.04 6.93 0.05
C ILE A 86 -2.97 8.46 0.01
N VAL A 87 -2.06 9.02 0.81
CA VAL A 87 -1.92 10.47 0.99
C VAL A 87 -0.56 10.94 0.42
N LEU A 88 -0.53 12.14 -0.17
CA LEU A 88 0.70 12.79 -0.66
C LEU A 88 1.65 13.02 0.55
N GLU A 89 2.93 12.65 0.39
CA GLU A 89 3.95 12.79 1.44
C GLU A 89 5.25 13.28 0.75
N HIS A 90 5.83 14.36 1.29
CA HIS A 90 6.99 15.04 0.67
C HIS A 90 7.76 15.87 1.73
N HIS A 91 7.55 15.54 3.03
CA HIS A 91 8.18 16.23 4.20
C HIS A 91 7.62 17.68 4.32
N MET A 1 -5.64 15.75 -1.85
CA MET A 1 -6.56 14.58 -1.78
C MET A 1 -5.81 13.32 -1.28
N ARG A 2 -6.58 12.28 -0.92
CA ARG A 2 -6.07 10.93 -0.63
C ARG A 2 -6.87 9.90 -1.46
N ILE A 3 -6.18 8.89 -2.01
CA ILE A 3 -6.81 7.86 -2.86
C ILE A 3 -7.13 6.60 -2.03
N LYS A 4 -8.34 6.06 -2.21
CA LYS A 4 -8.85 4.90 -1.47
C LYS A 4 -8.46 3.62 -2.23
N GLY A 5 -7.72 2.73 -1.57
CA GLY A 5 -7.28 1.45 -2.17
C GLY A 5 -7.79 0.26 -1.40
N VAL A 6 -7.52 -0.96 -1.90
CA VAL A 6 -7.92 -2.22 -1.26
C VAL A 6 -6.68 -3.11 -1.06
N VAL A 7 -6.47 -3.57 0.18
CA VAL A 7 -5.40 -4.51 0.54
C VAL A 7 -5.72 -5.90 -0.06
N LEU A 8 -5.08 -6.20 -1.20
CA LEU A 8 -5.27 -7.47 -1.91
C LEU A 8 -4.60 -8.61 -1.14
N SER A 9 -3.34 -8.37 -0.73
CA SER A 9 -2.52 -9.36 -0.02
C SER A 9 -1.42 -8.66 0.79
N TYR A 10 -0.87 -9.37 1.80
CA TYR A 10 0.36 -8.96 2.50
C TYR A 10 1.53 -9.75 1.92
N ARG A 11 2.74 -9.26 2.10
CA ARG A 11 3.95 -9.96 1.67
C ARG A 11 5.00 -9.84 2.79
N ARG A 12 5.25 -10.93 3.51
CA ARG A 12 6.18 -10.95 4.66
C ARG A 12 7.64 -10.89 4.16
N SER A 13 8.50 -10.25 4.94
CA SER A 13 9.95 -10.16 4.65
C SER A 13 10.70 -11.25 5.44
N LYS A 14 11.85 -11.71 4.89
CA LYS A 14 12.75 -12.67 5.56
C LYS A 14 13.23 -12.12 6.92
N GLU A 15 13.39 -10.80 6.98
CA GLU A 15 13.67 -10.08 8.24
C GLU A 15 12.30 -9.71 8.86
N ASN A 16 12.18 -9.91 10.19
CA ASN A 16 10.91 -9.85 10.97
C ASN A 16 10.13 -8.53 10.74
N GLN A 17 9.41 -8.45 9.60
CA GLN A 17 8.49 -7.35 9.22
C GLN A 17 9.09 -5.94 9.48
N HIS A 18 10.40 -5.83 9.22
CA HIS A 18 11.16 -4.56 9.34
C HIS A 18 10.81 -3.64 8.17
N ASN A 19 10.64 -4.24 6.99
CA ASN A 19 10.19 -3.55 5.78
C ASN A 19 9.55 -4.60 4.87
N ASN A 20 8.38 -5.08 5.28
CA ASN A 20 7.59 -6.04 4.50
C ASN A 20 6.89 -5.30 3.35
N VAL A 21 6.48 -6.03 2.33
CA VAL A 21 5.71 -5.47 1.20
C VAL A 21 4.20 -5.75 1.44
N MET A 22 3.32 -5.04 0.74
CA MET A 22 1.87 -5.21 0.82
C MET A 22 1.29 -4.91 -0.56
N ILE A 23 0.55 -5.88 -1.11
CA ILE A 23 -0.11 -5.74 -2.42
C ILE A 23 -1.46 -5.03 -2.23
N ILE A 24 -1.59 -3.86 -2.88
CA ILE A 24 -2.77 -2.99 -2.78
C ILE A 24 -3.23 -2.63 -4.22
N LYS A 25 -4.51 -2.24 -4.39
CA LYS A 25 -5.00 -1.70 -5.66
C LYS A 25 -6.00 -0.54 -5.38
N PRO A 26 -5.59 0.74 -5.66
CA PRO A 26 -6.50 1.92 -5.62
C PRO A 26 -7.74 1.77 -6.55
N LEU A 27 -8.88 2.29 -6.07
CA LEU A 27 -10.18 2.24 -6.79
C LEU A 27 -10.25 3.33 -7.85
N ASP A 28 -9.69 4.51 -7.50
CA ASP A 28 -9.63 5.69 -8.39
C ASP A 28 -8.68 5.46 -9.58
N VAL A 29 -7.70 4.58 -9.38
CA VAL A 29 -6.65 4.27 -10.37
C VAL A 29 -6.82 2.83 -10.89
N ASN A 30 -7.02 2.70 -12.21
CA ASN A 30 -7.16 1.39 -12.89
C ASN A 30 -6.18 1.30 -14.10
N SER A 31 -5.11 2.13 -14.06
CA SER A 31 -4.09 2.19 -15.13
C SER A 31 -2.68 2.34 -14.51
N ARG A 32 -1.66 1.96 -15.31
CA ARG A 32 -0.26 1.84 -14.83
C ARG A 32 0.37 3.17 -14.42
N GLU A 33 0.25 4.17 -15.30
CA GLU A 33 0.95 5.47 -15.13
C GLU A 33 0.25 6.33 -14.07
N GLU A 34 -1.07 6.17 -13.95
CA GLU A 34 -1.84 6.77 -12.85
C GLU A 34 -1.50 6.12 -11.49
N ALA A 35 -0.94 4.90 -11.54
CA ALA A 35 -0.36 4.21 -10.37
C ALA A 35 1.14 4.55 -10.21
N SER A 36 1.79 4.91 -11.33
CA SER A 36 3.24 5.22 -11.37
C SER A 36 3.51 6.66 -10.90
N LYS A 37 2.45 7.46 -10.78
CA LYS A 37 2.53 8.79 -10.13
C LYS A 37 2.36 8.64 -8.60
N LEU A 38 1.83 7.46 -8.18
CA LEU A 38 1.63 7.14 -6.76
C LEU A 38 2.93 6.63 -6.11
N ILE A 39 3.97 6.39 -6.94
CA ILE A 39 5.32 6.06 -6.46
C ILE A 39 5.85 7.21 -5.57
N GLY A 40 6.36 6.87 -4.38
CA GLY A 40 6.91 7.86 -3.45
C GLY A 40 5.90 8.32 -2.40
N ARG A 41 4.60 8.11 -2.67
CA ARG A 41 3.51 8.56 -1.79
C ARG A 41 3.35 7.62 -0.58
N LEU A 42 2.76 8.16 0.52
CA LEU A 42 2.57 7.43 1.78
C LEU A 42 1.22 6.73 1.77
N VAL A 43 1.19 5.44 2.07
CA VAL A 43 -0.06 4.70 2.26
C VAL A 43 -0.35 4.58 3.76
N LEU A 44 -1.44 5.21 4.22
CA LEU A 44 -1.93 5.08 5.60
C LEU A 44 -2.95 3.94 5.64
N TRP A 45 -2.70 2.94 6.48
CA TRP A 45 -3.61 1.81 6.67
C TRP A 45 -3.73 1.51 8.19
N LYS A 46 -4.96 1.36 8.66
CA LYS A 46 -5.25 1.00 10.06
C LYS A 46 -5.33 -0.53 10.15
N SER A 47 -4.50 -1.11 11.02
CA SER A 47 -4.43 -2.57 11.22
C SER A 47 -5.51 -3.03 12.22
N PRO A 48 -5.89 -4.36 12.23
CA PRO A 48 -6.76 -4.93 13.29
C PRO A 48 -6.05 -4.97 14.66
N SER A 49 -4.71 -4.79 14.65
CA SER A 49 -3.89 -4.66 15.86
C SER A 49 -4.17 -3.33 16.59
N GLY A 50 -4.69 -2.33 15.85
CA GLY A 50 -4.99 -1.00 16.39
C GLY A 50 -3.87 0.00 16.15
N LYS A 51 -3.03 -0.30 15.16
CA LYS A 51 -1.87 0.52 14.80
C LYS A 51 -2.08 1.16 13.42
N ILE A 52 -1.72 2.45 13.32
CA ILE A 52 -1.75 3.17 12.04
C ILE A 52 -0.41 2.92 11.32
N LEU A 53 -0.41 1.89 10.46
CA LEU A 53 0.76 1.47 9.71
C LEU A 53 0.96 2.37 8.49
N LYS A 54 2.20 2.83 8.28
CA LYS A 54 2.55 3.68 7.14
C LYS A 54 3.54 2.94 6.24
N GLY A 55 3.33 3.07 4.93
CA GLY A 55 4.21 2.47 3.91
C GLY A 55 4.42 3.41 2.74
N LYS A 56 5.27 3.01 1.78
CA LYS A 56 5.54 3.85 0.60
C LYS A 56 5.52 2.97 -0.66
N ILE A 57 4.83 3.46 -1.70
CA ILE A 57 4.71 2.75 -2.99
C ILE A 57 6.04 2.83 -3.75
N VAL A 58 6.74 1.70 -3.82
CA VAL A 58 8.08 1.60 -4.43
C VAL A 58 8.01 1.14 -5.90
N ARG A 59 6.89 0.50 -6.27
CA ARG A 59 6.71 -0.10 -7.60
C ARG A 59 5.21 -0.26 -7.90
N VAL A 60 4.87 -0.45 -9.20
CA VAL A 60 3.50 -0.80 -9.65
C VAL A 60 3.47 -2.26 -10.12
N HIS A 61 2.26 -2.78 -10.35
CA HIS A 61 2.06 -4.17 -10.81
C HIS A 61 1.21 -4.15 -12.09
N GLY A 62 1.89 -4.37 -13.24
CA GLY A 62 1.23 -4.42 -14.54
C GLY A 62 0.60 -3.10 -14.95
N THR A 63 -0.58 -3.17 -15.57
CA THR A 63 -1.35 -2.00 -16.03
C THR A 63 -2.68 -1.85 -15.27
N LYS A 64 -2.93 -2.72 -14.28
CA LYS A 64 -4.23 -2.83 -13.59
C LYS A 64 -4.40 -1.75 -12.48
N GLY A 65 -3.37 -0.89 -12.31
CA GLY A 65 -3.39 0.17 -11.28
C GLY A 65 -3.02 -0.35 -9.89
N ALA A 66 -2.70 -1.66 -9.80
CA ALA A 66 -2.29 -2.31 -8.56
C ALA A 66 -0.91 -1.78 -8.12
N VAL A 67 -0.84 -1.20 -6.91
CA VAL A 67 0.39 -0.58 -6.39
C VAL A 67 1.08 -1.51 -5.38
N ARG A 68 2.42 -1.53 -5.44
CA ARG A 68 3.26 -2.32 -4.54
C ARG A 68 3.89 -1.37 -3.49
N ALA A 69 3.37 -1.41 -2.26
CA ALA A 69 3.79 -0.52 -1.16
C ALA A 69 4.51 -1.33 -0.07
N ARG A 70 5.63 -0.80 0.44
CA ARG A 70 6.41 -1.45 1.50
C ARG A 70 6.21 -0.71 2.83
N PHE A 71 5.62 -1.42 3.82
CA PHE A 71 5.29 -0.86 5.13
C PHE A 71 6.43 -1.09 6.13
N GLU A 72 6.62 -0.08 7.01
CA GLU A 72 7.63 -0.10 8.09
C GLU A 72 7.38 -1.27 9.08
N LYS A 73 6.11 -1.64 9.25
CA LYS A 73 5.69 -2.73 10.12
C LYS A 73 4.97 -3.80 9.27
N GLY A 74 3.74 -3.48 8.83
CA GLY A 74 2.91 -4.44 8.10
C GLY A 74 2.50 -5.62 8.97
N LEU A 75 1.83 -5.28 10.08
CA LEU A 75 1.39 -6.25 11.09
C LEU A 75 0.30 -7.18 10.51
N PRO A 76 0.55 -8.53 10.55
CA PRO A 76 -0.28 -9.55 9.85
C PRO A 76 -1.64 -9.82 10.53
N GLY A 77 -2.61 -10.21 9.71
CA GLY A 77 -3.95 -10.56 10.18
C GLY A 77 -4.89 -10.80 9.01
N GLN A 78 -6.11 -11.30 9.28
CA GLN A 78 -7.14 -11.49 8.24
C GLN A 78 -7.96 -10.19 8.06
N ALA A 79 -7.28 -9.17 7.52
CA ALA A 79 -7.88 -7.85 7.22
C ALA A 79 -7.77 -7.54 5.72
N LEU A 80 -7.75 -8.61 4.89
CA LEU A 80 -7.75 -8.48 3.42
C LEU A 80 -9.13 -7.99 2.92
N GLY A 81 -9.11 -7.02 2.00
CA GLY A 81 -10.33 -6.34 1.54
C GLY A 81 -10.54 -5.00 2.25
N ASP A 82 -9.70 -4.71 3.26
CA ASP A 82 -9.74 -3.44 4.02
C ASP A 82 -9.14 -2.32 3.17
N TYR A 83 -9.52 -1.07 3.43
CA TYR A 83 -9.21 0.07 2.57
C TYR A 83 -8.05 0.91 3.13
N VAL A 84 -7.24 1.44 2.22
CA VAL A 84 -6.10 2.35 2.55
C VAL A 84 -6.41 3.77 2.06
N GLU A 85 -5.63 4.76 2.54
CA GLU A 85 -5.67 6.15 2.04
C GLU A 85 -4.25 6.61 1.70
N ILE A 86 -3.99 6.77 0.39
CA ILE A 86 -2.69 7.17 -0.14
C ILE A 86 -2.58 8.71 -0.09
N VAL A 87 -1.68 9.22 0.75
CA VAL A 87 -1.38 10.66 0.87
C VAL A 87 -0.29 11.07 -0.16
N LEU A 88 -0.38 12.31 -0.68
CA LEU A 88 0.57 12.86 -1.69
C LEU A 88 2.02 12.81 -1.17
N GLU A 89 2.20 13.30 0.06
CA GLU A 89 3.52 13.37 0.74
C GLU A 89 3.83 12.03 1.45
N HIS A 90 4.97 11.96 2.15
CA HIS A 90 5.33 10.78 2.96
C HIS A 90 5.93 11.19 4.30
N HIS A 91 7.12 11.79 4.29
CA HIS A 91 7.83 12.21 5.51
C HIS A 91 9.07 13.03 5.08
N MET A 1 -4.92 15.41 -0.46
CA MET A 1 -5.24 14.41 -1.49
C MET A 1 -4.97 12.99 -0.96
N ARG A 2 -6.02 12.35 -0.42
CA ARG A 2 -6.01 10.94 0.01
C ARG A 2 -6.75 10.09 -1.04
N ILE A 3 -6.05 9.07 -1.57
CA ILE A 3 -6.59 8.16 -2.58
C ILE A 3 -7.06 6.87 -1.89
N LYS A 4 -8.27 6.41 -2.20
CA LYS A 4 -8.93 5.30 -1.50
C LYS A 4 -8.53 3.98 -2.20
N GLY A 5 -7.89 3.08 -1.44
CA GLY A 5 -7.41 1.78 -1.97
C GLY A 5 -7.95 0.62 -1.17
N VAL A 6 -7.73 -0.61 -1.67
CA VAL A 6 -8.20 -1.86 -1.04
C VAL A 6 -7.00 -2.82 -0.87
N VAL A 7 -6.98 -3.49 0.30
CA VAL A 7 -5.95 -4.45 0.68
C VAL A 7 -6.13 -5.77 -0.12
N LEU A 8 -5.15 -6.09 -1.00
CA LEU A 8 -5.19 -7.32 -1.80
C LEU A 8 -4.45 -8.47 -1.09
N SER A 9 -3.15 -8.23 -0.73
CA SER A 9 -2.28 -9.28 -0.16
C SER A 9 -1.17 -8.67 0.74
N TYR A 10 -0.70 -9.46 1.73
CA TYR A 10 0.49 -9.15 2.55
C TYR A 10 1.61 -10.15 2.18
N ARG A 11 2.79 -9.63 1.87
CA ARG A 11 4.01 -10.43 1.66
C ARG A 11 5.06 -9.86 2.62
N ARG A 12 5.36 -10.58 3.72
CA ARG A 12 6.32 -10.09 4.73
C ARG A 12 7.76 -10.26 4.20
N SER A 13 8.50 -9.15 4.21
CA SER A 13 9.85 -9.06 3.64
C SER A 13 10.87 -9.77 4.56
N LYS A 14 11.53 -10.80 4.00
CA LYS A 14 12.61 -11.55 4.68
C LYS A 14 13.85 -10.67 4.86
N GLU A 15 14.09 -10.23 6.11
CA GLU A 15 15.19 -9.32 6.47
C GLU A 15 15.41 -9.35 8.00
N ASN A 16 16.57 -8.81 8.45
CA ASN A 16 16.83 -8.59 9.89
C ASN A 16 15.91 -7.49 10.43
N GLN A 17 15.63 -6.48 9.58
CA GLN A 17 14.68 -5.41 9.86
C GLN A 17 13.28 -5.87 9.39
N HIS A 18 12.37 -6.06 10.36
CA HIS A 18 10.97 -6.47 10.11
C HIS A 18 10.28 -5.44 9.18
N ASN A 19 9.83 -5.91 8.03
CA ASN A 19 9.20 -5.06 7.00
C ASN A 19 8.23 -5.93 6.19
N ASN A 20 7.43 -5.32 5.31
CA ASN A 20 6.55 -6.07 4.40
C ASN A 20 6.34 -5.32 3.09
N VAL A 21 6.13 -6.10 2.03
CA VAL A 21 5.52 -5.64 0.80
C VAL A 21 4.00 -5.84 0.97
N MET A 22 3.22 -4.93 0.43
CA MET A 22 1.75 -4.98 0.54
C MET A 22 1.16 -4.63 -0.82
N ILE A 23 0.51 -5.62 -1.43
CA ILE A 23 -0.15 -5.46 -2.73
C ILE A 23 -1.52 -4.79 -2.49
N ILE A 24 -1.69 -3.62 -3.10
CA ILE A 24 -2.89 -2.78 -2.91
C ILE A 24 -3.42 -2.39 -4.30
N LYS A 25 -4.75 -2.30 -4.46
CA LYS A 25 -5.36 -1.69 -5.66
C LYS A 25 -6.15 -0.44 -5.23
N PRO A 26 -5.68 0.79 -5.62
CA PRO A 26 -6.50 2.01 -5.50
C PRO A 26 -7.71 1.94 -6.45
N LEU A 27 -8.91 2.25 -5.91
CA LEU A 27 -10.19 2.21 -6.65
C LEU A 27 -10.21 3.24 -7.80
N ASP A 28 -9.49 4.35 -7.60
CA ASP A 28 -9.33 5.42 -8.61
C ASP A 28 -8.40 4.97 -9.75
N VAL A 29 -7.46 4.08 -9.42
CA VAL A 29 -6.36 3.69 -10.30
C VAL A 29 -6.63 2.29 -10.91
N ASN A 30 -6.93 2.31 -12.21
CA ASN A 30 -7.18 1.10 -13.01
C ASN A 30 -6.23 1.08 -14.24
N SER A 31 -5.16 1.90 -14.17
CA SER A 31 -4.12 2.01 -15.22
C SER A 31 -2.72 2.12 -14.57
N ARG A 32 -1.68 1.73 -15.33
CA ARG A 32 -0.28 1.72 -14.86
C ARG A 32 0.23 3.15 -14.61
N GLU A 33 -0.19 4.10 -15.49
CA GLU A 33 0.22 5.54 -15.41
C GLU A 33 -0.25 6.18 -14.09
N GLU A 34 -1.50 5.90 -13.73
CA GLU A 34 -2.15 6.43 -12.52
C GLU A 34 -1.46 5.87 -11.26
N ALA A 35 -0.95 4.62 -11.36
CA ALA A 35 -0.17 3.96 -10.30
C ALA A 35 1.30 4.47 -10.28
N SER A 36 1.78 4.90 -11.45
CA SER A 36 3.18 5.31 -11.67
C SER A 36 3.47 6.70 -11.07
N LYS A 37 2.43 7.54 -10.95
CA LYS A 37 2.55 8.85 -10.27
C LYS A 37 2.37 8.73 -8.74
N LEU A 38 2.09 7.51 -8.25
CA LEU A 38 1.94 7.23 -6.81
C LEU A 38 3.28 6.82 -6.19
N ILE A 39 4.34 6.71 -7.03
CA ILE A 39 5.69 6.32 -6.57
C ILE A 39 6.26 7.41 -5.65
N GLY A 40 6.51 7.03 -4.40
CA GLY A 40 7.08 7.91 -3.40
C GLY A 40 6.04 8.50 -2.46
N ARG A 41 4.74 8.12 -2.62
CA ARG A 41 3.66 8.63 -1.74
C ARG A 41 3.52 7.75 -0.49
N LEU A 42 2.86 8.33 0.54
CA LEU A 42 2.62 7.68 1.83
C LEU A 42 1.29 6.95 1.75
N VAL A 43 1.22 5.74 2.33
CA VAL A 43 0.00 4.94 2.37
C VAL A 43 -0.28 4.54 3.82
N LEU A 44 -1.47 4.92 4.32
CA LEU A 44 -1.88 4.67 5.70
C LEU A 44 -2.92 3.56 5.73
N TRP A 45 -2.50 2.34 6.11
CA TRP A 45 -3.41 1.22 6.38
C TRP A 45 -3.71 1.16 7.88
N LYS A 46 -4.94 0.79 8.20
CA LYS A 46 -5.43 0.61 9.56
C LYS A 46 -5.50 -0.90 9.84
N SER A 47 -4.48 -1.42 10.54
CA SER A 47 -4.42 -2.82 10.98
C SER A 47 -5.55 -3.14 11.99
N PRO A 48 -6.04 -4.43 12.04
CA PRO A 48 -7.02 -4.88 13.06
C PRO A 48 -6.38 -4.94 14.48
N SER A 49 -5.05 -4.70 14.55
CA SER A 49 -4.31 -4.49 15.81
C SER A 49 -4.66 -3.13 16.45
N GLY A 50 -5.22 -2.21 15.62
CA GLY A 50 -5.55 -0.85 16.04
C GLY A 50 -4.37 0.11 15.86
N LYS A 51 -3.61 -0.11 14.79
CA LYS A 51 -2.43 0.70 14.45
C LYS A 51 -2.56 1.17 13.00
N ILE A 52 -2.33 2.46 12.77
CA ILE A 52 -2.29 3.02 11.42
C ILE A 52 -0.84 2.93 10.93
N LEU A 53 -0.54 1.83 10.23
CA LEU A 53 0.79 1.53 9.70
C LEU A 53 1.08 2.42 8.48
N LYS A 54 2.29 2.95 8.43
CA LYS A 54 2.76 3.81 7.35
C LYS A 54 3.56 2.98 6.35
N GLY A 55 3.33 3.23 5.06
CA GLY A 55 4.03 2.55 3.98
C GLY A 55 4.33 3.49 2.84
N LYS A 56 5.04 2.98 1.81
CA LYS A 56 5.41 3.80 0.65
C LYS A 56 5.45 2.95 -0.61
N ILE A 57 4.77 3.45 -1.66
CA ILE A 57 4.71 2.81 -2.99
C ILE A 57 6.06 2.98 -3.70
N VAL A 58 6.83 1.89 -3.75
CA VAL A 58 8.17 1.89 -4.38
C VAL A 58 8.05 1.66 -5.90
N ARG A 59 7.08 0.81 -6.33
CA ARG A 59 6.88 0.43 -7.74
C ARG A 59 5.40 0.17 -8.04
N VAL A 60 5.13 -0.28 -9.27
CA VAL A 60 3.78 -0.63 -9.77
C VAL A 60 3.68 -2.14 -10.03
N HIS A 61 2.46 -2.60 -10.30
CA HIS A 61 2.18 -3.98 -10.70
C HIS A 61 1.15 -3.96 -11.84
N GLY A 62 1.66 -4.13 -13.08
CA GLY A 62 0.84 -4.21 -14.30
C GLY A 62 0.04 -2.94 -14.62
N THR A 63 -0.83 -3.05 -15.64
CA THR A 63 -1.78 -2.01 -16.06
C THR A 63 -3.14 -2.20 -15.33
N LYS A 64 -3.13 -3.06 -14.31
CA LYS A 64 -4.28 -3.36 -13.44
C LYS A 64 -4.55 -2.19 -12.49
N GLY A 65 -3.47 -1.41 -12.22
CA GLY A 65 -3.54 -0.29 -11.28
C GLY A 65 -3.09 -0.66 -9.88
N ALA A 66 -2.76 -1.94 -9.68
CA ALA A 66 -2.22 -2.44 -8.42
C ALA A 66 -0.83 -1.84 -8.16
N VAL A 67 -0.64 -1.28 -6.96
CA VAL A 67 0.62 -0.66 -6.54
C VAL A 67 1.41 -1.61 -5.61
N ARG A 68 2.74 -1.46 -5.69
CA ARG A 68 3.72 -2.23 -4.90
C ARG A 68 4.17 -1.34 -3.73
N ALA A 69 3.63 -1.61 -2.52
CA ALA A 69 3.88 -0.78 -1.33
C ALA A 69 4.83 -1.51 -0.35
N ARG A 70 5.50 -0.72 0.51
CA ARG A 70 6.43 -1.22 1.54
C ARG A 70 6.10 -0.56 2.90
N PHE A 71 5.37 -1.30 3.75
CA PHE A 71 4.99 -0.82 5.11
C PHE A 71 6.08 -1.21 6.12
N GLU A 72 6.37 -0.25 7.02
CA GLU A 72 7.54 -0.29 7.93
C GLU A 72 7.48 -1.48 8.91
N LYS A 73 6.28 -1.73 9.45
CA LYS A 73 6.08 -2.65 10.59
C LYS A 73 5.88 -4.09 10.11
N GLY A 74 4.91 -4.29 9.21
CA GLY A 74 4.56 -5.64 8.75
C GLY A 74 3.72 -6.41 9.76
N LEU A 75 2.82 -5.69 10.47
CA LEU A 75 1.91 -6.31 11.45
C LEU A 75 0.85 -7.17 10.73
N PRO A 76 0.70 -8.48 11.12
CA PRO A 76 -0.27 -9.39 10.52
C PRO A 76 -1.70 -9.05 10.97
N GLY A 77 -2.67 -9.50 10.18
CA GLY A 77 -4.07 -9.26 10.47
C GLY A 77 -4.90 -9.46 9.22
N GLN A 78 -5.78 -10.48 9.25
CA GLN A 78 -6.66 -10.87 8.13
C GLN A 78 -7.71 -9.77 7.84
N ALA A 79 -7.23 -8.71 7.19
CA ALA A 79 -8.02 -7.52 6.80
C ALA A 79 -7.97 -7.35 5.28
N LEU A 80 -7.81 -8.48 4.55
CA LEU A 80 -7.81 -8.49 3.08
C LEU A 80 -9.21 -8.06 2.58
N GLY A 81 -9.32 -6.80 2.11
CA GLY A 81 -10.61 -6.18 1.76
C GLY A 81 -10.86 -4.86 2.49
N ASP A 82 -9.96 -4.51 3.43
CA ASP A 82 -10.00 -3.23 4.19
C ASP A 82 -9.50 -2.09 3.26
N TYR A 83 -9.62 -0.83 3.71
CA TYR A 83 -9.19 0.33 2.91
C TYR A 83 -7.91 0.95 3.47
N VAL A 84 -7.07 1.42 2.53
CA VAL A 84 -5.87 2.21 2.80
C VAL A 84 -6.08 3.63 2.25
N GLU A 85 -5.24 4.58 2.68
CA GLU A 85 -5.31 5.98 2.21
C GLU A 85 -3.93 6.44 1.71
N ILE A 86 -3.81 6.62 0.40
CA ILE A 86 -2.57 7.08 -0.23
C ILE A 86 -2.52 8.61 -0.11
N VAL A 87 -1.87 9.04 0.96
CA VAL A 87 -1.68 10.44 1.31
C VAL A 87 -0.55 11.05 0.45
N LEU A 88 -0.86 12.19 -0.18
CA LEU A 88 0.10 12.99 -0.94
C LEU A 88 1.17 13.53 0.04
N GLU A 89 2.45 13.49 -0.38
CA GLU A 89 3.62 13.82 0.47
C GLU A 89 3.56 15.26 1.01
N HIS A 90 3.86 15.40 2.32
CA HIS A 90 4.00 16.70 3.00
C HIS A 90 5.50 16.94 3.30
N HIS A 91 6.17 17.64 2.37
CA HIS A 91 7.60 17.97 2.47
C HIS A 91 7.93 19.07 1.43
N MET A 1 -5.62 14.61 -3.42
CA MET A 1 -5.23 14.75 -2.00
C MET A 1 -4.81 13.36 -1.46
N ARG A 2 -5.80 12.44 -1.38
CA ARG A 2 -5.60 11.03 -0.96
C ARG A 2 -6.35 10.10 -1.92
N ILE A 3 -5.87 8.85 -2.04
CA ILE A 3 -6.44 7.84 -2.95
C ILE A 3 -6.87 6.60 -2.14
N LYS A 4 -8.05 6.04 -2.45
CA LYS A 4 -8.59 4.87 -1.73
C LYS A 4 -8.09 3.59 -2.40
N GLY A 5 -7.58 2.63 -1.59
CA GLY A 5 -7.03 1.37 -2.13
C GLY A 5 -7.43 0.17 -1.30
N VAL A 6 -7.81 -0.93 -1.97
CA VAL A 6 -8.24 -2.19 -1.34
C VAL A 6 -7.08 -3.19 -1.29
N VAL A 7 -6.67 -3.56 -0.06
CA VAL A 7 -5.67 -4.59 0.21
C VAL A 7 -6.09 -5.94 -0.39
N LEU A 8 -5.43 -6.33 -1.48
CA LEU A 8 -5.64 -7.63 -2.13
C LEU A 8 -4.96 -8.74 -1.31
N SER A 9 -3.68 -8.52 -0.98
CA SER A 9 -2.82 -9.52 -0.33
C SER A 9 -1.70 -8.83 0.47
N TYR A 10 -0.96 -9.65 1.24
CA TYR A 10 0.24 -9.22 2.00
C TYR A 10 1.43 -10.04 1.50
N ARG A 11 2.48 -9.36 1.02
CA ARG A 11 3.73 -10.02 0.63
C ARG A 11 4.73 -9.79 1.77
N ARG A 12 4.96 -10.82 2.59
CA ARG A 12 5.70 -10.65 3.86
C ARG A 12 7.17 -11.08 3.73
N SER A 13 8.08 -10.09 3.89
CA SER A 13 9.51 -10.34 4.12
C SER A 13 9.66 -10.98 5.52
N LYS A 14 10.47 -12.05 5.60
CA LYS A 14 10.70 -12.81 6.84
C LYS A 14 11.24 -11.89 7.94
N GLU A 15 10.47 -11.74 9.04
CA GLU A 15 10.83 -10.94 10.24
C GLU A 15 11.06 -9.44 9.91
N ASN A 16 10.51 -8.97 8.76
CA ASN A 16 10.60 -7.55 8.30
C ASN A 16 12.07 -7.19 7.90
N GLN A 17 12.85 -8.21 7.41
CA GLN A 17 14.28 -8.07 7.03
C GLN A 17 14.48 -6.99 5.94
N HIS A 18 13.91 -7.24 4.75
CA HIS A 18 13.96 -6.28 3.61
C HIS A 18 12.64 -5.49 3.52
N ASN A 19 11.98 -5.37 4.70
CA ASN A 19 10.73 -4.62 4.94
C ASN A 19 9.50 -5.31 4.31
N ASN A 20 8.39 -5.38 5.10
CA ASN A 20 7.15 -6.05 4.70
C ASN A 20 6.40 -5.23 3.64
N VAL A 21 5.89 -5.97 2.64
CA VAL A 21 5.18 -5.43 1.47
C VAL A 21 3.66 -5.73 1.61
N MET A 22 2.84 -4.92 0.94
CA MET A 22 1.38 -5.10 0.87
C MET A 22 0.93 -4.83 -0.57
N ILE A 23 0.19 -5.80 -1.14
CA ILE A 23 -0.37 -5.70 -2.50
C ILE A 23 -1.75 -5.02 -2.40
N ILE A 24 -1.83 -3.78 -2.91
CA ILE A 24 -3.03 -2.93 -2.82
C ILE A 24 -3.55 -2.64 -4.26
N LYS A 25 -4.87 -2.46 -4.41
CA LYS A 25 -5.49 -2.05 -5.69
C LYS A 25 -6.32 -0.77 -5.43
N PRO A 26 -5.76 0.44 -5.74
CA PRO A 26 -6.50 1.72 -5.67
C PRO A 26 -7.71 1.74 -6.64
N LEU A 27 -8.91 2.03 -6.09
CA LEU A 27 -10.19 1.96 -6.85
C LEU A 27 -10.27 3.00 -7.98
N ASP A 28 -9.84 4.23 -7.68
CA ASP A 28 -9.87 5.37 -8.63
C ASP A 28 -8.60 5.43 -9.53
N VAL A 29 -7.68 4.45 -9.33
CA VAL A 29 -6.48 4.27 -10.17
C VAL A 29 -6.61 2.93 -10.92
N ASN A 30 -6.85 3.01 -12.23
CA ASN A 30 -7.15 1.84 -13.09
C ASN A 30 -6.16 1.71 -14.24
N SER A 31 -5.11 2.55 -14.23
CA SER A 31 -4.02 2.52 -15.22
C SER A 31 -2.67 2.46 -14.47
N ARG A 32 -1.71 1.69 -15.02
CA ARG A 32 -0.33 1.60 -14.51
C ARG A 32 0.35 2.99 -14.44
N GLU A 33 0.03 3.86 -15.43
CA GLU A 33 0.59 5.24 -15.53
C GLU A 33 0.26 6.08 -14.29
N GLU A 34 -1.00 5.96 -13.83
CA GLU A 34 -1.49 6.65 -12.62
C GLU A 34 -0.74 6.11 -11.38
N ALA A 35 -0.58 4.77 -11.33
CA ALA A 35 0.18 4.08 -10.27
C ALA A 35 1.70 4.41 -10.34
N SER A 36 2.17 4.77 -11.55
CA SER A 36 3.59 5.03 -11.85
C SER A 36 4.04 6.35 -11.26
N LYS A 37 3.12 7.33 -11.23
CA LYS A 37 3.37 8.62 -10.55
C LYS A 37 3.02 8.54 -9.05
N LEU A 38 2.49 7.38 -8.58
CA LEU A 38 2.22 7.14 -7.15
C LEU A 38 3.46 6.60 -6.41
N ILE A 39 4.58 6.39 -7.15
CA ILE A 39 5.86 6.03 -6.53
C ILE A 39 6.34 7.21 -5.65
N GLY A 40 6.56 6.94 -4.35
CA GLY A 40 6.99 7.96 -3.40
C GLY A 40 5.86 8.49 -2.53
N ARG A 41 4.62 8.06 -2.80
CA ARG A 41 3.43 8.51 -2.05
C ARG A 41 3.26 7.65 -0.79
N LEU A 42 2.72 8.27 0.27
CA LEU A 42 2.61 7.67 1.61
C LEU A 42 1.27 6.93 1.69
N VAL A 43 1.25 5.76 2.35
CA VAL A 43 0.04 4.92 2.47
C VAL A 43 -0.23 4.62 3.96
N LEU A 44 -1.47 4.93 4.41
CA LEU A 44 -1.89 4.75 5.80
C LEU A 44 -2.93 3.64 5.88
N TRP A 45 -2.53 2.46 6.40
CA TRP A 45 -3.44 1.33 6.63
C TRP A 45 -3.60 1.12 8.15
N LYS A 46 -4.84 0.96 8.57
CA LYS A 46 -5.20 0.65 9.96
C LYS A 46 -5.30 -0.89 10.07
N SER A 47 -4.37 -1.49 10.81
CA SER A 47 -4.39 -2.92 11.14
C SER A 47 -5.58 -3.27 12.09
N PRO A 48 -6.10 -4.54 12.05
CA PRO A 48 -7.06 -5.07 13.07
C PRO A 48 -6.42 -5.09 14.48
N SER A 49 -5.06 -5.03 14.51
CA SER A 49 -4.25 -4.90 15.72
C SER A 49 -4.55 -3.59 16.49
N GLY A 50 -5.13 -2.60 15.78
CA GLY A 50 -5.43 -1.27 16.35
C GLY A 50 -4.28 -0.30 16.17
N LYS A 51 -3.39 -0.60 15.22
CA LYS A 51 -2.25 0.26 14.86
C LYS A 51 -2.51 0.89 13.49
N ILE A 52 -2.02 2.12 13.30
CA ILE A 52 -2.04 2.80 12.00
C ILE A 52 -0.63 2.69 11.40
N LEU A 53 -0.45 1.64 10.58
CA LEU A 53 0.81 1.36 9.90
C LEU A 53 0.95 2.30 8.70
N LYS A 54 2.10 2.95 8.61
CA LYS A 54 2.44 3.84 7.49
C LYS A 54 3.48 3.16 6.59
N GLY A 55 3.38 3.45 5.28
CA GLY A 55 4.21 2.82 4.25
C GLY A 55 4.34 3.70 3.04
N LYS A 56 4.93 3.17 1.97
CA LYS A 56 5.18 3.95 0.75
C LYS A 56 5.20 3.06 -0.49
N ILE A 57 4.52 3.53 -1.56
CA ILE A 57 4.49 2.85 -2.87
C ILE A 57 5.89 2.96 -3.51
N VAL A 58 6.59 1.84 -3.61
CA VAL A 58 7.97 1.78 -4.15
C VAL A 58 8.00 1.09 -5.52
N ARG A 59 6.86 0.50 -5.93
CA ARG A 59 6.78 -0.30 -7.16
C ARG A 59 5.32 -0.38 -7.63
N VAL A 60 5.12 -0.51 -8.97
CA VAL A 60 3.78 -0.73 -9.56
C VAL A 60 3.60 -2.22 -9.86
N HIS A 61 2.34 -2.66 -10.00
CA HIS A 61 2.01 -4.07 -10.28
C HIS A 61 0.78 -4.14 -11.20
N GLY A 62 1.00 -4.46 -12.49
CA GLY A 62 -0.07 -4.60 -13.48
C GLY A 62 -0.57 -3.28 -14.05
N THR A 63 -1.38 -3.38 -15.12
CA THR A 63 -1.96 -2.24 -15.84
C THR A 63 -3.27 -1.74 -15.18
N LYS A 64 -3.80 -2.50 -14.20
CA LYS A 64 -5.05 -2.16 -13.48
C LYS A 64 -4.83 -1.14 -12.35
N GLY A 65 -3.60 -0.60 -12.24
CA GLY A 65 -3.29 0.47 -11.29
C GLY A 65 -2.96 -0.02 -9.90
N ALA A 66 -2.81 -1.36 -9.74
CA ALA A 66 -2.44 -1.97 -8.45
C ALA A 66 -1.01 -1.56 -8.06
N VAL A 67 -0.84 -1.16 -6.79
CA VAL A 67 0.45 -0.65 -6.27
C VAL A 67 1.07 -1.64 -5.26
N ARG A 68 2.40 -1.62 -5.21
CA ARG A 68 3.20 -2.32 -4.20
C ARG A 68 3.70 -1.30 -3.17
N ALA A 69 3.08 -1.31 -1.98
CA ALA A 69 3.43 -0.41 -0.88
C ALA A 69 4.14 -1.18 0.24
N ARG A 70 5.38 -0.80 0.56
CA ARG A 70 6.13 -1.39 1.69
C ARG A 70 5.81 -0.60 2.96
N PHE A 71 5.24 -1.26 3.96
CA PHE A 71 4.92 -0.66 5.26
C PHE A 71 6.10 -0.85 6.23
N GLU A 72 6.62 0.29 6.76
CA GLU A 72 7.85 0.33 7.59
C GLU A 72 7.73 -0.57 8.83
N LYS A 73 6.54 -0.58 9.43
CA LYS A 73 6.21 -1.44 10.56
C LYS A 73 5.96 -2.86 10.08
N GLY A 74 5.03 -2.97 9.12
CA GLY A 74 4.68 -4.24 8.50
C GLY A 74 4.14 -5.28 9.47
N LEU A 75 3.39 -4.79 10.48
CA LEU A 75 2.80 -5.62 11.53
C LEU A 75 1.66 -6.51 10.95
N PRO A 76 1.59 -7.81 11.35
CA PRO A 76 0.63 -8.78 10.78
C PRO A 76 -0.83 -8.46 11.17
N GLY A 77 -1.74 -8.71 10.23
CA GLY A 77 -3.17 -8.50 10.44
C GLY A 77 -3.95 -8.78 9.17
N GLN A 78 -4.63 -9.95 9.12
CA GLN A 78 -5.38 -10.41 7.95
C GLN A 78 -6.68 -9.60 7.80
N ALA A 79 -6.59 -8.51 7.04
CA ALA A 79 -7.71 -7.63 6.69
C ALA A 79 -7.95 -7.68 5.17
N LEU A 80 -7.65 -8.84 4.54
CA LEU A 80 -7.82 -9.08 3.08
C LEU A 80 -9.19 -8.53 2.55
N GLY A 81 -9.11 -7.37 1.85
CA GLY A 81 -10.30 -6.69 1.29
C GLY A 81 -10.57 -5.33 1.91
N ASP A 82 -9.68 -4.86 2.80
CA ASP A 82 -9.85 -3.61 3.59
C ASP A 82 -9.23 -2.41 2.85
N TYR A 83 -9.52 -1.18 3.31
CA TYR A 83 -9.14 0.07 2.62
C TYR A 83 -7.88 0.72 3.23
N VAL A 84 -7.18 1.51 2.39
CA VAL A 84 -5.99 2.31 2.76
C VAL A 84 -6.17 3.75 2.23
N GLU A 85 -5.43 4.69 2.85
CA GLU A 85 -5.41 6.11 2.41
C GLU A 85 -4.01 6.43 1.84
N ILE A 86 -3.91 6.60 0.52
CA ILE A 86 -2.66 6.92 -0.16
C ILE A 86 -2.53 8.45 -0.19
N VAL A 87 -1.84 8.99 0.80
CA VAL A 87 -1.58 10.43 0.92
C VAL A 87 -0.51 10.84 -0.11
N LEU A 88 -0.76 11.95 -0.82
CA LEU A 88 0.19 12.51 -1.79
C LEU A 88 1.48 12.90 -1.05
N GLU A 89 2.63 12.42 -1.55
CA GLU A 89 3.93 12.61 -0.89
C GLU A 89 5.03 12.52 -1.97
N HIS A 90 6.09 13.33 -1.81
CA HIS A 90 7.20 13.40 -2.79
C HIS A 90 8.50 13.83 -2.07
N HIS A 91 9.63 13.17 -2.39
CA HIS A 91 10.94 13.44 -1.75
C HIS A 91 11.79 14.36 -2.66
N MET A 1 -4.92 15.35 0.53
CA MET A 1 -5.41 14.52 -0.59
C MET A 1 -5.08 13.04 -0.33
N ARG A 2 -6.04 12.32 0.27
CA ARG A 2 -5.94 10.86 0.51
C ARG A 2 -6.73 10.11 -0.57
N ILE A 3 -6.12 9.05 -1.12
CA ILE A 3 -6.71 8.19 -2.16
C ILE A 3 -6.98 6.81 -1.54
N LYS A 4 -8.24 6.33 -1.60
CA LYS A 4 -8.62 5.08 -0.90
C LYS A 4 -8.37 3.85 -1.79
N GLY A 5 -7.63 2.88 -1.24
CA GLY A 5 -7.27 1.65 -1.95
C GLY A 5 -7.72 0.42 -1.21
N VAL A 6 -7.81 -0.71 -1.92
CA VAL A 6 -8.24 -1.99 -1.36
C VAL A 6 -7.02 -2.85 -1.07
N VAL A 7 -6.95 -3.39 0.17
CA VAL A 7 -5.88 -4.30 0.61
C VAL A 7 -6.00 -5.63 -0.17
N LEU A 8 -5.17 -5.82 -1.21
CA LEU A 8 -5.18 -7.07 -1.99
C LEU A 8 -4.50 -8.19 -1.19
N SER A 9 -3.22 -7.97 -0.83
CA SER A 9 -2.41 -8.96 -0.10
C SER A 9 -1.14 -8.33 0.47
N TYR A 10 -0.53 -9.04 1.44
CA TYR A 10 0.79 -8.73 2.01
C TYR A 10 1.76 -9.89 1.68
N ARG A 11 3.03 -9.57 1.46
CA ARG A 11 4.11 -10.57 1.27
C ARG A 11 5.33 -10.09 2.08
N ARG A 12 5.60 -10.75 3.21
CA ARG A 12 6.74 -10.40 4.08
C ARG A 12 8.05 -10.89 3.44
N SER A 13 9.09 -10.04 3.46
CA SER A 13 10.39 -10.36 2.85
C SER A 13 11.20 -11.32 3.74
N LYS A 14 11.96 -12.21 3.08
CA LYS A 14 12.91 -13.12 3.74
C LYS A 14 14.14 -12.33 4.23
N GLU A 15 14.41 -11.21 3.56
CA GLU A 15 15.49 -10.27 3.91
C GLU A 15 15.14 -9.57 5.23
N ASN A 16 14.00 -8.86 5.21
CA ASN A 16 13.48 -8.10 6.36
C ASN A 16 12.00 -8.48 6.59
N GLN A 17 11.71 -9.09 7.76
CA GLN A 17 10.35 -9.49 8.17
C GLN A 17 9.38 -8.30 8.15
N HIS A 18 9.86 -7.17 8.69
CA HIS A 18 9.07 -5.94 8.85
C HIS A 18 8.87 -5.21 7.52
N ASN A 19 9.82 -5.37 6.59
CA ASN A 19 9.73 -4.77 5.24
C ASN A 19 8.86 -5.68 4.37
N ASN A 20 7.54 -5.47 4.49
CA ASN A 20 6.51 -6.29 3.85
C ASN A 20 6.05 -5.60 2.56
N VAL A 21 6.07 -6.33 1.44
CA VAL A 21 5.58 -5.83 0.15
C VAL A 21 4.08 -6.13 0.06
N MET A 22 3.30 -5.07 0.22
CA MET A 22 1.84 -5.09 0.11
C MET A 22 1.44 -4.59 -1.27
N ILE A 23 0.48 -5.26 -1.90
CA ILE A 23 -0.09 -4.83 -3.17
C ILE A 23 -1.49 -4.24 -2.91
N ILE A 24 -1.75 -3.05 -3.45
CA ILE A 24 -2.98 -2.27 -3.20
C ILE A 24 -3.66 -1.94 -4.54
N LYS A 25 -5.00 -1.81 -4.54
CA LYS A 25 -5.76 -1.32 -5.70
C LYS A 25 -6.55 -0.05 -5.33
N PRO A 26 -6.03 1.17 -5.66
CA PRO A 26 -6.81 2.42 -5.53
C PRO A 26 -8.03 2.39 -6.48
N LEU A 27 -9.21 2.80 -5.99
CA LEU A 27 -10.45 2.87 -6.82
C LEU A 27 -10.27 3.83 -8.02
N ASP A 28 -9.44 4.85 -7.78
CA ASP A 28 -9.12 5.92 -8.74
C ASP A 28 -8.19 5.42 -9.87
N VAL A 29 -7.40 4.39 -9.57
CA VAL A 29 -6.31 3.89 -10.45
C VAL A 29 -6.60 2.46 -10.91
N ASN A 30 -6.69 2.26 -12.24
CA ASN A 30 -6.88 0.92 -12.85
C ASN A 30 -5.94 0.72 -14.06
N SER A 31 -4.91 1.58 -14.20
CA SER A 31 -3.86 1.47 -15.24
C SER A 31 -2.48 1.77 -14.63
N ARG A 32 -1.44 1.15 -15.22
CA ARG A 32 -0.04 1.27 -14.76
C ARG A 32 0.46 2.72 -14.81
N GLU A 33 0.06 3.47 -15.86
CA GLU A 33 0.44 4.90 -16.01
C GLU A 33 -0.13 5.76 -14.87
N GLU A 34 -1.37 5.45 -14.48
CA GLU A 34 -2.06 6.14 -13.37
C GLU A 34 -1.33 5.86 -12.03
N ALA A 35 -0.80 4.63 -11.90
CA ALA A 35 -0.03 4.19 -10.73
C ALA A 35 1.42 4.74 -10.78
N SER A 36 1.94 4.93 -12.02
CA SER A 36 3.35 5.32 -12.28
C SER A 36 3.60 6.79 -11.92
N LYS A 37 2.55 7.63 -12.08
CA LYS A 37 2.63 9.06 -11.67
C LYS A 37 2.43 9.21 -10.14
N LEU A 38 1.99 8.12 -9.50
CA LEU A 38 1.64 8.08 -8.07
C LEU A 38 2.67 7.27 -7.26
N ILE A 39 3.90 7.16 -7.79
CA ILE A 39 5.02 6.52 -7.08
C ILE A 39 5.55 7.48 -6.01
N GLY A 40 5.80 6.96 -4.81
CA GLY A 40 6.39 7.71 -3.70
C GLY A 40 5.38 8.06 -2.62
N ARG A 41 4.07 7.82 -2.89
CA ARG A 41 2.97 8.16 -1.96
C ARG A 41 3.09 7.39 -0.62
N LEU A 42 2.61 8.04 0.46
CA LEU A 42 2.58 7.48 1.82
C LEU A 42 1.25 6.76 2.06
N VAL A 43 1.30 5.46 2.36
CA VAL A 43 0.10 4.66 2.66
C VAL A 43 -0.05 4.50 4.19
N LEU A 44 -1.30 4.64 4.67
CA LEU A 44 -1.68 4.47 6.07
C LEU A 44 -2.91 3.55 6.12
N TRP A 45 -2.80 2.40 6.81
CA TRP A 45 -3.93 1.46 6.98
C TRP A 45 -4.08 1.10 8.45
N LYS A 46 -5.28 1.24 8.99
CA LYS A 46 -5.57 0.89 10.40
C LYS A 46 -5.86 -0.62 10.50
N SER A 47 -4.94 -1.35 11.11
CA SER A 47 -5.08 -2.78 11.40
C SER A 47 -6.03 -2.99 12.62
N PRO A 48 -6.74 -4.17 12.75
CA PRO A 48 -7.66 -4.44 13.89
C PRO A 48 -6.99 -4.50 15.28
N SER A 49 -5.64 -4.47 15.31
CA SER A 49 -4.86 -4.32 16.56
C SER A 49 -4.99 -2.89 17.14
N GLY A 50 -5.48 -1.96 16.30
CA GLY A 50 -5.59 -0.54 16.62
C GLY A 50 -4.43 0.27 16.06
N LYS A 51 -3.39 -0.41 15.55
CA LYS A 51 -2.17 0.21 15.04
C LYS A 51 -2.31 0.53 13.55
N ILE A 52 -1.94 1.76 13.17
CA ILE A 52 -1.90 2.19 11.78
C ILE A 52 -0.58 1.74 11.15
N LEU A 53 -0.68 0.71 10.29
CA LEU A 53 0.46 0.20 9.52
C LEU A 53 0.79 1.20 8.40
N LYS A 54 2.00 1.76 8.44
CA LYS A 54 2.43 2.77 7.47
C LYS A 54 3.50 2.18 6.54
N GLY A 55 3.48 2.65 5.29
CA GLY A 55 4.41 2.21 4.25
C GLY A 55 4.47 3.22 3.12
N LYS A 56 5.13 2.86 2.03
CA LYS A 56 5.33 3.77 0.88
C LYS A 56 5.34 3.00 -0.44
N ILE A 57 4.60 3.54 -1.43
CA ILE A 57 4.55 3.02 -2.80
C ILE A 57 5.91 3.22 -3.47
N VAL A 58 6.65 2.13 -3.64
CA VAL A 58 7.99 2.14 -4.22
C VAL A 58 7.97 1.93 -5.74
N ARG A 59 6.98 1.16 -6.23
CA ARG A 59 6.90 0.75 -7.64
C ARG A 59 5.42 0.43 -7.98
N VAL A 60 5.16 0.11 -9.26
CA VAL A 60 3.86 -0.41 -9.71
C VAL A 60 3.90 -1.95 -9.67
N HIS A 61 2.74 -2.56 -9.86
CA HIS A 61 2.58 -4.02 -9.90
C HIS A 61 1.65 -4.37 -11.08
N GLY A 62 2.24 -4.85 -12.18
CA GLY A 62 1.51 -5.17 -13.40
C GLY A 62 1.02 -3.94 -14.17
N THR A 63 -0.12 -4.08 -14.85
CA THR A 63 -0.65 -3.06 -15.79
C THR A 63 -2.02 -2.52 -15.34
N LYS A 64 -2.71 -3.24 -14.44
CA LYS A 64 -4.09 -2.93 -14.02
C LYS A 64 -4.12 -1.99 -12.78
N GLY A 65 -3.05 -1.20 -12.60
CA GLY A 65 -3.04 -0.09 -11.65
C GLY A 65 -2.87 -0.49 -10.19
N ALA A 66 -2.39 -1.72 -9.97
CA ALA A 66 -2.02 -2.15 -8.63
C ALA A 66 -0.68 -1.50 -8.25
N VAL A 67 -0.63 -0.89 -7.06
CA VAL A 67 0.57 -0.19 -6.57
C VAL A 67 1.31 -1.07 -5.55
N ARG A 68 2.64 -1.07 -5.64
CA ARG A 68 3.53 -1.88 -4.80
C ARG A 68 4.08 -1.01 -3.67
N ALA A 69 3.57 -1.21 -2.45
CA ALA A 69 3.94 -0.42 -1.28
C ALA A 69 4.67 -1.29 -0.25
N ARG A 70 5.91 -0.90 0.11
CA ARG A 70 6.68 -1.59 1.16
C ARG A 70 6.36 -0.94 2.52
N PHE A 71 5.70 -1.70 3.39
CA PHE A 71 5.39 -1.31 4.76
C PHE A 71 6.61 -1.55 5.67
N GLU A 72 6.89 -0.56 6.53
CA GLU A 72 8.01 -0.63 7.50
C GLU A 72 7.62 -1.44 8.74
N LYS A 73 6.30 -1.49 9.01
CA LYS A 73 5.73 -2.18 10.17
C LYS A 73 5.71 -3.69 9.91
N GLY A 74 5.08 -4.07 8.79
CA GLY A 74 4.95 -5.48 8.38
C GLY A 74 4.20 -6.35 9.38
N LEU A 75 3.32 -5.72 10.17
CA LEU A 75 2.54 -6.38 11.23
C LEU A 75 1.36 -7.16 10.63
N PRO A 76 0.80 -8.18 11.38
CA PRO A 76 -0.41 -8.93 10.94
C PRO A 76 -1.63 -8.02 10.67
N GLY A 77 -2.50 -8.46 9.75
CA GLY A 77 -3.70 -7.71 9.36
C GLY A 77 -4.98 -8.52 9.59
N GLN A 78 -5.20 -9.55 8.75
CA GLN A 78 -6.43 -10.43 8.71
C GLN A 78 -7.64 -9.72 8.06
N ALA A 79 -7.81 -8.42 8.35
CA ALA A 79 -8.91 -7.59 7.81
C ALA A 79 -8.66 -7.17 6.33
N LEU A 80 -7.95 -8.02 5.56
CA LEU A 80 -7.59 -7.76 4.15
C LEU A 80 -8.85 -7.56 3.28
N GLY A 81 -8.74 -6.75 2.23
CA GLY A 81 -9.90 -6.29 1.47
C GLY A 81 -10.53 -5.01 2.03
N ASP A 82 -9.90 -4.44 3.08
CA ASP A 82 -10.34 -3.18 3.72
C ASP A 82 -9.74 -1.97 2.97
N TYR A 83 -10.20 -0.75 3.31
CA TYR A 83 -9.72 0.47 2.64
C TYR A 83 -8.54 1.11 3.40
N VAL A 84 -7.52 1.48 2.61
CA VAL A 84 -6.34 2.22 3.07
C VAL A 84 -6.50 3.70 2.68
N GLU A 85 -5.76 4.57 3.36
CA GLU A 85 -5.65 5.99 3.03
C GLU A 85 -4.26 6.25 2.48
N ILE A 86 -4.15 6.51 1.17
CA ILE A 86 -2.88 6.80 0.53
C ILE A 86 -2.72 8.32 0.43
N VAL A 87 -2.03 8.89 1.41
CA VAL A 87 -1.80 10.33 1.51
C VAL A 87 -0.74 10.75 0.46
N LEU A 88 -1.00 11.88 -0.22
CA LEU A 88 -0.09 12.43 -1.22
C LEU A 88 1.22 12.88 -0.51
N GLU A 89 2.23 11.99 -0.55
CA GLU A 89 3.55 12.23 0.04
C GLU A 89 4.27 13.37 -0.70
N HIS A 90 4.99 14.19 0.07
CA HIS A 90 5.64 15.43 -0.39
C HIS A 90 4.59 16.41 -0.91
N HIS A 91 3.74 16.90 0.02
CA HIS A 91 2.75 17.93 -0.27
C HIS A 91 3.45 19.28 -0.55
N MET A 1 -5.53 15.68 -1.74
CA MET A 1 -5.25 14.48 -2.54
C MET A 1 -4.96 13.29 -1.61
N ARG A 2 -6.03 12.55 -1.27
CA ARG A 2 -5.98 11.30 -0.51
C ARG A 2 -6.88 10.28 -1.24
N ILE A 3 -6.27 9.18 -1.69
CA ILE A 3 -6.94 8.11 -2.44
C ILE A 3 -7.28 6.95 -1.47
N LYS A 4 -8.28 6.15 -1.82
CA LYS A 4 -8.64 4.92 -1.08
C LYS A 4 -8.39 3.71 -1.98
N GLY A 5 -7.87 2.62 -1.38
CA GLY A 5 -7.52 1.41 -2.12
C GLY A 5 -7.90 0.17 -1.36
N VAL A 6 -7.94 -0.99 -2.03
CA VAL A 6 -8.28 -2.27 -1.42
C VAL A 6 -7.00 -3.06 -1.10
N VAL A 7 -6.92 -3.58 0.14
CA VAL A 7 -5.84 -4.47 0.60
C VAL A 7 -5.94 -5.80 -0.17
N LEU A 8 -5.21 -5.91 -1.29
CA LEU A 8 -5.28 -7.10 -2.16
C LEU A 8 -4.67 -8.32 -1.44
N SER A 9 -3.40 -8.20 -1.07
CA SER A 9 -2.63 -9.31 -0.49
C SER A 9 -1.49 -8.78 0.39
N TYR A 10 -1.05 -9.61 1.36
CA TYR A 10 0.20 -9.38 2.12
C TYR A 10 1.33 -10.17 1.45
N ARG A 11 2.50 -9.55 1.35
CA ARG A 11 3.73 -10.20 0.88
C ARG A 11 4.85 -9.92 1.89
N ARG A 12 5.25 -10.94 2.66
CA ARG A 12 6.31 -10.79 3.66
C ARG A 12 7.68 -10.78 2.97
N SER A 13 8.57 -9.88 3.44
CA SER A 13 9.90 -9.70 2.87
C SER A 13 10.88 -10.70 3.52
N LYS A 14 11.67 -11.39 2.66
CA LYS A 14 12.59 -12.46 3.07
C LYS A 14 13.74 -11.95 3.96
N GLU A 15 14.14 -10.69 3.76
CA GLU A 15 15.16 -10.01 4.57
C GLU A 15 14.47 -9.13 5.63
N ASN A 16 13.71 -8.12 5.15
CA ASN A 16 13.04 -7.14 6.02
C ASN A 16 11.81 -7.78 6.69
N GLN A 17 12.02 -8.40 7.87
CA GLN A 17 10.99 -9.15 8.61
C GLN A 17 9.81 -8.25 9.05
N HIS A 18 10.06 -6.93 9.18
CA HIS A 18 9.03 -5.95 9.59
C HIS A 18 8.66 -5.03 8.42
N ASN A 19 9.64 -4.58 7.63
CA ASN A 19 9.36 -3.76 6.43
C ASN A 19 8.90 -4.70 5.28
N ASN A 20 7.67 -5.21 5.44
CA ASN A 20 7.07 -6.18 4.52
C ASN A 20 6.33 -5.42 3.41
N VAL A 21 6.11 -6.12 2.30
CA VAL A 21 5.40 -5.59 1.14
C VAL A 21 3.89 -5.84 1.32
N MET A 22 3.07 -4.92 0.83
CA MET A 22 1.61 -5.01 0.93
C MET A 22 1.02 -4.63 -0.43
N ILE A 23 0.44 -5.63 -1.10
CA ILE A 23 -0.14 -5.48 -2.43
C ILE A 23 -1.52 -4.82 -2.28
N ILE A 24 -1.66 -3.65 -2.91
CA ILE A 24 -2.87 -2.81 -2.82
C ILE A 24 -3.26 -2.41 -4.26
N LYS A 25 -4.55 -2.13 -4.51
CA LYS A 25 -4.99 -1.43 -5.73
C LYS A 25 -5.86 -0.24 -5.33
N PRO A 26 -5.49 1.02 -5.73
CA PRO A 26 -6.34 2.21 -5.51
C PRO A 26 -7.58 2.16 -6.42
N LEU A 27 -8.73 2.57 -5.88
CA LEU A 27 -10.02 2.60 -6.63
C LEU A 27 -10.02 3.67 -7.72
N ASP A 28 -9.27 4.75 -7.46
CA ASP A 28 -9.07 5.88 -8.40
C ASP A 28 -8.15 5.47 -9.57
N VAL A 29 -7.33 4.43 -9.35
CA VAL A 29 -6.30 3.97 -10.29
C VAL A 29 -6.69 2.62 -10.90
N ASN A 30 -6.74 2.56 -12.24
CA ASN A 30 -6.98 1.32 -13.01
C ASN A 30 -6.00 1.21 -14.19
N SER A 31 -4.98 2.09 -14.21
CA SER A 31 -3.94 2.11 -15.26
C SER A 31 -2.53 2.14 -14.65
N ARG A 32 -1.54 1.85 -15.51
CA ARG A 32 -0.12 1.75 -15.14
C ARG A 32 0.46 3.12 -14.77
N GLU A 33 0.12 4.15 -15.58
CA GLU A 33 0.60 5.53 -15.39
C GLU A 33 -0.04 6.17 -14.15
N GLU A 34 -1.30 5.77 -13.86
CA GLU A 34 -2.04 6.22 -12.67
C GLU A 34 -1.40 5.64 -11.39
N ALA A 35 -0.82 4.43 -11.51
CA ALA A 35 -0.08 3.76 -10.42
C ALA A 35 1.36 4.31 -10.31
N SER A 36 1.92 4.71 -11.48
CA SER A 36 3.33 5.15 -11.59
C SER A 36 3.52 6.58 -11.03
N LYS A 37 2.42 7.36 -10.99
CA LYS A 37 2.44 8.71 -10.37
C LYS A 37 2.32 8.61 -8.84
N LEU A 38 1.93 7.42 -8.34
CA LEU A 38 1.81 7.16 -6.90
C LEU A 38 3.11 6.63 -6.28
N ILE A 39 4.20 6.55 -7.08
CA ILE A 39 5.54 6.25 -6.56
C ILE A 39 6.00 7.40 -5.64
N GLY A 40 6.36 7.07 -4.39
CA GLY A 40 6.78 8.07 -3.39
C GLY A 40 5.62 8.59 -2.53
N ARG A 41 4.44 7.94 -2.63
CA ARG A 41 3.23 8.30 -1.84
C ARG A 41 3.20 7.53 -0.52
N LEU A 42 2.65 8.16 0.52
CA LEU A 42 2.55 7.60 1.87
C LEU A 42 1.18 6.92 2.03
N VAL A 43 1.17 5.60 2.21
CA VAL A 43 -0.06 4.83 2.41
C VAL A 43 -0.25 4.55 3.93
N LEU A 44 -1.38 5.03 4.45
CA LEU A 44 -1.78 4.86 5.86
C LEU A 44 -2.91 3.82 5.95
N TRP A 45 -2.74 2.81 6.80
CA TRP A 45 -3.77 1.80 7.04
C TRP A 45 -3.69 1.33 8.50
N LYS A 46 -4.78 1.53 9.24
CA LYS A 46 -4.87 1.14 10.65
C LYS A 46 -5.22 -0.35 10.73
N SER A 47 -4.27 -1.16 11.21
CA SER A 47 -4.47 -2.58 11.52
C SER A 47 -5.49 -2.76 12.68
N PRO A 48 -6.20 -3.95 12.77
CA PRO A 48 -7.07 -4.28 13.94
C PRO A 48 -6.27 -4.42 15.26
N SER A 49 -4.92 -4.42 15.15
CA SER A 49 -4.01 -4.40 16.29
C SER A 49 -3.96 -2.98 16.95
N GLY A 50 -4.57 -1.98 16.26
CA GLY A 50 -4.66 -0.59 16.75
C GLY A 50 -3.59 0.32 16.16
N LYS A 51 -2.59 -0.27 15.50
CA LYS A 51 -1.45 0.47 14.92
C LYS A 51 -1.84 1.01 13.54
N ILE A 52 -1.66 2.33 13.33
CA ILE A 52 -1.76 2.94 12.00
C ILE A 52 -0.44 2.66 11.27
N LEU A 53 -0.47 1.61 10.44
CA LEU A 53 0.71 1.15 9.70
C LEU A 53 0.98 2.13 8.54
N LYS A 54 2.21 2.63 8.48
CA LYS A 54 2.65 3.58 7.46
C LYS A 54 3.56 2.85 6.46
N GLY A 55 3.39 3.17 5.18
CA GLY A 55 4.17 2.55 4.09
C GLY A 55 4.31 3.47 2.90
N LYS A 56 5.00 2.99 1.86
CA LYS A 56 5.28 3.81 0.67
C LYS A 56 5.36 2.94 -0.59
N ILE A 57 4.75 3.45 -1.66
CA ILE A 57 4.69 2.79 -2.98
C ILE A 57 6.06 2.91 -3.66
N VAL A 58 6.82 1.80 -3.64
CA VAL A 58 8.18 1.72 -4.20
C VAL A 58 8.16 1.24 -5.67
N ARG A 59 7.04 0.62 -6.09
CA ARG A 59 6.90 0.03 -7.44
C ARG A 59 5.40 -0.14 -7.78
N VAL A 60 5.10 -0.29 -9.08
CA VAL A 60 3.75 -0.64 -9.57
C VAL A 60 3.64 -2.16 -9.77
N HIS A 61 2.43 -2.65 -10.04
CA HIS A 61 2.18 -4.06 -10.40
C HIS A 61 1.35 -4.09 -11.69
N GLY A 62 2.04 -4.39 -12.81
CA GLY A 62 1.42 -4.53 -14.12
C GLY A 62 0.74 -3.27 -14.64
N THR A 63 -0.30 -3.47 -15.45
CA THR A 63 -1.14 -2.40 -16.01
C THR A 63 -2.54 -2.40 -15.37
N LYS A 64 -2.73 -3.25 -14.32
CA LYS A 64 -4.00 -3.35 -13.58
C LYS A 64 -4.28 -2.06 -12.80
N GLY A 65 -3.20 -1.36 -12.42
CA GLY A 65 -3.28 -0.19 -11.56
C GLY A 65 -3.00 -0.54 -10.10
N ALA A 66 -2.67 -1.81 -9.85
CA ALA A 66 -2.26 -2.29 -8.52
C ALA A 66 -0.90 -1.68 -8.15
N VAL A 67 -0.80 -1.09 -6.96
CA VAL A 67 0.44 -0.50 -6.43
C VAL A 67 1.11 -1.45 -5.41
N ARG A 68 2.42 -1.31 -5.27
CA ARG A 68 3.23 -2.08 -4.33
C ARG A 68 3.76 -1.14 -3.24
N ALA A 69 3.14 -1.20 -2.06
CA ALA A 69 3.48 -0.35 -0.91
C ALA A 69 4.12 -1.19 0.20
N ARG A 70 5.40 -0.93 0.53
CA ARG A 70 6.09 -1.63 1.62
C ARG A 70 5.87 -0.85 2.93
N PHE A 71 5.22 -1.48 3.90
CA PHE A 71 4.93 -0.88 5.21
C PHE A 71 6.06 -1.21 6.19
N GLU A 72 6.59 -0.15 6.84
CA GLU A 72 7.74 -0.22 7.77
C GLU A 72 7.49 -1.17 8.95
N LYS A 73 6.21 -1.26 9.39
CA LYS A 73 5.79 -2.17 10.47
C LYS A 73 5.36 -3.52 9.86
N GLY A 74 4.68 -3.43 8.68
CA GLY A 74 4.28 -4.59 7.89
C GLY A 74 3.52 -5.66 8.66
N LEU A 75 2.71 -5.20 9.62
CA LEU A 75 1.98 -6.09 10.55
C LEU A 75 0.77 -6.74 9.83
N PRO A 76 0.59 -8.08 9.99
CA PRO A 76 -0.56 -8.77 9.40
C PRO A 76 -1.86 -8.43 10.18
N GLY A 77 -2.82 -7.83 9.46
CA GLY A 77 -4.13 -7.52 10.02
C GLY A 77 -5.18 -8.54 9.64
N GLN A 78 -4.84 -9.37 8.61
CA GLN A 78 -5.70 -10.46 8.08
C GLN A 78 -6.97 -9.89 7.37
N ALA A 79 -6.93 -8.57 7.13
CA ALA A 79 -8.08 -7.77 6.69
C ALA A 79 -8.08 -7.55 5.16
N LEU A 80 -7.57 -8.56 4.40
CA LEU A 80 -7.58 -8.55 2.91
C LEU A 80 -9.01 -8.26 2.36
N GLY A 81 -9.20 -7.05 1.80
CA GLY A 81 -10.52 -6.59 1.31
C GLY A 81 -10.93 -5.25 1.92
N ASP A 82 -10.22 -4.84 3.00
CA ASP A 82 -10.44 -3.55 3.69
C ASP A 82 -9.80 -2.39 2.88
N TYR A 83 -10.03 -1.14 3.30
CA TYR A 83 -9.64 0.06 2.54
C TYR A 83 -8.47 0.80 3.22
N VAL A 84 -7.43 1.09 2.44
CA VAL A 84 -6.26 1.89 2.85
C VAL A 84 -6.45 3.34 2.37
N GLU A 85 -5.61 4.26 2.87
CA GLU A 85 -5.61 5.67 2.43
C GLU A 85 -4.22 5.99 1.86
N ILE A 86 -4.14 6.12 0.53
CA ILE A 86 -2.92 6.50 -0.18
C ILE A 86 -2.86 8.02 -0.28
N VAL A 87 -2.22 8.63 0.71
CA VAL A 87 -2.06 10.08 0.78
C VAL A 87 -0.95 10.50 -0.19
N LEU A 88 -1.29 11.43 -1.11
CA LEU A 88 -0.33 12.06 -2.01
C LEU A 88 0.66 12.84 -1.13
N GLU A 89 1.81 12.20 -0.87
CA GLU A 89 2.86 12.77 -0.02
C GLU A 89 3.45 14.02 -0.70
N HIS A 90 2.97 15.19 -0.26
CA HIS A 90 3.36 16.50 -0.79
C HIS A 90 3.39 17.50 0.38
N HIS A 91 4.61 17.90 0.79
CA HIS A 91 4.82 18.83 1.91
C HIS A 91 4.34 20.26 1.51
N MET A 1 -8.07 15.50 1.44
CA MET A 1 -7.64 14.97 0.13
C MET A 1 -6.71 13.74 0.32
N ARG A 2 -7.31 12.54 0.19
CA ARG A 2 -6.57 11.24 0.25
C ARG A 2 -7.03 10.35 -0.91
N ILE A 3 -6.31 9.23 -1.09
CA ILE A 3 -6.63 8.19 -2.07
C ILE A 3 -6.94 6.89 -1.30
N LYS A 4 -8.12 6.28 -1.52
CA LYS A 4 -8.49 5.01 -0.84
C LYS A 4 -8.00 3.83 -1.67
N GLY A 5 -7.50 2.79 -1.00
CA GLY A 5 -7.00 1.60 -1.68
C GLY A 5 -7.36 0.33 -0.93
N VAL A 6 -7.80 -0.69 -1.66
CA VAL A 6 -8.24 -1.96 -1.09
C VAL A 6 -7.04 -2.93 -1.04
N VAL A 7 -6.67 -3.31 0.19
CA VAL A 7 -5.62 -4.29 0.48
C VAL A 7 -5.91 -5.62 -0.25
N LEU A 8 -5.18 -5.87 -1.35
CA LEU A 8 -5.34 -7.08 -2.16
C LEU A 8 -4.72 -8.29 -1.46
N SER A 9 -3.41 -8.16 -1.14
CA SER A 9 -2.63 -9.22 -0.49
C SER A 9 -1.33 -8.65 0.09
N TYR A 10 -0.69 -9.41 0.98
CA TYR A 10 0.68 -9.14 1.44
C TYR A 10 1.67 -9.88 0.54
N ARG A 11 2.73 -9.17 0.13
CA ARG A 11 3.91 -9.78 -0.48
C ARG A 11 4.95 -9.87 0.66
N ARG A 12 5.19 -11.11 1.16
CA ARG A 12 6.01 -11.30 2.37
C ARG A 12 7.50 -11.19 2.03
N SER A 13 8.23 -10.47 2.90
CA SER A 13 9.69 -10.32 2.83
C SER A 13 10.37 -11.68 3.12
N LYS A 14 11.61 -11.84 2.61
CA LYS A 14 12.40 -13.08 2.73
C LYS A 14 12.63 -13.42 4.22
N GLU A 15 12.95 -12.38 5.00
CA GLU A 15 13.13 -12.45 6.44
C GLU A 15 11.89 -11.90 7.13
N ASN A 16 11.11 -12.80 7.74
CA ASN A 16 9.89 -12.47 8.49
C ASN A 16 10.25 -11.72 9.78
N GLN A 17 10.35 -10.39 9.67
CA GLN A 17 10.61 -9.49 10.81
C GLN A 17 9.63 -8.30 10.71
N HIS A 18 9.96 -7.37 9.79
CA HIS A 18 9.15 -6.16 9.51
C HIS A 18 9.53 -5.65 8.12
N ASN A 19 8.99 -4.46 7.75
CA ASN A 19 9.20 -3.84 6.42
C ASN A 19 8.61 -4.72 5.31
N ASN A 20 7.49 -5.38 5.66
CA ASN A 20 6.75 -6.26 4.76
C ASN A 20 6.02 -5.43 3.68
N VAL A 21 5.86 -6.04 2.50
CA VAL A 21 5.22 -5.39 1.34
C VAL A 21 3.74 -5.74 1.34
N MET A 22 2.89 -4.81 0.93
CA MET A 22 1.45 -5.04 0.77
C MET A 22 1.00 -4.47 -0.58
N ILE A 23 0.44 -5.37 -1.41
CA ILE A 23 -0.13 -5.03 -2.72
C ILE A 23 -1.54 -4.45 -2.50
N ILE A 24 -1.77 -3.26 -3.06
CA ILE A 24 -2.98 -2.44 -2.83
C ILE A 24 -3.65 -2.09 -4.18
N LYS A 25 -4.97 -1.89 -4.17
CA LYS A 25 -5.73 -1.41 -5.35
C LYS A 25 -6.35 -0.04 -5.03
N PRO A 26 -5.65 1.09 -5.38
CA PRO A 26 -6.26 2.44 -5.25
C PRO A 26 -7.48 2.55 -6.20
N LEU A 27 -8.60 3.04 -5.65
CA LEU A 27 -9.91 3.06 -6.37
C LEU A 27 -9.87 3.95 -7.61
N ASP A 28 -9.05 5.02 -7.56
CA ASP A 28 -8.84 5.94 -8.70
C ASP A 28 -8.08 5.24 -9.85
N VAL A 29 -7.26 4.26 -9.48
CA VAL A 29 -6.27 3.65 -10.37
C VAL A 29 -6.81 2.34 -11.02
N ASN A 30 -6.41 2.13 -12.29
CA ASN A 30 -6.78 0.93 -13.10
C ASN A 30 -5.65 0.55 -14.08
N SER A 31 -4.81 1.53 -14.48
CA SER A 31 -3.70 1.31 -15.43
C SER A 31 -2.34 1.41 -14.74
N ARG A 32 -1.28 1.02 -15.48
CA ARG A 32 0.11 1.00 -14.97
C ARG A 32 0.62 2.42 -14.68
N GLU A 33 0.31 3.37 -15.59
CA GLU A 33 0.71 4.78 -15.46
C GLU A 33 -0.13 5.49 -14.40
N GLU A 34 -1.39 5.05 -14.24
CA GLU A 34 -2.28 5.53 -13.17
C GLU A 34 -1.75 5.12 -11.80
N ALA A 35 -1.07 3.96 -11.76
CA ALA A 35 -0.38 3.45 -10.56
C ALA A 35 1.00 4.12 -10.39
N SER A 36 1.65 4.44 -11.53
CA SER A 36 3.02 4.98 -11.58
C SER A 36 3.04 6.46 -11.17
N LYS A 37 1.91 7.17 -11.33
CA LYS A 37 1.77 8.56 -10.87
C LYS A 37 1.61 8.63 -9.33
N LEU A 38 1.59 7.45 -8.67
CA LEU A 38 1.48 7.35 -7.20
C LEU A 38 2.79 6.87 -6.54
N ILE A 39 3.90 6.82 -7.30
CA ILE A 39 5.22 6.49 -6.72
C ILE A 39 5.70 7.64 -5.80
N GLY A 40 6.03 7.30 -4.53
CA GLY A 40 6.48 8.26 -3.54
C GLY A 40 5.39 8.68 -2.56
N ARG A 41 4.15 8.18 -2.78
CA ARG A 41 2.99 8.55 -1.95
C ARG A 41 2.99 7.76 -0.65
N LEU A 42 2.64 8.44 0.45
CA LEU A 42 2.71 7.92 1.81
C LEU A 42 1.36 7.26 2.14
N VAL A 43 1.39 5.94 2.33
CA VAL A 43 0.19 5.14 2.58
C VAL A 43 0.04 4.90 4.09
N LEU A 44 -1.01 5.46 4.69
CA LEU A 44 -1.34 5.26 6.10
C LEU A 44 -2.47 4.24 6.20
N TRP A 45 -2.12 2.99 6.50
CA TRP A 45 -3.11 1.92 6.74
C TRP A 45 -3.24 1.68 8.24
N LYS A 46 -4.46 1.63 8.72
CA LYS A 46 -4.77 1.30 10.11
C LYS A 46 -5.01 -0.21 10.18
N SER A 47 -4.29 -0.90 11.08
CA SER A 47 -4.51 -2.32 11.35
C SER A 47 -5.82 -2.50 12.15
N PRO A 48 -6.63 -3.58 11.85
CA PRO A 48 -7.95 -3.84 12.53
C PRO A 48 -7.85 -3.89 14.07
N SER A 49 -6.64 -4.20 14.59
CA SER A 49 -6.35 -4.19 16.03
C SER A 49 -6.49 -2.76 16.62
N GLY A 50 -5.75 -1.81 16.02
CA GLY A 50 -5.78 -0.40 16.48
C GLY A 50 -4.42 0.30 16.39
N LYS A 51 -3.60 -0.08 15.39
CA LYS A 51 -2.31 0.60 15.08
C LYS A 51 -2.41 1.25 13.69
N ILE A 52 -1.37 2.01 13.33
CA ILE A 52 -1.23 2.64 12.00
C ILE A 52 0.11 2.21 11.39
N LEU A 53 0.05 1.30 10.42
CA LEU A 53 1.20 0.89 9.63
C LEU A 53 1.39 1.91 8.49
N LYS A 54 2.47 2.70 8.58
CA LYS A 54 2.79 3.74 7.59
C LYS A 54 3.75 3.16 6.55
N GLY A 55 3.54 3.51 5.28
CA GLY A 55 4.29 2.94 4.16
C GLY A 55 4.39 3.90 2.99
N LYS A 56 4.91 3.40 1.86
CA LYS A 56 5.10 4.21 0.64
C LYS A 56 5.02 3.33 -0.59
N ILE A 57 4.27 3.79 -1.63
CA ILE A 57 4.22 3.13 -2.94
C ILE A 57 5.57 3.30 -3.64
N VAL A 58 6.41 2.26 -3.55
CA VAL A 58 7.80 2.29 -4.07
C VAL A 58 7.85 1.85 -5.54
N ARG A 59 6.96 0.92 -5.90
CA ARG A 59 6.89 0.34 -7.25
C ARG A 59 5.43 -0.02 -7.55
N VAL A 60 5.15 -0.32 -8.82
CA VAL A 60 3.84 -0.84 -9.25
C VAL A 60 3.94 -2.36 -9.49
N HIS A 61 2.80 -3.00 -9.70
CA HIS A 61 2.72 -4.42 -10.07
C HIS A 61 1.75 -4.56 -11.24
N GLY A 62 2.25 -5.13 -12.36
CA GLY A 62 1.45 -5.38 -13.56
C GLY A 62 1.01 -4.09 -14.24
N THR A 63 -0.12 -4.19 -14.97
CA THR A 63 -0.74 -3.06 -15.68
C THR A 63 -2.15 -2.75 -15.12
N LYS A 64 -2.68 -3.67 -14.28
CA LYS A 64 -4.08 -3.58 -13.80
C LYS A 64 -4.18 -2.96 -12.40
N GLY A 65 -3.57 -1.76 -12.26
CA GLY A 65 -3.84 -0.86 -11.14
C GLY A 65 -3.31 -1.27 -9.78
N ALA A 66 -2.65 -2.42 -9.67
CA ALA A 66 -2.09 -2.90 -8.40
C ALA A 66 -0.76 -2.18 -8.12
N VAL A 67 -0.65 -1.55 -6.96
CA VAL A 67 0.59 -0.88 -6.50
C VAL A 67 1.30 -1.74 -5.45
N ARG A 68 2.60 -1.49 -5.28
CA ARG A 68 3.48 -2.21 -4.37
C ARG A 68 4.04 -1.22 -3.33
N ALA A 69 3.49 -1.28 -2.10
CA ALA A 69 3.82 -0.35 -1.02
C ALA A 69 4.65 -1.05 0.07
N ARG A 70 5.80 -0.45 0.42
CA ARG A 70 6.70 -0.90 1.51
C ARG A 70 6.28 -0.23 2.81
N PHE A 71 5.76 -1.02 3.75
CA PHE A 71 5.33 -0.53 5.07
C PHE A 71 6.47 -0.64 6.09
N GLU A 72 6.28 0.04 7.25
CA GLU A 72 7.21 -0.02 8.39
C GLU A 72 7.19 -1.43 9.03
N LYS A 73 5.98 -2.01 9.10
CA LYS A 73 5.74 -3.31 9.74
C LYS A 73 5.21 -4.29 8.71
N GLY A 74 3.96 -4.05 8.24
CA GLY A 74 3.27 -4.98 7.36
C GLY A 74 2.83 -6.24 8.09
N LEU A 75 2.03 -6.03 9.15
CA LEU A 75 1.59 -7.11 10.05
C LEU A 75 0.63 -8.08 9.34
N PRO A 76 0.95 -9.42 9.34
CA PRO A 76 0.14 -10.46 8.63
C PRO A 76 -1.25 -10.69 9.28
N GLY A 77 -2.07 -11.52 8.63
CA GLY A 77 -3.43 -11.83 9.08
C GLY A 77 -4.45 -11.62 7.98
N GLN A 78 -5.70 -12.03 8.23
CA GLN A 78 -6.81 -11.88 7.27
C GLN A 78 -7.45 -10.48 7.43
N ALA A 79 -6.67 -9.48 7.04
CA ALA A 79 -7.09 -8.06 7.00
C ALA A 79 -7.13 -7.57 5.53
N LEU A 80 -7.13 -8.55 4.60
CA LEU A 80 -7.15 -8.30 3.15
C LEU A 80 -8.57 -7.86 2.72
N GLY A 81 -8.66 -6.67 2.12
CA GLY A 81 -9.94 -6.09 1.69
C GLY A 81 -10.24 -4.78 2.40
N ASP A 82 -9.40 -4.43 3.39
CA ASP A 82 -9.54 -3.21 4.20
C ASP A 82 -9.03 -1.98 3.40
N TYR A 83 -9.52 -0.78 3.75
CA TYR A 83 -9.18 0.47 3.02
C TYR A 83 -7.96 1.16 3.63
N VAL A 84 -7.03 1.56 2.76
CA VAL A 84 -5.82 2.31 3.11
C VAL A 84 -6.08 3.79 2.79
N GLU A 85 -5.46 4.68 3.55
CA GLU A 85 -5.59 6.13 3.36
C GLU A 85 -4.24 6.67 2.86
N ILE A 86 -4.18 7.02 1.57
CA ILE A 86 -2.92 7.43 0.90
C ILE A 86 -2.84 8.95 0.88
N VAL A 87 -1.98 9.48 1.76
CA VAL A 87 -1.71 10.92 1.89
C VAL A 87 -0.47 11.31 1.06
N LEU A 88 -0.57 12.41 0.31
CA LEU A 88 0.58 13.04 -0.34
C LEU A 88 0.73 14.45 0.25
N GLU A 89 1.93 14.73 0.81
CA GLU A 89 2.26 16.01 1.45
C GLU A 89 3.78 16.17 1.50
N HIS A 90 4.48 15.04 1.76
CA HIS A 90 5.93 15.00 1.87
C HIS A 90 6.53 15.00 0.45
N HIS A 91 6.95 16.20 0.01
CA HIS A 91 7.60 16.43 -1.30
C HIS A 91 9.14 16.27 -1.13
N MET A 1 -6.28 15.83 -2.08
CA MET A 1 -6.67 14.50 -2.57
C MET A 1 -5.89 13.41 -1.83
N ARG A 2 -6.63 12.49 -1.20
CA ARG A 2 -6.10 11.23 -0.64
C ARG A 2 -6.83 10.08 -1.35
N ILE A 3 -6.07 9.11 -1.86
CA ILE A 3 -6.62 8.00 -2.66
C ILE A 3 -6.88 6.79 -1.73
N LYS A 4 -8.11 6.28 -1.75
CA LYS A 4 -8.53 5.16 -0.90
C LYS A 4 -8.23 3.85 -1.64
N GLY A 5 -7.62 2.89 -0.94
CA GLY A 5 -7.22 1.60 -1.54
C GLY A 5 -7.69 0.41 -0.71
N VAL A 6 -7.64 -0.80 -1.31
CA VAL A 6 -8.03 -2.07 -0.67
C VAL A 6 -6.87 -3.08 -0.80
N VAL A 7 -6.56 -3.79 0.30
CA VAL A 7 -5.48 -4.79 0.34
C VAL A 7 -5.88 -6.04 -0.47
N LEU A 8 -5.15 -6.30 -1.57
CA LEU A 8 -5.41 -7.46 -2.47
C LEU A 8 -4.76 -8.74 -1.90
N SER A 9 -3.42 -8.70 -1.76
CA SER A 9 -2.62 -9.89 -1.41
C SER A 9 -1.33 -9.46 -0.68
N TYR A 10 -0.71 -10.41 0.06
CA TYR A 10 0.57 -10.17 0.77
C TYR A 10 1.78 -10.52 -0.12
N ARG A 11 2.91 -9.92 0.23
CA ARG A 11 4.24 -10.34 -0.22
C ARG A 11 5.14 -10.29 1.02
N ARG A 12 5.56 -11.47 1.52
CA ARG A 12 6.24 -11.57 2.83
C ARG A 12 7.66 -11.01 2.75
N SER A 13 8.20 -10.65 3.91
CA SER A 13 9.53 -10.06 4.05
C SER A 13 10.65 -11.09 3.75
N LYS A 14 11.89 -10.59 3.61
CA LYS A 14 13.04 -11.34 3.07
C LYS A 14 13.51 -12.49 4.00
N GLU A 15 14.14 -12.13 5.13
CA GLU A 15 14.83 -13.11 6.02
C GLU A 15 14.41 -12.83 7.47
N ASN A 16 14.78 -11.64 7.96
CA ASN A 16 14.27 -11.08 9.21
C ASN A 16 14.10 -9.56 8.97
N GLN A 17 12.89 -9.17 8.54
CA GLN A 17 12.59 -7.81 8.10
C GLN A 17 11.14 -7.47 8.51
N HIS A 18 10.95 -6.26 9.05
CA HIS A 18 9.63 -5.78 9.48
C HIS A 18 8.94 -4.96 8.37
N ASN A 19 9.72 -4.56 7.35
CA ASN A 19 9.15 -3.92 6.15
C ASN A 19 8.45 -4.99 5.28
N ASN A 20 7.22 -5.34 5.70
CA ASN A 20 6.38 -6.33 5.00
C ASN A 20 5.68 -5.64 3.82
N VAL A 21 5.69 -6.34 2.67
CA VAL A 21 5.15 -5.84 1.41
C VAL A 21 3.71 -6.37 1.25
N MET A 22 2.85 -5.62 0.54
CA MET A 22 1.54 -6.14 0.10
C MET A 22 1.05 -5.38 -1.13
N ILE A 23 0.44 -6.13 -2.06
CA ILE A 23 -0.19 -5.59 -3.27
C ILE A 23 -1.54 -4.97 -2.90
N ILE A 24 -1.67 -3.66 -3.16
CA ILE A 24 -2.87 -2.87 -2.86
C ILE A 24 -3.50 -2.39 -4.19
N LYS A 25 -4.83 -2.26 -4.21
CA LYS A 25 -5.57 -1.66 -5.33
C LYS A 25 -6.11 -0.28 -4.90
N PRO A 26 -5.46 0.84 -5.31
CA PRO A 26 -6.08 2.19 -5.23
C PRO A 26 -7.38 2.23 -6.08
N LEU A 27 -8.52 2.43 -5.41
CA LEU A 27 -9.87 2.45 -6.05
C LEU A 27 -9.98 3.55 -7.12
N ASP A 28 -9.30 4.68 -6.89
CA ASP A 28 -9.24 5.83 -7.82
C ASP A 28 -8.44 5.50 -9.10
N VAL A 29 -7.49 4.57 -8.98
CA VAL A 29 -6.49 4.26 -10.03
C VAL A 29 -6.70 2.86 -10.61
N ASN A 30 -6.98 2.76 -11.93
CA ASN A 30 -7.07 1.45 -12.66
C ASN A 30 -6.04 1.36 -13.81
N SER A 31 -5.30 2.45 -14.09
CA SER A 31 -4.26 2.47 -15.15
C SER A 31 -2.86 2.58 -14.52
N ARG A 32 -1.86 2.05 -15.25
CA ARG A 32 -0.45 2.03 -14.81
C ARG A 32 0.12 3.44 -14.67
N GLU A 33 -0.29 4.37 -15.56
CA GLU A 33 0.22 5.76 -15.56
C GLU A 33 -0.24 6.52 -14.30
N GLU A 34 -1.50 6.24 -13.90
CA GLU A 34 -2.11 6.80 -12.68
C GLU A 34 -1.40 6.23 -11.43
N ALA A 35 -0.93 4.97 -11.56
CA ALA A 35 -0.18 4.26 -10.51
C ALA A 35 1.32 4.64 -10.55
N SER A 36 1.80 5.11 -11.71
CA SER A 36 3.22 5.44 -11.94
C SER A 36 3.56 6.81 -11.35
N LYS A 37 2.54 7.69 -11.24
CA LYS A 37 2.66 8.95 -10.51
C LYS A 37 2.47 8.72 -8.99
N LEU A 38 2.06 7.49 -8.61
CA LEU A 38 1.92 7.09 -7.20
C LEU A 38 3.22 6.48 -6.64
N ILE A 39 4.26 6.34 -7.48
CA ILE A 39 5.59 5.88 -7.03
C ILE A 39 6.18 6.93 -6.05
N GLY A 40 6.22 6.58 -4.76
CA GLY A 40 6.81 7.43 -3.72
C GLY A 40 5.79 8.06 -2.78
N ARG A 41 4.50 7.70 -2.90
CA ARG A 41 3.43 8.28 -2.03
C ARG A 41 3.32 7.54 -0.69
N LEU A 42 2.72 8.22 0.30
CA LEU A 42 2.59 7.72 1.69
C LEU A 42 1.28 6.94 1.82
N VAL A 43 1.38 5.65 2.14
CA VAL A 43 0.22 4.77 2.29
C VAL A 43 0.02 4.45 3.78
N LEU A 44 -1.12 4.87 4.34
CA LEU A 44 -1.45 4.67 5.76
C LEU A 44 -2.43 3.48 5.89
N TRP A 45 -1.93 2.32 6.35
CA TRP A 45 -2.77 1.12 6.58
C TRP A 45 -3.27 1.13 8.03
N LYS A 46 -4.52 0.70 8.19
CA LYS A 46 -5.18 0.60 9.48
C LYS A 46 -5.21 -0.89 9.91
N SER A 47 -4.39 -1.22 10.93
CA SER A 47 -4.37 -2.57 11.52
C SER A 47 -5.76 -2.94 12.13
N PRO A 48 -6.05 -4.26 12.37
CA PRO A 48 -7.31 -4.72 13.05
C PRO A 48 -7.45 -4.15 14.48
N SER A 49 -6.30 -3.75 15.07
CA SER A 49 -6.24 -3.13 16.40
C SER A 49 -6.66 -1.64 16.36
N GLY A 50 -6.87 -1.11 15.13
CA GLY A 50 -7.33 0.26 14.92
C GLY A 50 -6.20 1.27 14.83
N LYS A 51 -4.95 0.76 14.88
CA LYS A 51 -3.73 1.56 14.82
C LYS A 51 -3.37 1.81 13.35
N ILE A 52 -2.60 2.87 13.08
CA ILE A 52 -2.27 3.27 11.69
C ILE A 52 -0.74 3.21 11.48
N LEU A 53 -0.31 2.28 10.60
CA LEU A 53 1.09 2.18 10.17
C LEU A 53 1.27 3.00 8.90
N LYS A 54 2.49 3.52 8.70
CA LYS A 54 2.84 4.23 7.46
C LYS A 54 3.59 3.27 6.52
N GLY A 55 3.54 3.60 5.24
CA GLY A 55 4.20 2.83 4.19
C GLY A 55 4.40 3.66 2.94
N LYS A 56 4.92 3.03 1.87
CA LYS A 56 5.21 3.74 0.62
C LYS A 56 5.13 2.80 -0.59
N ILE A 57 4.49 3.29 -1.67
CA ILE A 57 4.47 2.61 -2.97
C ILE A 57 5.88 2.67 -3.59
N VAL A 58 6.58 1.53 -3.52
CA VAL A 58 7.97 1.39 -4.00
C VAL A 58 7.99 1.09 -5.51
N ARG A 59 6.92 0.43 -5.99
CA ARG A 59 6.75 0.07 -7.39
C ARG A 59 5.28 -0.31 -7.66
N VAL A 60 4.89 -0.37 -8.95
CA VAL A 60 3.55 -0.82 -9.37
C VAL A 60 3.55 -2.33 -9.66
N HIS A 61 2.34 -2.87 -9.85
CA HIS A 61 2.11 -4.28 -10.18
C HIS A 61 1.21 -4.37 -11.42
N GLY A 62 1.83 -4.69 -12.57
CA GLY A 62 1.12 -4.79 -13.86
C GLY A 62 0.61 -3.43 -14.36
N THR A 63 -0.46 -3.46 -15.16
CA THR A 63 -1.08 -2.26 -15.75
C THR A 63 -2.47 -1.99 -15.16
N LYS A 64 -2.91 -2.86 -14.24
CA LYS A 64 -4.31 -2.89 -13.74
C LYS A 64 -4.55 -1.86 -12.61
N GLY A 65 -3.54 -1.01 -12.31
CA GLY A 65 -3.67 0.01 -11.25
C GLY A 65 -3.22 -0.48 -9.89
N ALA A 66 -3.12 -1.82 -9.73
CA ALA A 66 -2.59 -2.47 -8.52
C ALA A 66 -1.14 -2.00 -8.27
N VAL A 67 -0.90 -1.43 -7.09
CA VAL A 67 0.43 -0.96 -6.67
C VAL A 67 1.06 -1.95 -5.66
N ARG A 68 2.32 -1.68 -5.29
CA ARG A 68 3.09 -2.47 -4.33
C ARG A 68 3.65 -1.53 -3.26
N ALA A 69 3.15 -1.65 -2.02
CA ALA A 69 3.52 -0.78 -0.89
C ALA A 69 4.21 -1.59 0.22
N ARG A 70 5.34 -1.06 0.73
CA ARG A 70 6.08 -1.64 1.86
C ARG A 70 5.82 -0.79 3.11
N PHE A 71 5.42 -1.44 4.23
CA PHE A 71 5.07 -0.76 5.49
C PHE A 71 6.17 -0.96 6.53
N GLU A 72 6.53 0.15 7.21
CA GLU A 72 7.65 0.24 8.17
C GLU A 72 7.59 -0.88 9.25
N LYS A 73 6.41 -1.05 9.86
CA LYS A 73 6.20 -2.03 10.94
C LYS A 73 5.71 -3.36 10.36
N GLY A 74 4.82 -3.25 9.34
CA GLY A 74 4.28 -4.40 8.61
C GLY A 74 3.64 -5.45 9.53
N LEU A 75 2.67 -5.02 10.35
CA LEU A 75 2.02 -5.88 11.36
C LEU A 75 1.15 -6.97 10.67
N PRO A 76 1.41 -8.29 10.97
CA PRO A 76 0.73 -9.42 10.31
C PRO A 76 -0.73 -9.62 10.83
N GLY A 77 -1.60 -10.14 9.95
CA GLY A 77 -3.00 -10.41 10.28
C GLY A 77 -3.79 -10.84 9.06
N GLN A 78 -5.11 -10.57 9.05
CA GLN A 78 -5.97 -10.77 7.86
C GLN A 78 -6.45 -9.39 7.36
N ALA A 79 -5.52 -8.68 6.72
CA ALA A 79 -5.73 -7.33 6.16
C ALA A 79 -6.46 -7.36 4.81
N LEU A 80 -6.63 -8.57 4.23
CA LEU A 80 -7.25 -8.76 2.91
C LEU A 80 -8.71 -8.25 2.92
N GLY A 81 -8.98 -7.20 2.12
CA GLY A 81 -10.31 -6.58 2.05
C GLY A 81 -10.39 -5.26 2.83
N ASP A 82 -9.43 -5.06 3.76
CA ASP A 82 -9.34 -3.83 4.60
C ASP A 82 -8.78 -2.66 3.76
N TYR A 83 -8.95 -1.42 4.26
CA TYR A 83 -8.66 -0.20 3.52
C TYR A 83 -7.36 0.49 4.00
N VAL A 84 -6.71 1.15 3.04
CA VAL A 84 -5.55 2.03 3.28
C VAL A 84 -5.91 3.43 2.75
N GLU A 85 -5.13 4.44 3.15
CA GLU A 85 -5.28 5.81 2.63
C GLU A 85 -3.91 6.29 2.07
N ILE A 86 -3.84 6.35 0.74
CA ILE A 86 -2.65 6.83 0.02
C ILE A 86 -2.69 8.36 -0.01
N VAL A 87 -2.04 8.94 0.99
CA VAL A 87 -1.85 10.39 1.10
C VAL A 87 -0.69 10.80 0.18
N LEU A 88 -0.83 11.97 -0.46
CA LEU A 88 0.25 12.60 -1.23
C LEU A 88 1.43 12.86 -0.25
N GLU A 89 2.55 12.14 -0.43
CA GLU A 89 3.74 12.32 0.40
C GLU A 89 4.46 13.61 -0.05
N HIS A 90 4.60 14.58 0.88
CA HIS A 90 5.18 15.89 0.57
C HIS A 90 5.98 16.45 1.77
N HIS A 91 7.22 16.85 1.50
CA HIS A 91 8.09 17.53 2.48
C HIS A 91 8.64 18.83 1.84
N MET A 1 -4.69 15.58 -1.06
CA MET A 1 -5.57 14.49 -1.53
C MET A 1 -5.08 13.14 -0.97
N ARG A 2 -6.04 12.26 -0.66
CA ARG A 2 -5.79 10.84 -0.36
C ARG A 2 -6.66 10.01 -1.31
N ILE A 3 -6.08 8.93 -1.84
CA ILE A 3 -6.78 7.98 -2.72
C ILE A 3 -7.17 6.72 -1.90
N LYS A 4 -8.38 6.21 -2.14
CA LYS A 4 -8.92 5.06 -1.44
C LYS A 4 -8.48 3.79 -2.18
N GLY A 5 -7.73 2.92 -1.49
CA GLY A 5 -7.23 1.66 -2.04
C GLY A 5 -7.80 0.46 -1.31
N VAL A 6 -7.59 -0.73 -1.88
CA VAL A 6 -8.04 -2.01 -1.29
C VAL A 6 -6.83 -2.89 -1.03
N VAL A 7 -6.75 -3.43 0.20
CA VAL A 7 -5.70 -4.36 0.63
C VAL A 7 -5.85 -5.70 -0.12
N LEU A 8 -4.99 -5.94 -1.12
CA LEU A 8 -5.03 -7.19 -1.90
C LEU A 8 -4.26 -8.32 -1.19
N SER A 9 -2.98 -8.08 -0.85
CA SER A 9 -2.10 -9.09 -0.20
C SER A 9 -0.97 -8.47 0.64
N TYR A 10 -0.29 -9.33 1.42
CA TYR A 10 0.96 -9.02 2.16
C TYR A 10 2.07 -9.99 1.72
N ARG A 11 3.34 -9.58 1.91
CA ARG A 11 4.52 -10.43 1.64
C ARG A 11 5.52 -10.22 2.80
N ARG A 12 5.79 -11.27 3.58
CA ARG A 12 6.52 -11.16 4.86
C ARG A 12 8.05 -11.19 4.66
N SER A 13 8.72 -10.08 5.02
CA SER A 13 10.18 -10.03 5.15
C SER A 13 10.58 -10.51 6.56
N LYS A 14 11.77 -11.15 6.71
CA LYS A 14 12.19 -11.76 7.99
C LYS A 14 12.64 -10.68 9.01
N GLU A 15 11.63 -10.18 9.76
CA GLU A 15 11.74 -9.39 11.00
C GLU A 15 12.67 -8.14 10.91
N ASN A 16 14.00 -8.38 10.94
CA ASN A 16 15.02 -7.30 10.91
C ASN A 16 14.94 -6.49 9.62
N GLN A 17 14.84 -7.18 8.47
CA GLN A 17 14.74 -6.54 7.14
C GLN A 17 13.27 -6.17 6.83
N HIS A 18 12.59 -5.56 7.83
CA HIS A 18 11.17 -5.18 7.76
C HIS A 18 10.91 -4.13 6.64
N ASN A 19 10.68 -4.65 5.44
CA ASN A 19 10.24 -3.90 4.26
C ASN A 19 9.04 -4.64 3.67
N ASN A 20 8.19 -5.14 4.61
CA ASN A 20 7.06 -6.03 4.32
C ASN A 20 6.18 -5.43 3.23
N VAL A 21 5.92 -6.22 2.18
CA VAL A 21 5.26 -5.74 0.97
C VAL A 21 3.74 -5.85 1.19
N MET A 22 3.01 -4.91 0.64
CA MET A 22 1.56 -4.87 0.71
C MET A 22 1.06 -4.48 -0.68
N ILE A 23 0.45 -5.45 -1.37
CA ILE A 23 -0.12 -5.25 -2.70
C ILE A 23 -1.49 -4.61 -2.51
N ILE A 24 -1.66 -3.42 -3.07
CA ILE A 24 -2.87 -2.59 -2.92
C ILE A 24 -3.37 -2.20 -4.31
N LYS A 25 -4.68 -2.07 -4.49
CA LYS A 25 -5.25 -1.48 -5.72
C LYS A 25 -6.06 -0.23 -5.35
N PRO A 26 -5.59 0.99 -5.76
CA PRO A 26 -6.42 2.20 -5.67
C PRO A 26 -7.68 2.06 -6.57
N LEU A 27 -8.87 2.27 -5.97
CA LEU A 27 -10.17 2.19 -6.69
C LEU A 27 -10.27 3.27 -7.78
N ASP A 28 -9.54 4.38 -7.58
CA ASP A 28 -9.42 5.48 -8.55
C ASP A 28 -8.63 5.06 -9.81
N VAL A 29 -7.75 4.07 -9.64
CA VAL A 29 -6.76 3.67 -10.64
C VAL A 29 -7.13 2.32 -11.31
N ASN A 30 -7.14 2.33 -12.65
CA ASN A 30 -7.31 1.11 -13.51
C ASN A 30 -6.19 1.03 -14.56
N SER A 31 -5.21 1.95 -14.50
CA SER A 31 -4.10 2.02 -15.47
C SER A 31 -2.75 2.16 -14.74
N ARG A 32 -1.67 1.77 -15.45
CA ARG A 32 -0.30 1.82 -14.91
C ARG A 32 0.13 3.27 -14.64
N GLU A 33 -0.19 4.18 -15.57
CA GLU A 33 0.24 5.61 -15.53
C GLU A 33 -0.37 6.33 -14.31
N GLU A 34 -1.65 5.99 -14.02
CA GLU A 34 -2.39 6.52 -12.85
C GLU A 34 -1.75 6.03 -11.54
N ALA A 35 -1.21 4.79 -11.58
CA ALA A 35 -0.51 4.15 -10.44
C ALA A 35 0.95 4.63 -10.34
N SER A 36 1.53 5.04 -11.49
CA SER A 36 2.97 5.36 -11.62
C SER A 36 3.24 6.79 -11.13
N LYS A 37 2.22 7.65 -11.15
CA LYS A 37 2.28 8.98 -10.54
C LYS A 37 2.00 8.90 -9.03
N LEU A 38 1.78 7.67 -8.51
CA LEU A 38 1.60 7.41 -7.07
C LEU A 38 2.87 6.83 -6.44
N ILE A 39 3.99 6.86 -7.18
CA ILE A 39 5.30 6.45 -6.64
C ILE A 39 5.82 7.53 -5.68
N GLY A 40 6.26 7.10 -4.48
CA GLY A 40 6.73 8.00 -3.43
C GLY A 40 5.61 8.46 -2.51
N ARG A 41 4.38 7.96 -2.73
CA ARG A 41 3.20 8.33 -1.93
C ARG A 41 3.17 7.51 -0.64
N LEU A 42 2.82 8.16 0.46
CA LEU A 42 2.80 7.56 1.80
C LEU A 42 1.42 6.96 2.06
N VAL A 43 1.37 5.65 2.15
CA VAL A 43 0.13 4.90 2.37
C VAL A 43 0.00 4.57 3.87
N LEU A 44 -1.03 5.13 4.49
CA LEU A 44 -1.38 4.91 5.89
C LEU A 44 -2.55 3.92 5.96
N TRP A 45 -2.41 2.87 6.78
CA TRP A 45 -3.47 1.89 7.01
C TRP A 45 -3.46 1.46 8.47
N LYS A 46 -4.61 1.55 9.14
CA LYS A 46 -4.77 1.11 10.53
C LYS A 46 -5.19 -0.36 10.55
N SER A 47 -4.31 -1.22 11.10
CA SER A 47 -4.59 -2.66 11.32
C SER A 47 -5.74 -2.85 12.35
N PRO A 48 -6.43 -4.05 12.35
CA PRO A 48 -7.54 -4.36 13.32
C PRO A 48 -7.08 -4.32 14.81
N SER A 49 -5.75 -4.43 15.02
CA SER A 49 -5.12 -4.35 16.35
C SER A 49 -5.05 -2.89 16.88
N GLY A 50 -5.50 -1.91 16.05
CA GLY A 50 -5.50 -0.49 16.41
C GLY A 50 -4.16 0.19 16.14
N LYS A 51 -3.28 -0.52 15.43
CA LYS A 51 -1.92 -0.08 15.15
C LYS A 51 -1.86 0.57 13.77
N ILE A 52 -1.23 1.75 13.70
CA ILE A 52 -1.12 2.51 12.45
C ILE A 52 0.11 2.01 11.66
N LEU A 53 -0.16 1.20 10.64
CA LEU A 53 0.88 0.70 9.72
C LEU A 53 1.18 1.78 8.68
N LYS A 54 2.46 2.09 8.51
CA LYS A 54 2.95 3.13 7.59
C LYS A 54 3.84 2.48 6.53
N GLY A 55 3.59 2.83 5.26
CA GLY A 55 4.34 2.30 4.13
C GLY A 55 4.31 3.23 2.94
N LYS A 56 4.94 2.82 1.83
CA LYS A 56 5.11 3.69 0.66
C LYS A 56 5.19 2.90 -0.65
N ILE A 57 4.48 3.40 -1.69
CA ILE A 57 4.46 2.80 -3.03
C ILE A 57 5.85 2.96 -3.69
N VAL A 58 6.61 1.87 -3.71
CA VAL A 58 8.00 1.84 -4.23
C VAL A 58 8.04 1.56 -5.75
N ARG A 59 7.05 0.80 -6.24
CA ARG A 59 6.94 0.43 -7.66
C ARG A 59 5.51 -0.10 -7.94
N VAL A 60 5.10 -0.11 -9.21
CA VAL A 60 3.78 -0.63 -9.66
C VAL A 60 3.93 -2.04 -10.27
N HIS A 61 2.78 -2.68 -10.51
CA HIS A 61 2.70 -4.00 -11.15
C HIS A 61 1.65 -3.95 -12.28
N GLY A 62 2.15 -3.87 -13.54
CA GLY A 62 1.30 -3.87 -14.74
C GLY A 62 0.38 -2.66 -14.87
N THR A 63 -0.60 -2.76 -15.80
CA THR A 63 -1.64 -1.75 -16.03
C THR A 63 -2.89 -2.03 -15.18
N LYS A 64 -2.79 -3.01 -14.25
CA LYS A 64 -3.93 -3.47 -13.41
C LYS A 64 -4.18 -2.51 -12.24
N GLY A 65 -3.33 -1.47 -12.09
CA GLY A 65 -3.45 -0.49 -11.02
C GLY A 65 -2.90 -0.98 -9.69
N ALA A 66 -2.47 -2.26 -9.65
CA ALA A 66 -1.91 -2.88 -8.45
C ALA A 66 -0.54 -2.25 -8.14
N VAL A 67 -0.48 -1.51 -7.03
CA VAL A 67 0.73 -0.84 -6.56
C VAL A 67 1.38 -1.67 -5.45
N ARG A 68 2.71 -1.67 -5.43
CA ARG A 68 3.51 -2.39 -4.45
C ARG A 68 4.02 -1.40 -3.41
N ALA A 69 3.38 -1.40 -2.23
CA ALA A 69 3.71 -0.51 -1.13
C ALA A 69 4.43 -1.27 -0.02
N ARG A 70 5.66 -0.85 0.30
CA ARG A 70 6.48 -1.48 1.36
C ARG A 70 6.17 -0.80 2.69
N PHE A 71 5.44 -1.52 3.55
CA PHE A 71 5.21 -1.15 4.94
C PHE A 71 6.35 -1.74 5.79
N GLU A 72 7.10 -0.87 6.50
CA GLU A 72 8.15 -1.30 7.45
C GLU A 72 7.49 -1.86 8.72
N LYS A 73 6.22 -1.48 8.94
CA LYS A 73 5.40 -2.00 10.03
C LYS A 73 4.91 -3.41 9.68
N GLY A 74 3.88 -3.50 8.79
CA GLY A 74 3.36 -4.79 8.31
C GLY A 74 2.98 -5.78 9.42
N LEU A 75 2.28 -5.28 10.45
CA LEU A 75 1.83 -6.08 11.61
C LEU A 75 0.66 -7.02 11.22
N PRO A 76 0.43 -8.15 12.00
CA PRO A 76 -0.62 -9.17 11.68
C PRO A 76 -2.05 -8.57 11.66
N GLY A 77 -2.73 -8.76 10.53
CA GLY A 77 -4.09 -8.30 10.32
C GLY A 77 -4.58 -8.77 8.97
N GLN A 78 -5.16 -9.99 8.94
CA GLN A 78 -5.67 -10.62 7.70
C GLN A 78 -6.99 -9.94 7.27
N ALA A 79 -6.87 -8.71 6.78
CA ALA A 79 -7.99 -7.79 6.52
C ALA A 79 -8.09 -7.46 5.03
N LEU A 80 -7.65 -8.40 4.18
CA LEU A 80 -7.69 -8.26 2.70
C LEU A 80 -9.12 -7.86 2.24
N GLY A 81 -9.25 -6.69 1.61
CA GLY A 81 -10.55 -6.11 1.24
C GLY A 81 -10.82 -4.80 1.95
N ASP A 82 -9.97 -4.48 2.95
CA ASP A 82 -10.07 -3.25 3.76
C ASP A 82 -9.54 -2.05 2.96
N TYR A 83 -9.76 -0.82 3.45
CA TYR A 83 -9.47 0.40 2.70
C TYR A 83 -8.31 1.19 3.32
N VAL A 84 -7.33 1.52 2.46
CA VAL A 84 -6.13 2.29 2.84
C VAL A 84 -6.30 3.76 2.40
N GLU A 85 -5.47 4.64 2.97
CA GLU A 85 -5.37 6.05 2.58
C GLU A 85 -4.00 6.28 1.93
N ILE A 86 -4.00 6.50 0.62
CA ILE A 86 -2.78 6.79 -0.14
C ILE A 86 -2.62 8.32 -0.21
N VAL A 87 -1.87 8.85 0.75
CA VAL A 87 -1.64 10.29 0.88
C VAL A 87 -0.50 10.71 -0.06
N LEU A 88 -0.73 11.81 -0.79
CA LEU A 88 0.25 12.38 -1.72
C LEU A 88 1.53 12.77 -0.99
N GLU A 89 2.68 12.29 -1.48
CA GLU A 89 3.98 12.50 -0.86
C GLU A 89 5.06 12.53 -1.95
N HIS A 90 6.02 13.45 -1.83
CA HIS A 90 7.05 13.71 -2.87
C HIS A 90 8.45 13.63 -2.25
N HIS A 91 9.44 13.24 -3.08
CA HIS A 91 10.86 13.25 -2.72
C HIS A 91 11.67 13.84 -3.89
N MET A 1 -5.89 14.60 -2.36
CA MET A 1 -5.59 14.54 -0.92
C MET A 1 -5.22 13.10 -0.52
N ARG A 2 -6.12 12.17 -0.88
CA ARG A 2 -5.99 10.73 -0.57
C ARG A 2 -6.62 9.88 -1.68
N ILE A 3 -6.19 8.62 -1.76
CA ILE A 3 -6.67 7.63 -2.74
C ILE A 3 -6.99 6.33 -1.99
N LYS A 4 -8.19 5.77 -2.18
CA LYS A 4 -8.61 4.55 -1.44
C LYS A 4 -8.15 3.32 -2.20
N GLY A 5 -7.46 2.42 -1.49
CA GLY A 5 -6.95 1.18 -2.06
C GLY A 5 -7.44 -0.03 -1.27
N VAL A 6 -7.75 -1.13 -1.96
CA VAL A 6 -8.23 -2.37 -1.32
C VAL A 6 -7.05 -3.30 -1.02
N VAL A 7 -7.00 -3.80 0.24
CA VAL A 7 -5.95 -4.72 0.70
C VAL A 7 -6.12 -6.08 0.00
N LEU A 8 -5.35 -6.30 -1.07
CA LEU A 8 -5.39 -7.56 -1.84
C LEU A 8 -4.63 -8.66 -1.08
N SER A 9 -3.36 -8.36 -0.72
CA SER A 9 -2.51 -9.34 -0.05
C SER A 9 -1.26 -8.67 0.59
N TYR A 10 -0.42 -9.50 1.24
CA TYR A 10 0.88 -9.10 1.81
C TYR A 10 1.95 -10.09 1.33
N ARG A 11 3.10 -9.57 0.90
CA ARG A 11 4.35 -10.35 0.74
C ARG A 11 5.31 -9.86 1.80
N ARG A 12 5.64 -10.72 2.78
CA ARG A 12 6.67 -10.40 3.76
C ARG A 12 8.04 -10.52 3.06
N SER A 13 8.98 -9.67 3.46
CA SER A 13 10.36 -9.68 2.95
C SER A 13 11.01 -11.08 3.17
N LYS A 14 11.91 -11.47 2.26
CA LYS A 14 12.56 -12.81 2.29
C LYS A 14 13.81 -12.73 3.18
N GLU A 15 14.71 -11.80 2.84
CA GLU A 15 15.98 -11.57 3.56
C GLU A 15 15.73 -10.89 4.93
N ASN A 16 14.59 -10.20 5.03
CA ASN A 16 14.18 -9.43 6.22
C ASN A 16 12.79 -9.90 6.70
N GLN A 17 12.27 -9.27 7.78
CA GLN A 17 10.87 -9.45 8.23
C GLN A 17 10.23 -8.07 8.57
N HIS A 18 10.91 -6.99 8.14
CA HIS A 18 10.38 -5.59 8.17
C HIS A 18 10.48 -5.01 6.75
N ASN A 19 9.82 -3.84 6.58
CA ASN A 19 9.72 -3.13 5.27
C ASN A 19 9.04 -4.05 4.23
N ASN A 20 8.00 -4.77 4.72
CA ASN A 20 7.31 -5.83 3.95
C ASN A 20 6.34 -5.20 2.94
N VAL A 21 6.14 -5.89 1.82
CA VAL A 21 5.37 -5.38 0.68
C VAL A 21 3.88 -5.71 0.87
N MET A 22 3.01 -4.81 0.43
CA MET A 22 1.56 -4.92 0.57
C MET A 22 0.92 -4.62 -0.79
N ILE A 23 0.23 -5.64 -1.34
CA ILE A 23 -0.46 -5.53 -2.64
C ILE A 23 -1.77 -4.74 -2.44
N ILE A 24 -1.80 -3.54 -3.00
CA ILE A 24 -2.92 -2.60 -2.88
C ILE A 24 -3.58 -2.43 -4.26
N LYS A 25 -4.92 -2.24 -4.25
CA LYS A 25 -5.73 -1.92 -5.45
C LYS A 25 -6.26 -0.48 -5.32
N PRO A 26 -5.49 0.56 -5.78
CA PRO A 26 -6.00 1.96 -5.81
C PRO A 26 -7.22 2.06 -6.76
N LEU A 27 -8.40 2.21 -6.16
CA LEU A 27 -9.71 2.23 -6.86
C LEU A 27 -9.82 3.40 -7.85
N ASP A 28 -9.18 4.52 -7.49
CA ASP A 28 -9.10 5.73 -8.32
C ASP A 28 -8.34 5.46 -9.64
N VAL A 29 -7.46 4.45 -9.61
CA VAL A 29 -6.51 4.12 -10.69
C VAL A 29 -6.85 2.76 -11.35
N ASN A 30 -6.76 2.72 -12.70
CA ASN A 30 -6.86 1.48 -13.52
C ASN A 30 -5.75 1.46 -14.59
N SER A 31 -4.81 2.41 -14.50
CA SER A 31 -3.75 2.61 -15.52
C SER A 31 -2.36 2.56 -14.86
N ARG A 32 -1.37 2.06 -15.61
CA ARG A 32 0.01 1.88 -15.13
C ARG A 32 0.70 3.24 -14.89
N GLU A 33 0.36 4.27 -15.72
CA GLU A 33 0.87 5.66 -15.56
C GLU A 33 0.31 6.30 -14.28
N GLU A 34 -0.99 6.07 -14.05
CA GLU A 34 -1.71 6.60 -12.88
C GLU A 34 -1.30 5.86 -11.60
N ALA A 35 -0.79 4.63 -11.76
CA ALA A 35 -0.19 3.85 -10.67
C ALA A 35 1.27 4.28 -10.44
N SER A 36 1.95 4.68 -11.53
CA SER A 36 3.37 5.07 -11.52
C SER A 36 3.59 6.45 -10.88
N LYS A 37 2.54 7.31 -10.91
CA LYS A 37 2.61 8.64 -10.26
C LYS A 37 2.31 8.52 -8.75
N LEU A 38 2.01 7.29 -8.28
CA LEU A 38 1.81 6.97 -6.87
C LEU A 38 3.14 6.60 -6.17
N ILE A 39 4.21 6.37 -6.97
CA ILE A 39 5.54 5.98 -6.46
C ILE A 39 6.15 7.13 -5.64
N GLY A 40 6.13 6.98 -4.30
CA GLY A 40 6.67 7.98 -3.39
C GLY A 40 5.63 8.52 -2.41
N ARG A 41 4.34 8.11 -2.58
CA ARG A 41 3.24 8.59 -1.71
C ARG A 41 3.14 7.74 -0.42
N LEU A 42 2.57 8.36 0.63
CA LEU A 42 2.44 7.77 1.96
C LEU A 42 1.08 7.06 2.10
N VAL A 43 1.11 5.74 2.31
CA VAL A 43 -0.11 4.94 2.52
C VAL A 43 -0.31 4.72 4.02
N LEU A 44 -1.57 4.88 4.47
CA LEU A 44 -1.97 4.73 5.87
C LEU A 44 -3.00 3.60 5.95
N TRP A 45 -2.58 2.43 6.45
CA TRP A 45 -3.50 1.32 6.75
C TRP A 45 -3.60 1.16 8.27
N LYS A 46 -4.82 1.13 8.79
CA LYS A 46 -5.10 0.98 10.21
C LYS A 46 -5.43 -0.50 10.50
N SER A 47 -4.59 -1.14 11.32
CA SER A 47 -4.74 -2.55 11.71
C SER A 47 -5.88 -2.73 12.75
N PRO A 48 -6.41 -3.99 12.95
CA PRO A 48 -7.39 -4.31 14.05
C PRO A 48 -6.76 -4.13 15.46
N SER A 49 -5.42 -4.04 15.50
CA SER A 49 -4.63 -3.77 16.71
C SER A 49 -4.75 -2.28 17.16
N GLY A 50 -5.19 -1.41 16.21
CA GLY A 50 -5.29 0.04 16.44
C GLY A 50 -4.06 0.80 15.98
N LYS A 51 -3.12 0.09 15.33
CA LYS A 51 -1.85 0.65 14.84
C LYS A 51 -2.00 1.06 13.38
N ILE A 52 -1.82 2.36 13.10
CA ILE A 52 -1.78 2.87 11.73
C ILE A 52 -0.37 2.58 11.16
N LEU A 53 -0.28 1.48 10.40
CA LEU A 53 0.94 1.09 9.70
C LEU A 53 1.12 2.02 8.50
N LYS A 54 2.26 2.72 8.44
CA LYS A 54 2.57 3.65 7.36
C LYS A 54 3.57 3.01 6.39
N GLY A 55 3.38 3.23 5.09
CA GLY A 55 4.22 2.66 4.04
C GLY A 55 4.41 3.60 2.87
N LYS A 56 5.28 3.21 1.93
CA LYS A 56 5.53 3.98 0.71
C LYS A 56 5.37 3.06 -0.50
N ILE A 57 4.62 3.53 -1.51
CA ILE A 57 4.51 2.83 -2.80
C ILE A 57 5.87 2.92 -3.51
N VAL A 58 6.64 1.82 -3.41
CA VAL A 58 8.01 1.73 -3.95
C VAL A 58 8.00 1.35 -5.44
N ARG A 59 7.01 0.52 -5.82
CA ARG A 59 6.91 -0.06 -7.15
C ARG A 59 5.44 -0.39 -7.44
N VAL A 60 5.09 -0.48 -8.73
CA VAL A 60 3.74 -0.82 -9.19
C VAL A 60 3.63 -2.34 -9.39
N HIS A 61 2.39 -2.80 -9.58
CA HIS A 61 2.07 -4.21 -9.82
C HIS A 61 1.11 -4.28 -11.01
N GLY A 62 1.63 -4.66 -12.19
CA GLY A 62 0.83 -4.75 -13.41
C GLY A 62 0.38 -3.38 -13.94
N THR A 63 -0.63 -3.41 -14.82
CA THR A 63 -1.10 -2.22 -15.54
C THR A 63 -2.51 -1.77 -15.09
N LYS A 64 -3.30 -2.70 -14.53
CA LYS A 64 -4.74 -2.48 -14.23
C LYS A 64 -4.97 -1.94 -12.80
N GLY A 65 -4.18 -0.93 -12.40
CA GLY A 65 -4.38 -0.18 -11.16
C GLY A 65 -4.12 -0.99 -9.91
N ALA A 66 -2.92 -1.54 -9.81
CA ALA A 66 -2.42 -2.18 -8.59
C ALA A 66 -1.01 -1.67 -8.33
N VAL A 67 -0.69 -1.46 -7.04
CA VAL A 67 0.61 -0.95 -6.58
C VAL A 67 1.14 -1.82 -5.45
N ARG A 68 2.39 -1.56 -5.06
CA ARG A 68 3.12 -2.31 -4.03
C ARG A 68 3.81 -1.32 -3.09
N ALA A 69 3.29 -1.23 -1.86
CA ALA A 69 3.81 -0.35 -0.82
C ALA A 69 4.52 -1.15 0.26
N ARG A 70 5.78 -0.79 0.57
CA ARG A 70 6.53 -1.41 1.67
C ARG A 70 6.28 -0.63 2.97
N PHE A 71 5.54 -1.27 3.88
CA PHE A 71 5.19 -0.70 5.20
C PHE A 71 6.31 -0.96 6.21
N GLU A 72 6.54 0.05 7.07
CA GLU A 72 7.63 0.09 8.08
C GLU A 72 7.67 -1.20 8.92
N LYS A 73 6.49 -1.64 9.37
CA LYS A 73 6.32 -2.87 10.15
C LYS A 73 5.91 -4.00 9.21
N GLY A 74 4.92 -3.69 8.34
CA GLY A 74 4.35 -4.65 7.40
C GLY A 74 3.76 -5.87 8.09
N LEU A 75 2.99 -5.62 9.17
CA LEU A 75 2.40 -6.70 10.00
C LEU A 75 1.25 -7.41 9.23
N PRO A 76 1.14 -8.78 9.36
CA PRO A 76 0.08 -9.57 8.69
C PRO A 76 -1.34 -9.18 9.17
N GLY A 77 -2.21 -8.79 8.22
CA GLY A 77 -3.56 -8.33 8.52
C GLY A 77 -4.60 -9.32 8.03
N GLN A 78 -5.57 -9.64 8.91
CA GLN A 78 -6.74 -10.51 8.59
C GLN A 78 -7.86 -9.68 7.90
N ALA A 79 -7.57 -8.40 7.66
CA ALA A 79 -8.51 -7.43 7.06
C ALA A 79 -8.33 -7.34 5.52
N LEU A 80 -7.91 -8.45 4.86
CA LEU A 80 -7.83 -8.51 3.37
C LEU A 80 -9.18 -8.11 2.73
N GLY A 81 -9.20 -6.92 2.10
CA GLY A 81 -10.43 -6.32 1.53
C GLY A 81 -10.69 -4.90 2.06
N ASP A 82 -9.93 -4.51 3.10
CA ASP A 82 -10.09 -3.22 3.82
C ASP A 82 -9.58 -2.03 2.97
N TYR A 83 -9.97 -0.81 3.34
CA TYR A 83 -9.60 0.42 2.64
C TYR A 83 -8.39 1.09 3.31
N VAL A 84 -7.35 1.31 2.50
CA VAL A 84 -6.14 2.06 2.88
C VAL A 84 -6.27 3.49 2.32
N GLU A 85 -5.69 4.48 3.01
CA GLU A 85 -5.71 5.88 2.54
C GLU A 85 -4.30 6.26 2.07
N ILE A 86 -4.16 6.39 0.74
CA ILE A 86 -2.90 6.77 0.11
C ILE A 86 -2.88 8.29 0.01
N VAL A 87 -2.33 8.91 1.05
CA VAL A 87 -2.23 10.37 1.16
C VAL A 87 -0.95 10.83 0.47
N LEU A 88 -0.96 12.07 -0.05
CA LEU A 88 0.21 12.72 -0.65
C LEU A 88 1.29 12.98 0.42
N GLU A 89 2.49 13.33 -0.06
CA GLU A 89 3.71 13.41 0.76
C GLU A 89 3.61 14.59 1.77
N HIS A 90 2.94 14.32 2.91
CA HIS A 90 2.66 15.31 3.96
C HIS A 90 3.97 15.76 4.65
N HIS A 91 4.86 14.77 4.90
CA HIS A 91 6.14 14.94 5.62
C HIS A 91 5.88 15.50 7.05
N MET A 1 -4.99 15.31 -1.15
CA MET A 1 -4.64 14.02 -1.78
C MET A 1 -4.82 12.86 -0.79
N ARG A 2 -6.00 12.24 -0.80
CA ARG A 2 -6.23 10.91 -0.19
C ARG A 2 -6.89 10.03 -1.24
N ILE A 3 -6.20 8.94 -1.61
CA ILE A 3 -6.62 8.04 -2.69
C ILE A 3 -7.07 6.72 -2.06
N LYS A 4 -8.27 6.25 -2.42
CA LYS A 4 -8.91 5.10 -1.74
C LYS A 4 -8.43 3.80 -2.38
N GLY A 5 -7.82 2.94 -1.56
CA GLY A 5 -7.29 1.65 -1.99
C GLY A 5 -7.82 0.51 -1.12
N VAL A 6 -7.56 -0.73 -1.57
CA VAL A 6 -8.01 -1.95 -0.89
C VAL A 6 -6.83 -2.94 -0.81
N VAL A 7 -6.63 -3.54 0.39
CA VAL A 7 -5.62 -4.58 0.61
C VAL A 7 -6.04 -5.88 -0.11
N LEU A 8 -5.41 -6.13 -1.27
CA LEU A 8 -5.61 -7.38 -2.03
C LEU A 8 -4.95 -8.54 -1.28
N SER A 9 -3.66 -8.37 -0.95
CA SER A 9 -2.86 -9.43 -0.30
C SER A 9 -1.63 -8.83 0.42
N TYR A 10 -0.97 -9.66 1.24
CA TYR A 10 0.30 -9.34 1.89
C TYR A 10 1.42 -10.15 1.22
N ARG A 11 2.59 -9.55 1.09
CA ARG A 11 3.82 -10.23 0.67
C ARG A 11 4.92 -9.79 1.63
N ARG A 12 5.71 -10.76 2.15
CA ARG A 12 6.85 -10.46 3.03
C ARG A 12 7.99 -9.87 2.18
N SER A 13 8.87 -9.05 2.80
CA SER A 13 10.08 -8.55 2.10
C SER A 13 10.98 -9.76 1.80
N LYS A 14 11.71 -10.26 2.84
CA LYS A 14 12.67 -11.38 2.68
C LYS A 14 13.62 -11.03 1.50
N GLU A 15 14.21 -9.83 1.60
CA GLU A 15 14.82 -9.12 0.46
C GLU A 15 15.75 -8.02 0.99
N ASN A 16 15.17 -7.10 1.77
CA ASN A 16 15.88 -5.93 2.34
C ASN A 16 15.72 -5.95 3.87
N GLN A 17 14.47 -5.86 4.34
CA GLN A 17 14.11 -5.81 5.78
C GLN A 17 13.06 -6.88 6.11
N HIS A 18 12.47 -6.78 7.31
CA HIS A 18 11.38 -7.65 7.79
C HIS A 18 10.01 -6.96 7.56
N ASN A 19 10.02 -5.83 6.84
CA ASN A 19 8.81 -5.06 6.45
C ASN A 19 7.93 -5.88 5.48
N ASN A 20 6.63 -5.60 5.43
CA ASN A 20 5.71 -6.27 4.50
C ASN A 20 5.47 -5.37 3.28
N VAL A 21 5.68 -5.95 2.08
CA VAL A 21 5.36 -5.32 0.80
C VAL A 21 3.91 -5.72 0.47
N MET A 22 2.98 -4.77 0.64
CA MET A 22 1.54 -5.05 0.56
C MET A 22 1.02 -4.79 -0.86
N ILE A 23 0.28 -5.78 -1.40
CA ILE A 23 -0.40 -5.67 -2.68
C ILE A 23 -1.73 -4.91 -2.47
N ILE A 24 -1.74 -3.62 -2.84
CA ILE A 24 -2.90 -2.73 -2.74
C ILE A 24 -3.44 -2.43 -4.14
N LYS A 25 -4.76 -2.26 -4.28
CA LYS A 25 -5.38 -1.73 -5.49
C LYS A 25 -6.10 -0.41 -5.14
N PRO A 26 -5.50 0.76 -5.48
CA PRO A 26 -6.24 2.04 -5.41
C PRO A 26 -7.42 2.00 -6.40
N LEU A 27 -8.65 1.96 -5.85
CA LEU A 27 -9.91 1.85 -6.63
C LEU A 27 -10.04 2.98 -7.69
N ASP A 28 -9.48 4.15 -7.36
CA ASP A 28 -9.47 5.34 -8.25
C ASP A 28 -8.54 5.13 -9.48
N VAL A 29 -7.50 4.32 -9.30
CA VAL A 29 -6.44 4.09 -10.30
C VAL A 29 -6.59 2.70 -10.93
N ASN A 30 -6.82 2.64 -12.24
CA ASN A 30 -7.07 1.38 -12.99
C ASN A 30 -6.04 1.17 -14.10
N SER A 31 -5.04 2.07 -14.20
CA SER A 31 -4.00 2.02 -15.23
C SER A 31 -2.62 2.14 -14.57
N ARG A 32 -1.62 1.44 -15.16
CA ARG A 32 -0.22 1.44 -14.67
C ARG A 32 0.37 2.86 -14.68
N GLU A 33 0.16 3.61 -15.81
CA GLU A 33 0.77 4.94 -16.02
C GLU A 33 0.35 5.95 -14.93
N GLU A 34 -0.94 5.86 -14.54
CA GLU A 34 -1.53 6.68 -13.45
C GLU A 34 -0.78 6.39 -12.13
N ALA A 35 -0.64 5.09 -11.83
CA ALA A 35 0.05 4.60 -10.62
C ALA A 35 1.58 4.81 -10.69
N SER A 36 2.11 4.90 -11.93
CA SER A 36 3.57 4.96 -12.19
C SER A 36 4.13 6.33 -11.79
N LYS A 37 3.36 7.40 -12.08
CA LYS A 37 3.69 8.77 -11.63
C LYS A 37 3.34 8.95 -10.12
N LEU A 38 2.61 7.97 -9.57
CA LEU A 38 2.17 7.96 -8.15
C LEU A 38 3.11 7.11 -7.27
N ILE A 39 4.39 6.96 -7.67
CA ILE A 39 5.40 6.32 -6.80
C ILE A 39 6.00 7.36 -5.85
N GLY A 40 6.16 6.98 -4.56
CA GLY A 40 6.74 7.89 -3.56
C GLY A 40 5.72 8.45 -2.58
N ARG A 41 4.41 8.19 -2.83
CA ARG A 41 3.31 8.65 -1.94
C ARG A 41 3.17 7.71 -0.73
N LEU A 42 2.64 8.28 0.36
CA LEU A 42 2.48 7.59 1.64
C LEU A 42 1.10 6.91 1.70
N VAL A 43 1.02 5.76 2.37
CA VAL A 43 -0.22 4.99 2.53
C VAL A 43 -0.52 4.81 4.02
N LEU A 44 -1.73 5.20 4.44
CA LEU A 44 -2.20 5.01 5.83
C LEU A 44 -3.19 3.84 5.87
N TRP A 45 -2.69 2.68 6.29
CA TRP A 45 -3.48 1.45 6.48
C TRP A 45 -3.73 1.23 7.97
N LYS A 46 -4.88 0.64 8.30
CA LYS A 46 -5.23 0.28 9.67
C LYS A 46 -4.96 -1.23 9.85
N SER A 47 -3.91 -1.56 10.63
CA SER A 47 -3.54 -2.94 10.95
C SER A 47 -4.59 -3.60 11.87
N PRO A 48 -4.73 -4.97 11.84
CA PRO A 48 -5.58 -5.73 12.81
C PRO A 48 -5.16 -5.55 14.29
N SER A 49 -3.95 -4.97 14.50
CA SER A 49 -3.43 -4.64 15.84
C SER A 49 -4.00 -3.30 16.36
N GLY A 50 -4.78 -2.58 15.51
CA GLY A 50 -5.43 -1.31 15.89
C GLY A 50 -4.62 -0.09 15.52
N LYS A 51 -3.36 -0.30 15.11
CA LYS A 51 -2.42 0.77 14.75
C LYS A 51 -2.66 1.23 13.31
N ILE A 52 -2.30 2.49 13.01
CA ILE A 52 -2.31 3.02 11.63
C ILE A 52 -0.86 3.03 11.12
N LEU A 53 -0.56 2.05 10.25
CA LEU A 53 0.78 1.86 9.68
C LEU A 53 0.99 2.79 8.49
N LYS A 54 2.26 3.11 8.25
CA LYS A 54 2.71 4.03 7.21
C LYS A 54 3.58 3.23 6.23
N GLY A 55 3.13 3.15 4.97
CA GLY A 55 3.83 2.41 3.92
C GLY A 55 4.04 3.26 2.70
N LYS A 56 5.26 3.25 2.15
CA LYS A 56 5.56 4.03 0.94
C LYS A 56 5.59 3.11 -0.27
N ILE A 57 4.83 3.51 -1.30
CA ILE A 57 4.76 2.80 -2.58
C ILE A 57 6.11 2.89 -3.28
N VAL A 58 6.83 1.76 -3.29
CA VAL A 58 8.18 1.63 -3.89
C VAL A 58 8.08 1.36 -5.41
N ARG A 59 7.00 0.68 -5.83
CA ARG A 59 6.77 0.31 -7.23
C ARG A 59 5.32 -0.20 -7.43
N VAL A 60 4.91 -0.31 -8.69
CA VAL A 60 3.57 -0.81 -9.09
C VAL A 60 3.59 -2.34 -9.32
N HIS A 61 2.39 -2.90 -9.48
CA HIS A 61 2.14 -4.33 -9.68
C HIS A 61 1.00 -4.50 -10.69
N GLY A 62 1.34 -4.88 -11.94
CA GLY A 62 0.36 -5.07 -13.01
C GLY A 62 0.00 -3.76 -13.72
N THR A 63 -0.79 -3.86 -14.79
CA THR A 63 -1.31 -2.70 -15.55
C THR A 63 -2.69 -2.27 -15.04
N LYS A 64 -3.13 -2.88 -13.92
CA LYS A 64 -4.48 -2.70 -13.37
C LYS A 64 -4.51 -1.61 -12.29
N GLY A 65 -3.44 -0.79 -12.23
CA GLY A 65 -3.37 0.34 -11.30
C GLY A 65 -2.96 -0.04 -9.89
N ALA A 66 -2.80 -1.37 -9.64
CA ALA A 66 -2.38 -1.90 -8.33
C ALA A 66 -0.92 -1.51 -8.04
N VAL A 67 -0.64 -1.24 -6.76
CA VAL A 67 0.67 -0.74 -6.28
C VAL A 67 1.21 -1.63 -5.14
N ARG A 68 2.48 -1.40 -4.78
CA ARG A 68 3.19 -2.16 -3.73
C ARG A 68 3.81 -1.18 -2.73
N ALA A 69 3.21 -1.12 -1.52
CA ALA A 69 3.64 -0.23 -0.44
C ALA A 69 4.36 -1.01 0.65
N ARG A 70 5.59 -0.59 1.00
CA ARG A 70 6.36 -1.20 2.09
C ARG A 70 6.02 -0.50 3.41
N PHE A 71 5.23 -1.19 4.24
CA PHE A 71 4.86 -0.74 5.60
C PHE A 71 5.98 -1.11 6.56
N GLU A 72 6.35 -0.16 7.44
CA GLU A 72 7.48 -0.28 8.39
C GLU A 72 7.35 -1.53 9.29
N LYS A 73 6.10 -1.91 9.58
CA LYS A 73 5.76 -3.14 10.30
C LYS A 73 5.15 -4.15 9.32
N GLY A 74 3.99 -3.77 8.75
CA GLY A 74 3.19 -4.68 7.95
C GLY A 74 2.59 -5.79 8.79
N LEU A 75 1.83 -5.38 9.82
CA LEU A 75 1.32 -6.26 10.88
C LEU A 75 0.25 -7.24 10.32
N PRO A 76 0.36 -8.56 10.66
CA PRO A 76 -0.47 -9.62 10.03
C PRO A 76 -1.91 -9.67 10.57
N GLY A 77 -2.73 -10.55 9.99
CA GLY A 77 -4.12 -10.75 10.40
C GLY A 77 -5.06 -10.74 9.21
N GLN A 78 -6.36 -10.96 9.48
CA GLN A 78 -7.40 -10.99 8.44
C GLN A 78 -7.95 -9.56 8.21
N ALA A 79 -7.16 -8.75 7.51
CA ALA A 79 -7.55 -7.40 7.05
C ALA A 79 -7.49 -7.33 5.51
N LEU A 80 -7.69 -8.49 4.84
CA LEU A 80 -7.83 -8.56 3.37
C LEU A 80 -9.18 -7.94 2.96
N GLY A 81 -9.12 -6.76 2.32
CA GLY A 81 -10.32 -5.98 1.98
C GLY A 81 -10.37 -4.66 2.72
N ASP A 82 -9.41 -4.43 3.66
CA ASP A 82 -9.32 -3.19 4.45
C ASP A 82 -8.95 -2.01 3.54
N TYR A 83 -9.54 -0.84 3.85
CA TYR A 83 -9.41 0.36 3.02
C TYR A 83 -8.25 1.24 3.51
N VAL A 84 -7.32 1.52 2.59
CA VAL A 84 -6.17 2.38 2.85
C VAL A 84 -6.45 3.79 2.27
N GLU A 85 -5.98 4.83 2.97
CA GLU A 85 -5.98 6.20 2.44
C GLU A 85 -4.55 6.60 2.10
N ILE A 86 -4.29 6.67 0.78
CA ILE A 86 -2.96 6.94 0.25
C ILE A 86 -2.78 8.46 0.10
N VAL A 87 -2.11 9.05 1.11
CA VAL A 87 -1.92 10.50 1.20
C VAL A 87 -0.62 10.91 0.47
N LEU A 88 -0.71 11.93 -0.39
CA LEU A 88 0.46 12.55 -1.04
C LEU A 88 0.51 14.01 -0.55
N GLU A 89 1.63 14.37 0.07
CA GLU A 89 1.87 15.73 0.59
C GLU A 89 2.53 16.59 -0.50
N HIS A 90 2.24 17.90 -0.49
CA HIS A 90 2.89 18.87 -1.42
C HIS A 90 3.80 19.83 -0.62
N HIS A 91 4.99 20.11 -1.15
CA HIS A 91 5.98 21.03 -0.55
C HIS A 91 6.82 21.65 -1.69
N MET A 1 -7.25 15.00 0.99
CA MET A 1 -6.89 14.47 -0.35
C MET A 1 -6.20 13.10 -0.19
N ARG A 2 -7.02 12.03 -0.27
CA ARG A 2 -6.56 10.62 -0.19
C ARG A 2 -7.13 9.85 -1.39
N ILE A 3 -6.37 8.85 -1.86
CA ILE A 3 -6.83 7.88 -2.86
C ILE A 3 -7.09 6.54 -2.15
N LYS A 4 -8.28 5.96 -2.34
CA LYS A 4 -8.69 4.75 -1.61
C LYS A 4 -8.22 3.49 -2.36
N GLY A 5 -7.46 2.64 -1.66
CA GLY A 5 -6.94 1.39 -2.22
C GLY A 5 -7.40 0.18 -1.43
N VAL A 6 -7.82 -0.88 -2.11
CA VAL A 6 -8.30 -2.10 -1.46
C VAL A 6 -7.14 -3.06 -1.24
N VAL A 7 -7.07 -3.60 -0.02
CA VAL A 7 -6.08 -4.59 0.39
C VAL A 7 -6.32 -5.91 -0.37
N LEU A 8 -5.49 -6.16 -1.39
CA LEU A 8 -5.55 -7.40 -2.19
C LEU A 8 -4.88 -8.55 -1.39
N SER A 9 -3.60 -8.35 -1.01
CA SER A 9 -2.80 -9.37 -0.30
C SER A 9 -1.71 -8.73 0.58
N TYR A 10 -1.09 -9.58 1.42
CA TYR A 10 0.13 -9.25 2.19
C TYR A 10 1.25 -10.18 1.73
N ARG A 11 2.49 -9.69 1.76
CA ARG A 11 3.66 -10.50 1.37
C ARG A 11 4.80 -10.28 2.38
N ARG A 12 5.16 -11.37 3.08
CA ARG A 12 6.31 -11.37 3.99
C ARG A 12 7.60 -11.54 3.18
N SER A 13 8.47 -10.52 3.25
CA SER A 13 9.74 -10.50 2.53
C SER A 13 10.69 -11.60 3.08
N LYS A 14 11.26 -12.41 2.17
CA LYS A 14 12.19 -13.49 2.53
C LYS A 14 13.62 -12.92 2.69
N GLU A 15 13.75 -12.00 3.65
CA GLU A 15 15.01 -11.31 3.97
C GLU A 15 15.52 -11.76 5.34
N ASN A 16 16.72 -11.31 5.70
CA ASN A 16 17.32 -11.58 7.02
C ASN A 16 16.72 -10.64 8.08
N GLN A 17 16.48 -9.37 7.67
CA GLN A 17 15.82 -8.34 8.51
C GLN A 17 15.54 -7.08 7.65
N HIS A 18 14.35 -7.02 7.03
CA HIS A 18 13.90 -5.86 6.23
C HIS A 18 12.37 -5.66 6.38
N ASN A 19 11.85 -4.59 5.75
CA ASN A 19 10.42 -4.20 5.84
C ASN A 19 9.53 -5.17 5.05
N ASN A 20 8.23 -5.17 5.38
CA ASN A 20 7.25 -6.10 4.77
C ASN A 20 6.65 -5.48 3.50
N VAL A 21 6.21 -6.35 2.57
CA VAL A 21 5.58 -5.96 1.30
C VAL A 21 4.05 -6.15 1.42
N MET A 22 3.26 -5.37 0.66
CA MET A 22 1.78 -5.43 0.71
C MET A 22 1.20 -5.06 -0.67
N ILE A 23 0.30 -5.91 -1.17
CA ILE A 23 -0.33 -5.76 -2.50
C ILE A 23 -1.65 -5.00 -2.35
N ILE A 24 -1.68 -3.77 -2.87
CA ILE A 24 -2.84 -2.86 -2.78
C ILE A 24 -3.22 -2.41 -4.19
N LYS A 25 -4.51 -2.13 -4.43
CA LYS A 25 -4.98 -1.59 -5.72
C LYS A 25 -5.94 -0.41 -5.47
N PRO A 26 -5.58 0.83 -5.92
CA PRO A 26 -6.48 2.00 -5.83
C PRO A 26 -7.67 1.82 -6.80
N LEU A 27 -8.91 1.94 -6.28
CA LEU A 27 -10.15 1.79 -7.10
C LEU A 27 -10.34 2.98 -8.05
N ASP A 28 -9.85 4.16 -7.62
CA ASP A 28 -9.89 5.40 -8.42
C ASP A 28 -8.92 5.32 -9.63
N VAL A 29 -7.94 4.40 -9.54
CA VAL A 29 -6.92 4.18 -10.57
C VAL A 29 -7.19 2.83 -11.28
N ASN A 30 -6.84 2.75 -12.59
CA ASN A 30 -7.01 1.53 -13.40
C ASN A 30 -5.88 1.35 -14.43
N SER A 31 -4.93 2.30 -14.47
CA SER A 31 -3.84 2.33 -15.46
C SER A 31 -2.48 2.47 -14.77
N ARG A 32 -1.44 1.85 -15.38
CA ARG A 32 -0.08 1.81 -14.81
C ARG A 32 0.55 3.22 -14.71
N GLU A 33 0.24 4.12 -15.68
CA GLU A 33 0.73 5.51 -15.70
C GLU A 33 0.31 6.28 -14.42
N GLU A 34 -0.92 6.00 -13.97
CA GLU A 34 -1.50 6.60 -12.75
C GLU A 34 -0.80 6.03 -11.51
N ALA A 35 -0.61 4.70 -11.49
CA ALA A 35 0.14 4.00 -10.43
C ALA A 35 1.61 4.50 -10.36
N SER A 36 2.13 4.92 -11.53
CA SER A 36 3.53 5.36 -11.71
C SER A 36 3.75 6.77 -11.13
N LYS A 37 2.69 7.62 -11.15
CA LYS A 37 2.75 8.95 -10.50
C LYS A 37 2.39 8.85 -9.00
N LEU A 38 2.07 7.62 -8.53
CA LEU A 38 1.83 7.33 -7.11
C LEU A 38 3.11 6.89 -6.39
N ILE A 39 4.20 6.64 -7.16
CA ILE A 39 5.49 6.20 -6.60
C ILE A 39 6.07 7.29 -5.68
N GLY A 40 6.27 6.95 -4.41
CA GLY A 40 6.85 7.87 -3.42
C GLY A 40 5.82 8.46 -2.47
N ARG A 41 4.54 8.10 -2.65
CA ARG A 41 3.45 8.59 -1.78
C ARG A 41 3.25 7.65 -0.58
N LEU A 42 2.60 8.20 0.45
CA LEU A 42 2.39 7.52 1.74
C LEU A 42 1.08 6.72 1.71
N VAL A 43 1.09 5.56 2.38
CA VAL A 43 -0.08 4.68 2.51
C VAL A 43 -0.34 4.43 4.01
N LEU A 44 -1.48 4.90 4.50
CA LEU A 44 -1.89 4.72 5.89
C LEU A 44 -2.96 3.61 5.97
N TRP A 45 -2.54 2.44 6.46
CA TRP A 45 -3.45 1.30 6.70
C TRP A 45 -3.63 1.12 8.21
N LYS A 46 -4.85 0.74 8.62
CA LYS A 46 -5.16 0.42 10.01
C LYS A 46 -5.11 -1.10 10.19
N SER A 47 -4.22 -1.55 11.05
CA SER A 47 -4.11 -2.96 11.43
C SER A 47 -5.21 -3.30 12.47
N PRO A 48 -5.66 -4.60 12.55
CA PRO A 48 -6.56 -5.07 13.64
C PRO A 48 -5.88 -5.06 15.03
N SER A 49 -4.54 -4.80 15.04
CA SER A 49 -3.74 -4.56 16.25
C SER A 49 -4.08 -3.18 16.88
N GLY A 50 -4.73 -2.30 16.09
CA GLY A 50 -5.11 -0.95 16.54
C GLY A 50 -4.07 0.11 16.20
N LYS A 51 -3.16 -0.24 15.29
CA LYS A 51 -2.04 0.64 14.89
C LYS A 51 -2.27 1.15 13.47
N ILE A 52 -1.76 2.34 13.18
CA ILE A 52 -1.71 2.88 11.82
C ILE A 52 -0.34 2.54 11.24
N LEU A 53 -0.28 1.47 10.46
CA LEU A 53 0.94 1.04 9.78
C LEU A 53 1.17 1.91 8.55
N LYS A 54 2.35 2.51 8.48
CA LYS A 54 2.75 3.40 7.39
C LYS A 54 3.55 2.61 6.36
N GLY A 55 3.10 2.72 5.11
CA GLY A 55 3.76 2.12 3.95
C GLY A 55 4.00 3.16 2.89
N LYS A 56 4.65 2.76 1.81
CA LYS A 56 4.94 3.66 0.69
C LYS A 56 4.95 2.88 -0.61
N ILE A 57 4.30 3.45 -1.63
CA ILE A 57 4.26 2.90 -2.97
C ILE A 57 5.67 2.98 -3.60
N VAL A 58 6.41 1.87 -3.48
CA VAL A 58 7.81 1.76 -3.94
C VAL A 58 7.88 1.34 -5.40
N ARG A 59 6.82 0.65 -5.86
CA ARG A 59 6.74 0.10 -7.21
C ARG A 59 5.27 0.04 -7.66
N VAL A 60 5.08 -0.13 -8.97
CA VAL A 60 3.76 -0.42 -9.56
C VAL A 60 3.60 -1.94 -9.66
N HIS A 61 2.38 -2.38 -9.95
CA HIS A 61 2.04 -3.80 -10.06
C HIS A 61 1.04 -3.97 -11.20
N GLY A 62 1.56 -4.49 -12.34
CA GLY A 62 0.74 -4.73 -13.53
C GLY A 62 0.29 -3.45 -14.23
N THR A 63 -0.60 -3.64 -15.21
CA THR A 63 -1.22 -2.54 -15.97
C THR A 63 -2.59 -2.15 -15.37
N LYS A 64 -2.98 -2.83 -14.28
CA LYS A 64 -4.31 -2.70 -13.63
C LYS A 64 -4.38 -1.48 -12.70
N GLY A 65 -3.27 -0.71 -12.63
CA GLY A 65 -3.18 0.45 -11.76
C GLY A 65 -2.89 0.09 -10.31
N ALA A 66 -2.63 -1.21 -10.08
CA ALA A 66 -2.30 -1.72 -8.75
C ALA A 66 -0.88 -1.25 -8.35
N VAL A 67 -0.69 -1.04 -7.05
CA VAL A 67 0.56 -0.50 -6.49
C VAL A 67 1.18 -1.47 -5.46
N ARG A 68 2.50 -1.61 -5.49
CA ARG A 68 3.24 -2.43 -4.52
C ARG A 68 3.79 -1.50 -3.43
N ALA A 69 3.14 -1.52 -2.25
CA ALA A 69 3.48 -0.66 -1.12
C ALA A 69 4.19 -1.46 -0.02
N ARG A 70 5.38 -1.01 0.41
CA ARG A 70 6.13 -1.64 1.49
C ARG A 70 5.96 -0.86 2.79
N PHE A 71 5.53 -1.56 3.84
CA PHE A 71 5.24 -0.99 5.16
C PHE A 71 6.48 -1.08 6.06
N GLU A 72 6.88 0.08 6.61
CA GLU A 72 8.08 0.23 7.46
C GLU A 72 7.98 -0.63 8.74
N LYS A 73 6.75 -0.86 9.19
CA LYS A 73 6.48 -1.71 10.36
C LYS A 73 6.01 -3.08 9.87
N GLY A 74 4.81 -3.11 9.26
CA GLY A 74 4.23 -4.35 8.76
C GLY A 74 3.95 -5.37 9.85
N LEU A 75 3.14 -4.95 10.85
CA LEU A 75 2.65 -5.83 11.93
C LEU A 75 1.64 -6.87 11.38
N PRO A 76 1.46 -8.04 12.08
CA PRO A 76 0.49 -9.08 11.69
C PRO A 76 -0.98 -8.56 11.69
N GLY A 77 -1.74 -8.97 10.67
CA GLY A 77 -3.15 -8.60 10.54
C GLY A 77 -3.70 -8.94 9.16
N GLN A 78 -4.96 -9.42 9.13
CA GLN A 78 -5.65 -9.83 7.90
C GLN A 78 -6.93 -9.00 7.72
N ALA A 79 -6.83 -7.94 6.92
CA ALA A 79 -7.93 -7.02 6.60
C ALA A 79 -8.22 -7.01 5.09
N LEU A 80 -7.98 -8.14 4.40
CA LEU A 80 -8.27 -8.30 2.94
C LEU A 80 -9.67 -7.75 2.56
N GLY A 81 -9.70 -6.67 1.76
CA GLY A 81 -10.95 -6.00 1.34
C GLY A 81 -11.08 -4.58 1.88
N ASP A 82 -10.27 -4.25 2.89
CA ASP A 82 -10.29 -2.94 3.59
C ASP A 82 -9.65 -1.82 2.74
N TYR A 83 -10.00 -0.57 3.07
CA TYR A 83 -9.56 0.61 2.32
C TYR A 83 -8.40 1.32 3.04
N VAL A 84 -7.31 1.55 2.31
CA VAL A 84 -6.13 2.28 2.78
C VAL A 84 -6.19 3.72 2.25
N GLU A 85 -5.47 4.62 2.92
CA GLU A 85 -5.39 6.03 2.52
C GLU A 85 -4.05 6.31 1.84
N ILE A 86 -4.07 6.51 0.52
CA ILE A 86 -2.89 6.91 -0.24
C ILE A 86 -2.81 8.44 -0.19
N VAL A 87 -2.04 8.92 0.79
CA VAL A 87 -1.86 10.35 1.05
C VAL A 87 -0.67 10.86 0.22
N LEU A 88 -0.82 12.05 -0.38
CA LEU A 88 0.30 12.75 -1.00
C LEU A 88 1.26 13.16 0.13
N GLU A 89 2.41 12.47 0.22
CA GLU A 89 3.45 12.82 1.19
C GLU A 89 4.33 13.94 0.62
N HIS A 90 4.36 15.09 1.32
CA HIS A 90 5.18 16.24 0.93
C HIS A 90 6.67 15.90 1.14
N HIS A 91 7.34 15.47 0.07
CA HIS A 91 8.80 15.32 0.04
C HIS A 91 9.42 16.71 -0.21
N MET A 1 -6.40 15.66 0.70
CA MET A 1 -6.46 14.81 -0.51
C MET A 1 -5.79 13.45 -0.23
N ARG A 2 -6.63 12.46 0.11
CA ARG A 2 -6.25 11.06 0.32
C ARG A 2 -6.92 10.19 -0.75
N ILE A 3 -6.16 9.29 -1.37
CA ILE A 3 -6.64 8.41 -2.44
C ILE A 3 -7.06 7.06 -1.82
N LYS A 4 -8.21 6.54 -2.26
CA LYS A 4 -8.84 5.37 -1.63
C LYS A 4 -8.30 4.09 -2.29
N GLY A 5 -7.80 3.16 -1.45
CA GLY A 5 -7.24 1.89 -1.90
C GLY A 5 -7.83 0.71 -1.14
N VAL A 6 -7.46 -0.52 -1.55
CA VAL A 6 -7.91 -1.78 -0.94
C VAL A 6 -6.74 -2.78 -0.87
N VAL A 7 -6.56 -3.39 0.32
CA VAL A 7 -5.54 -4.43 0.54
C VAL A 7 -5.88 -5.72 -0.24
N LEU A 8 -5.11 -5.98 -1.32
CA LEU A 8 -5.26 -7.19 -2.13
C LEU A 8 -4.55 -8.38 -1.44
N SER A 9 -3.26 -8.18 -1.13
CA SER A 9 -2.40 -9.26 -0.59
C SER A 9 -1.18 -8.67 0.15
N TYR A 10 -0.40 -9.56 0.81
CA TYR A 10 0.88 -9.21 1.43
C TYR A 10 1.99 -10.10 0.83
N ARG A 11 3.25 -9.66 0.97
CA ARG A 11 4.42 -10.54 0.83
C ARG A 11 5.38 -10.19 1.96
N ARG A 12 5.48 -11.09 2.95
CA ARG A 12 6.24 -10.85 4.18
C ARG A 12 7.64 -11.46 4.11
N SER A 13 8.64 -10.64 4.47
CA SER A 13 10.02 -11.06 4.61
C SER A 13 10.21 -11.70 6.00
N LYS A 14 10.39 -13.03 6.03
CA LYS A 14 10.55 -13.79 7.30
C LYS A 14 12.00 -13.69 7.83
N GLU A 15 12.92 -13.21 6.96
CA GLU A 15 14.34 -12.94 7.32
C GLU A 15 14.49 -11.57 8.01
N ASN A 16 13.44 -10.74 7.90
CA ASN A 16 13.41 -9.36 8.40
C ASN A 16 11.98 -8.83 8.26
N GLN A 17 11.19 -8.88 9.36
CA GLN A 17 9.78 -8.44 9.34
C GLN A 17 9.69 -6.90 9.53
N HIS A 18 10.27 -6.20 8.56
CA HIS A 18 10.28 -4.74 8.42
C HIS A 18 10.14 -4.46 6.92
N ASN A 19 9.57 -3.30 6.57
CA ASN A 19 9.40 -2.86 5.16
C ASN A 19 8.52 -3.87 4.37
N ASN A 20 7.56 -4.50 5.09
CA ASN A 20 6.68 -5.56 4.53
C ASN A 20 5.88 -5.06 3.32
N VAL A 21 5.67 -5.94 2.35
CA VAL A 21 4.95 -5.60 1.11
C VAL A 21 3.45 -5.82 1.32
N MET A 22 2.67 -4.83 0.87
CA MET A 22 1.23 -4.92 0.77
C MET A 22 0.84 -4.44 -0.62
N ILE A 23 0.33 -5.37 -1.44
CA ILE A 23 -0.19 -5.04 -2.76
C ILE A 23 -1.60 -4.44 -2.59
N ILE A 24 -1.70 -3.15 -2.89
CA ILE A 24 -2.95 -2.37 -2.75
C ILE A 24 -3.50 -2.03 -4.13
N LYS A 25 -4.81 -2.15 -4.31
CA LYS A 25 -5.51 -1.61 -5.48
C LYS A 25 -6.12 -0.25 -5.09
N PRO A 26 -5.52 0.90 -5.53
CA PRO A 26 -6.17 2.20 -5.40
C PRO A 26 -7.38 2.23 -6.36
N LEU A 27 -8.59 2.25 -5.80
CA LEU A 27 -9.85 2.10 -6.56
C LEU A 27 -10.05 3.24 -7.58
N ASP A 28 -9.47 4.41 -7.26
CA ASP A 28 -9.48 5.58 -8.16
C ASP A 28 -8.57 5.35 -9.40
N VAL A 29 -7.54 4.51 -9.21
CA VAL A 29 -6.54 4.16 -10.24
C VAL A 29 -6.91 2.81 -10.88
N ASN A 30 -6.63 2.66 -12.18
CA ASN A 30 -6.89 1.40 -12.92
C ASN A 30 -5.98 1.36 -14.18
N SER A 31 -4.78 1.94 -14.08
CA SER A 31 -3.74 1.85 -15.13
C SER A 31 -2.33 1.91 -14.49
N ARG A 32 -1.40 1.10 -15.03
CA ARG A 32 0.02 1.10 -14.59
C ARG A 32 0.68 2.45 -14.84
N GLU A 33 0.26 3.14 -15.93
CA GLU A 33 0.71 4.50 -16.27
C GLU A 33 0.54 5.44 -15.05
N GLU A 34 -0.70 5.43 -14.50
CA GLU A 34 -1.08 6.20 -13.30
C GLU A 34 -0.22 5.78 -12.10
N ALA A 35 -0.18 4.45 -11.85
CA ALA A 35 0.56 3.84 -10.72
C ALA A 35 2.06 4.23 -10.73
N SER A 36 2.64 4.28 -11.95
CA SER A 36 4.09 4.49 -12.17
C SER A 36 4.46 5.97 -11.97
N LYS A 37 3.51 6.89 -12.24
CA LYS A 37 3.68 8.32 -11.97
C LYS A 37 3.11 8.70 -10.59
N LEU A 38 2.63 7.69 -9.85
CA LEU A 38 2.13 7.82 -8.47
C LEU A 38 3.04 7.07 -7.49
N ILE A 39 4.30 6.86 -7.88
CA ILE A 39 5.32 6.27 -6.99
C ILE A 39 5.84 7.35 -6.04
N GLY A 40 5.90 7.03 -4.73
CA GLY A 40 6.54 7.90 -3.72
C GLY A 40 5.57 8.44 -2.70
N ARG A 41 4.25 8.34 -2.98
CA ARG A 41 3.20 8.87 -2.08
C ARG A 41 3.03 7.93 -0.87
N LEU A 42 2.51 8.50 0.24
CA LEU A 42 2.38 7.83 1.53
C LEU A 42 1.03 7.12 1.62
N VAL A 43 0.96 6.06 2.46
CA VAL A 43 -0.26 5.27 2.69
C VAL A 43 -0.43 5.08 4.21
N LEU A 44 -1.68 5.08 4.69
CA LEU A 44 -2.02 4.87 6.11
C LEU A 44 -3.06 3.76 6.20
N TRP A 45 -2.71 2.66 6.87
CA TRP A 45 -3.59 1.50 7.08
C TRP A 45 -3.59 1.12 8.57
N LYS A 46 -4.78 0.92 9.13
CA LYS A 46 -4.96 0.51 10.52
C LYS A 46 -4.81 -1.02 10.62
N SER A 47 -3.82 -1.49 11.39
CA SER A 47 -3.57 -2.92 11.62
C SER A 47 -4.71 -3.58 12.43
N PRO A 48 -4.83 -4.95 12.45
CA PRO A 48 -5.73 -5.67 13.41
C PRO A 48 -5.28 -5.48 14.88
N SER A 49 -4.05 -4.96 15.07
CA SER A 49 -3.50 -4.58 16.39
C SER A 49 -3.93 -3.14 16.77
N GLY A 50 -4.56 -2.42 15.81
CA GLY A 50 -5.15 -1.09 16.06
C GLY A 50 -4.25 0.07 15.65
N LYS A 51 -2.95 -0.20 15.54
CA LYS A 51 -1.94 0.81 15.22
C LYS A 51 -1.96 1.16 13.72
N ILE A 52 -1.96 2.46 13.43
CA ILE A 52 -1.94 2.97 12.04
C ILE A 52 -0.51 2.86 11.49
N LEU A 53 -0.31 1.84 10.66
CA LEU A 53 0.97 1.59 9.98
C LEU A 53 1.13 2.56 8.80
N LYS A 54 2.33 3.13 8.67
CA LYS A 54 2.66 4.01 7.53
C LYS A 54 3.40 3.18 6.46
N GLY A 55 2.97 3.35 5.22
CA GLY A 55 3.60 2.69 4.07
C GLY A 55 3.88 3.69 2.97
N LYS A 56 4.64 3.28 1.96
CA LYS A 56 4.92 4.14 0.80
C LYS A 56 5.00 3.28 -0.45
N ILE A 57 4.34 3.78 -1.50
CA ILE A 57 4.29 3.11 -2.81
C ILE A 57 5.66 3.23 -3.49
N VAL A 58 6.40 2.13 -3.45
CA VAL A 58 7.78 2.05 -3.96
C VAL A 58 7.83 1.46 -5.38
N ARG A 59 6.76 0.74 -5.78
CA ARG A 59 6.73 -0.02 -7.03
C ARG A 59 5.27 -0.17 -7.54
N VAL A 60 5.11 -0.63 -8.79
CA VAL A 60 3.78 -0.91 -9.40
C VAL A 60 3.49 -2.42 -9.35
N HIS A 61 2.23 -2.78 -9.67
CA HIS A 61 1.79 -4.19 -9.75
C HIS A 61 0.82 -4.34 -10.94
N GLY A 62 1.33 -4.92 -12.05
CA GLY A 62 0.53 -5.18 -13.25
C GLY A 62 0.12 -3.90 -13.99
N THR A 63 -0.73 -4.07 -15.00
CA THR A 63 -1.32 -2.96 -15.78
C THR A 63 -2.67 -2.50 -15.18
N LYS A 64 -3.06 -3.10 -14.04
CA LYS A 64 -4.38 -2.93 -13.41
C LYS A 64 -4.43 -1.68 -12.49
N GLY A 65 -3.28 -0.98 -12.35
CA GLY A 65 -3.21 0.21 -11.50
C GLY A 65 -2.94 -0.12 -10.04
N ALA A 66 -2.85 -1.42 -9.73
CA ALA A 66 -2.47 -1.89 -8.41
C ALA A 66 -1.02 -1.47 -8.12
N VAL A 67 -0.79 -0.98 -6.91
CA VAL A 67 0.52 -0.49 -6.47
C VAL A 67 1.11 -1.41 -5.38
N ARG A 68 2.43 -1.36 -5.24
CA ARG A 68 3.17 -2.07 -4.18
C ARG A 68 3.66 -1.05 -3.14
N ALA A 69 3.04 -1.10 -1.95
CA ALA A 69 3.40 -0.23 -0.83
C ALA A 69 4.14 -1.03 0.25
N ARG A 70 5.37 -0.61 0.59
CA ARG A 70 6.15 -1.18 1.70
C ARG A 70 5.80 -0.43 2.99
N PHE A 71 5.11 -1.12 3.92
CA PHE A 71 4.78 -0.59 5.25
C PHE A 71 5.92 -0.86 6.26
N GLU A 72 6.09 0.09 7.21
CA GLU A 72 7.12 0.05 8.26
C GLU A 72 7.15 -1.32 9.00
N LYS A 73 5.96 -1.77 9.38
CA LYS A 73 5.76 -3.02 10.12
C LYS A 73 5.13 -4.04 9.18
N GLY A 74 3.94 -3.64 8.65
CA GLY A 74 3.15 -4.51 7.81
C GLY A 74 2.66 -5.74 8.58
N LEU A 75 1.94 -5.49 9.69
CA LEU A 75 1.41 -6.55 10.54
C LEU A 75 0.32 -7.33 9.79
N PRO A 76 0.57 -8.64 9.51
CA PRO A 76 -0.32 -9.49 8.69
C PRO A 76 -1.66 -9.77 9.39
N GLY A 77 -2.63 -10.23 8.61
CA GLY A 77 -3.98 -10.51 9.10
C GLY A 77 -4.93 -10.82 7.95
N GLN A 78 -6.12 -11.31 8.27
CA GLN A 78 -7.15 -11.67 7.27
C GLN A 78 -8.01 -10.45 6.87
N ALA A 79 -7.42 -9.24 6.95
CA ALA A 79 -8.07 -7.96 6.59
C ALA A 79 -7.97 -7.68 5.08
N LEU A 80 -7.79 -8.74 4.28
CA LEU A 80 -7.78 -8.67 2.81
C LEU A 80 -9.16 -8.19 2.31
N GLY A 81 -9.18 -6.99 1.71
CA GLY A 81 -10.42 -6.34 1.25
C GLY A 81 -10.68 -5.01 1.96
N ASP A 82 -9.84 -4.68 2.96
CA ASP A 82 -9.99 -3.46 3.78
C ASP A 82 -9.43 -2.23 3.06
N TYR A 83 -9.96 -1.03 3.37
CA TYR A 83 -9.57 0.22 2.72
C TYR A 83 -8.34 0.85 3.40
N VAL A 84 -7.48 1.48 2.56
CA VAL A 84 -6.34 2.30 3.01
C VAL A 84 -6.57 3.76 2.57
N GLU A 85 -5.90 4.70 3.25
CA GLU A 85 -5.93 6.13 2.87
C GLU A 85 -4.52 6.55 2.42
N ILE A 86 -4.37 6.81 1.12
CA ILE A 86 -3.09 7.13 0.50
C ILE A 86 -2.88 8.66 0.55
N VAL A 87 -2.10 9.10 1.55
CA VAL A 87 -1.81 10.51 1.79
C VAL A 87 -0.71 10.99 0.82
N LEU A 88 -0.89 12.18 0.23
CA LEU A 88 0.12 12.77 -0.64
C LEU A 88 1.23 13.39 0.26
N GLU A 89 2.35 12.67 0.41
CA GLU A 89 3.57 13.16 1.09
C GLU A 89 4.80 12.73 0.30
N HIS A 90 5.73 13.69 0.13
CA HIS A 90 7.07 13.43 -0.43
C HIS A 90 7.99 12.88 0.68
N HIS A 91 7.59 13.18 1.93
CA HIS A 91 8.28 12.75 3.16
C HIS A 91 8.28 11.21 3.28
N MET A 1 -6.84 14.74 -1.78
CA MET A 1 -5.65 14.48 -0.94
C MET A 1 -5.49 12.96 -0.72
N ARG A 2 -6.53 12.31 -0.16
CA ARG A 2 -6.52 10.85 0.09
C ARG A 2 -7.33 10.09 -0.99
N ILE A 3 -6.69 9.06 -1.58
CA ILE A 3 -7.33 8.14 -2.56
C ILE A 3 -7.68 6.83 -1.82
N LYS A 4 -8.79 6.18 -2.19
CA LYS A 4 -9.22 4.91 -1.55
C LYS A 4 -8.60 3.73 -2.32
N GLY A 5 -7.89 2.85 -1.59
CA GLY A 5 -7.29 1.63 -2.16
C GLY A 5 -7.75 0.40 -1.40
N VAL A 6 -7.82 -0.76 -2.08
CA VAL A 6 -8.20 -2.03 -1.43
C VAL A 6 -6.97 -2.86 -1.08
N VAL A 7 -6.99 -3.41 0.14
CA VAL A 7 -6.01 -4.38 0.64
C VAL A 7 -6.18 -5.71 -0.12
N LEU A 8 -5.26 -5.98 -1.05
CA LEU A 8 -5.30 -7.22 -1.85
C LEU A 8 -4.66 -8.37 -1.06
N SER A 9 -3.37 -8.22 -0.70
CA SER A 9 -2.58 -9.26 -0.01
C SER A 9 -1.44 -8.66 0.83
N TYR A 10 -0.80 -9.52 1.66
CA TYR A 10 0.43 -9.20 2.42
C TYR A 10 1.51 -10.21 2.05
N ARG A 11 2.76 -9.73 1.96
CA ARG A 11 3.93 -10.55 1.72
C ARG A 11 5.05 -10.11 2.66
N ARG A 12 5.50 -11.01 3.54
CA ARG A 12 6.66 -10.75 4.41
C ARG A 12 7.95 -10.81 3.59
N SER A 13 8.92 -9.97 3.94
CA SER A 13 10.28 -10.01 3.39
C SER A 13 11.27 -10.46 4.47
N LYS A 14 10.89 -10.23 5.75
CA LYS A 14 11.62 -10.73 6.91
C LYS A 14 10.69 -10.82 8.14
N GLU A 15 11.01 -11.79 9.04
CA GLU A 15 10.31 -12.02 10.32
C GLU A 15 10.39 -10.80 11.25
N ASN A 16 11.61 -10.25 11.41
CA ASN A 16 11.85 -9.10 12.33
C ASN A 16 11.36 -7.78 11.70
N GLN A 17 11.38 -6.71 12.53
CA GLN A 17 10.88 -5.37 12.17
C GLN A 17 11.61 -4.81 10.92
N HIS A 18 10.95 -4.98 9.77
CA HIS A 18 11.49 -4.65 8.43
C HIS A 18 10.35 -4.21 7.51
N ASN A 19 10.68 -3.42 6.46
CA ASN A 19 9.71 -3.04 5.42
C ASN A 19 9.26 -4.28 4.61
N ASN A 20 8.17 -4.91 5.08
CA ASN A 20 7.52 -6.05 4.39
C ASN A 20 6.54 -5.48 3.36
N VAL A 21 6.23 -6.26 2.34
CA VAL A 21 5.44 -5.82 1.18
C VAL A 21 3.94 -6.02 1.49
N MET A 22 3.10 -5.13 0.96
CA MET A 22 1.66 -5.22 1.07
C MET A 22 1.07 -4.84 -0.29
N ILE A 23 0.46 -5.83 -0.94
CA ILE A 23 -0.14 -5.68 -2.27
C ILE A 23 -1.46 -4.90 -2.11
N ILE A 24 -1.48 -3.67 -2.64
CA ILE A 24 -2.65 -2.76 -2.61
C ILE A 24 -3.00 -2.40 -4.07
N LYS A 25 -4.21 -1.88 -4.30
CA LYS A 25 -4.52 -1.18 -5.56
C LYS A 25 -5.53 -0.04 -5.26
N PRO A 26 -5.28 1.21 -5.76
CA PRO A 26 -6.28 2.30 -5.68
C PRO A 26 -7.46 2.01 -6.65
N LEU A 27 -8.70 2.06 -6.12
CA LEU A 27 -9.94 1.79 -6.91
C LEU A 27 -10.10 2.76 -8.09
N ASP A 28 -9.71 4.03 -7.87
CA ASP A 28 -9.81 5.09 -8.89
C ASP A 28 -8.72 4.91 -9.96
N VAL A 29 -7.57 4.33 -9.56
CA VAL A 29 -6.43 4.07 -10.44
C VAL A 29 -6.60 2.70 -11.12
N ASN A 30 -7.10 2.74 -12.35
CA ASN A 30 -7.31 1.56 -13.23
C ASN A 30 -6.18 1.47 -14.28
N SER A 31 -5.30 2.50 -14.32
CA SER A 31 -4.21 2.61 -15.30
C SER A 31 -2.85 2.60 -14.59
N ARG A 32 -1.82 2.02 -15.26
CA ARG A 32 -0.46 1.96 -14.73
C ARG A 32 0.16 3.37 -14.60
N GLU A 33 -0.18 4.28 -15.54
CA GLU A 33 0.34 5.66 -15.54
C GLU A 33 -0.04 6.37 -14.24
N GLU A 34 -1.30 6.16 -13.84
CA GLU A 34 -1.88 6.75 -12.62
C GLU A 34 -1.25 6.12 -11.36
N ALA A 35 -0.86 4.85 -11.46
CA ALA A 35 -0.16 4.12 -10.38
C ALA A 35 1.34 4.52 -10.29
N SER A 36 1.94 4.80 -11.46
CA SER A 36 3.40 4.97 -11.63
C SER A 36 3.85 6.36 -11.19
N LYS A 37 2.93 7.33 -11.25
CA LYS A 37 3.18 8.69 -10.74
C LYS A 37 3.07 8.72 -9.19
N LEU A 38 2.51 7.64 -8.61
CA LEU A 38 2.33 7.49 -7.16
C LEU A 38 3.57 6.84 -6.50
N ILE A 39 4.67 6.63 -7.25
CA ILE A 39 5.94 6.16 -6.65
C ILE A 39 6.47 7.26 -5.70
N GLY A 40 6.29 7.04 -4.38
CA GLY A 40 6.67 8.03 -3.36
C GLY A 40 5.48 8.54 -2.54
N ARG A 41 4.25 8.04 -2.82
CA ARG A 41 3.04 8.42 -2.06
C ARG A 41 3.03 7.73 -0.67
N LEU A 42 2.29 8.34 0.28
CA LEU A 42 2.14 7.78 1.63
C LEU A 42 0.84 6.94 1.70
N VAL A 43 0.89 5.85 2.46
CA VAL A 43 -0.29 5.03 2.77
C VAL A 43 -0.48 5.04 4.30
N LEU A 44 -1.68 5.41 4.76
CA LEU A 44 -2.07 5.35 6.17
C LEU A 44 -3.21 4.32 6.30
N TRP A 45 -2.92 3.17 6.90
CA TRP A 45 -3.93 2.14 7.15
C TRP A 45 -3.84 1.68 8.61
N LYS A 46 -4.92 1.91 9.36
CA LYS A 46 -5.02 1.54 10.77
C LYS A 46 -5.49 0.07 10.89
N SER A 47 -4.54 -0.81 11.24
CA SER A 47 -4.79 -2.25 11.44
C SER A 47 -5.75 -2.52 12.63
N PRO A 48 -6.49 -3.68 12.63
CA PRO A 48 -7.25 -4.18 13.81
C PRO A 48 -6.32 -4.58 14.99
N SER A 49 -4.99 -4.60 14.74
CA SER A 49 -3.94 -4.69 15.79
C SER A 49 -4.02 -3.47 16.74
N GLY A 50 -4.52 -2.34 16.20
CA GLY A 50 -4.58 -1.06 16.90
C GLY A 50 -3.40 -0.17 16.57
N LYS A 51 -2.81 -0.39 15.38
CA LYS A 51 -1.58 0.29 14.92
C LYS A 51 -1.82 0.97 13.58
N ILE A 52 -1.27 2.19 13.44
CA ILE A 52 -1.28 2.94 12.18
C ILE A 52 -0.09 2.47 11.32
N LEU A 53 -0.37 1.50 10.43
CA LEU A 53 0.64 0.98 9.49
C LEU A 53 0.85 2.01 8.37
N LYS A 54 2.05 2.62 8.35
CA LYS A 54 2.45 3.56 7.30
C LYS A 54 3.30 2.84 6.25
N GLY A 55 3.01 3.11 4.96
CA GLY A 55 3.69 2.46 3.83
C GLY A 55 3.95 3.40 2.67
N LYS A 56 4.74 2.92 1.69
CA LYS A 56 5.10 3.67 0.49
C LYS A 56 5.40 2.70 -0.67
N ILE A 57 4.98 3.08 -1.90
CA ILE A 57 5.18 2.24 -3.09
C ILE A 57 6.68 2.20 -3.48
N VAL A 58 7.25 0.99 -3.53
CA VAL A 58 8.61 0.75 -4.03
C VAL A 58 8.58 0.55 -5.57
N ARG A 59 7.50 -0.08 -6.08
CA ARG A 59 7.30 -0.33 -7.51
C ARG A 59 5.84 -0.77 -7.78
N VAL A 60 5.32 -0.45 -8.97
CA VAL A 60 3.95 -0.82 -9.37
C VAL A 60 3.96 -2.19 -10.07
N HIS A 61 2.77 -2.74 -10.30
CA HIS A 61 2.60 -4.07 -10.89
C HIS A 61 1.49 -4.00 -11.96
N GLY A 62 1.94 -3.96 -13.24
CA GLY A 62 1.05 -4.01 -14.41
C GLY A 62 0.11 -2.80 -14.58
N THR A 63 -0.81 -2.94 -15.55
CA THR A 63 -1.81 -1.90 -15.90
C THR A 63 -3.14 -2.12 -15.16
N LYS A 64 -3.13 -2.99 -14.16
CA LYS A 64 -4.30 -3.29 -13.31
C LYS A 64 -4.56 -2.14 -12.32
N GLY A 65 -3.54 -1.27 -12.12
CA GLY A 65 -3.57 -0.23 -11.10
C GLY A 65 -2.96 -0.71 -9.79
N ALA A 66 -2.60 -2.01 -9.75
CA ALA A 66 -2.02 -2.66 -8.58
C ALA A 66 -0.59 -2.17 -8.34
N VAL A 67 -0.26 -2.00 -7.04
CA VAL A 67 1.01 -1.44 -6.59
C VAL A 67 1.56 -2.28 -5.42
N ARG A 68 2.88 -2.27 -5.27
CA ARG A 68 3.58 -2.94 -4.16
C ARG A 68 4.09 -1.84 -3.21
N ALA A 69 3.36 -1.67 -2.09
CA ALA A 69 3.68 -0.68 -1.07
C ALA A 69 4.24 -1.40 0.16
N ARG A 70 5.51 -1.12 0.51
CA ARG A 70 6.13 -1.71 1.69
C ARG A 70 5.87 -0.83 2.91
N PHE A 71 5.44 -1.46 3.99
CA PHE A 71 5.08 -0.81 5.25
C PHE A 71 6.22 -0.98 6.26
N GLU A 72 6.56 0.12 6.95
CA GLU A 72 7.65 0.17 7.94
C GLU A 72 7.47 -0.93 9.02
N LYS A 73 6.22 -1.05 9.50
CA LYS A 73 5.84 -2.05 10.52
C LYS A 73 5.70 -3.42 9.85
N GLY A 74 5.05 -3.41 8.65
CA GLY A 74 4.84 -4.62 7.85
C GLY A 74 4.06 -5.72 8.57
N LEU A 75 3.11 -5.31 9.43
CA LEU A 75 2.31 -6.24 10.24
C LEU A 75 1.32 -7.03 9.35
N PRO A 76 1.41 -8.41 9.36
CA PRO A 76 0.51 -9.27 8.58
C PRO A 76 -0.90 -9.33 9.22
N GLY A 77 -1.93 -8.96 8.43
CA GLY A 77 -3.32 -8.95 8.89
C GLY A 77 -4.27 -9.57 7.87
N GLN A 78 -5.29 -10.30 8.34
CA GLN A 78 -6.34 -10.86 7.46
C GLN A 78 -7.45 -9.82 7.31
N ALA A 79 -7.11 -8.76 6.59
CA ALA A 79 -7.99 -7.61 6.32
C ALA A 79 -8.20 -7.44 4.80
N LEU A 80 -8.10 -8.56 4.07
CA LEU A 80 -8.15 -8.58 2.60
C LEU A 80 -9.56 -8.15 2.10
N GLY A 81 -9.65 -6.89 1.61
CA GLY A 81 -10.94 -6.28 1.20
C GLY A 81 -11.22 -4.96 1.91
N ASP A 82 -10.32 -4.53 2.82
CA ASP A 82 -10.42 -3.24 3.54
C ASP A 82 -9.85 -2.09 2.71
N TYR A 83 -10.00 -0.84 3.21
CA TYR A 83 -9.63 0.38 2.46
C TYR A 83 -8.48 1.13 3.16
N VAL A 84 -7.45 1.47 2.38
CA VAL A 84 -6.30 2.26 2.83
C VAL A 84 -6.47 3.73 2.38
N GLU A 85 -5.79 4.65 3.10
CA GLU A 85 -5.82 6.09 2.78
C GLU A 85 -4.49 6.48 2.11
N ILE A 86 -4.59 6.80 0.82
CA ILE A 86 -3.44 7.13 -0.04
C ILE A 86 -3.22 8.64 -0.01
N VAL A 87 -2.36 9.08 0.90
CA VAL A 87 -2.06 10.49 1.11
C VAL A 87 -1.03 10.96 0.08
N LEU A 88 -1.52 11.73 -0.91
CA LEU A 88 -0.68 12.49 -1.82
C LEU A 88 -0.13 13.68 -1.00
N GLU A 89 1.13 13.57 -0.58
CA GLU A 89 1.79 14.54 0.30
C GLU A 89 2.23 15.79 -0.47
N HIS A 90 2.49 16.86 0.29
CA HIS A 90 3.03 18.14 -0.20
C HIS A 90 4.46 17.96 -0.76
N HIS A 91 4.89 18.89 -1.64
CA HIS A 91 6.21 18.84 -2.30
C HIS A 91 6.55 20.24 -2.89
N MET A 1 -7.12 15.05 1.00
CA MET A 1 -6.00 14.86 0.06
C MET A 1 -5.36 13.47 0.26
N ARG A 2 -6.11 12.45 -0.18
CA ARG A 2 -5.63 11.06 -0.23
C ARG A 2 -6.39 10.30 -1.33
N ILE A 3 -5.76 9.24 -1.86
CA ILE A 3 -6.42 8.29 -2.77
C ILE A 3 -6.66 6.99 -1.99
N LYS A 4 -7.92 6.59 -1.84
CA LYS A 4 -8.26 5.40 -1.06
C LYS A 4 -8.22 4.15 -1.97
N GLY A 5 -7.87 3.01 -1.38
CA GLY A 5 -7.70 1.76 -2.13
C GLY A 5 -8.10 0.56 -1.31
N VAL A 6 -8.00 -0.62 -1.95
CA VAL A 6 -8.40 -1.90 -1.35
C VAL A 6 -7.17 -2.79 -1.13
N VAL A 7 -7.06 -3.37 0.08
CA VAL A 7 -6.02 -4.33 0.43
C VAL A 7 -6.20 -5.63 -0.38
N LEU A 8 -5.21 -5.97 -1.21
CA LEU A 8 -5.22 -7.23 -1.99
C LEU A 8 -4.54 -8.34 -1.20
N SER A 9 -3.32 -8.06 -0.70
CA SER A 9 -2.50 -9.05 0.04
C SER A 9 -1.34 -8.38 0.80
N TYR A 10 -0.77 -9.11 1.76
CA TYR A 10 0.47 -8.72 2.48
C TYR A 10 1.60 -9.67 2.08
N ARG A 11 2.83 -9.21 2.23
CA ARG A 11 4.03 -10.03 2.04
C ARG A 11 5.02 -9.73 3.16
N ARG A 12 5.15 -10.68 4.09
CA ARG A 12 6.19 -10.69 5.12
C ARG A 12 7.49 -11.20 4.48
N SER A 13 8.53 -10.38 4.54
CA SER A 13 9.81 -10.67 3.88
C SER A 13 10.96 -10.31 4.82
N LYS A 14 11.98 -11.18 4.88
CA LYS A 14 13.12 -11.09 5.83
C LYS A 14 13.91 -9.78 5.64
N GLU A 15 14.46 -9.22 6.74
CA GLU A 15 15.12 -7.90 6.73
C GLU A 15 16.40 -7.88 5.87
N ASN A 16 16.38 -7.07 4.79
CA ASN A 16 17.54 -6.83 3.91
C ASN A 16 17.31 -5.50 3.14
N GLN A 17 16.53 -5.55 2.04
CA GLN A 17 16.24 -4.40 1.17
C GLN A 17 15.06 -4.80 0.22
N HIS A 18 14.13 -3.86 -0.03
CA HIS A 18 12.90 -4.05 -0.87
C HIS A 18 11.88 -5.01 -0.21
N ASN A 19 11.90 -5.11 1.14
CA ASN A 19 11.08 -6.09 1.91
C ASN A 19 9.84 -5.43 2.55
N ASN A 20 9.02 -6.27 3.24
CA ASN A 20 7.75 -5.88 3.90
C ASN A 20 6.82 -5.18 2.89
N VAL A 21 6.41 -5.96 1.87
CA VAL A 21 5.63 -5.45 0.72
C VAL A 21 4.14 -5.69 0.97
N MET A 22 3.29 -4.74 0.59
CA MET A 22 1.83 -4.88 0.74
C MET A 22 1.19 -4.46 -0.60
N ILE A 23 0.52 -5.42 -1.24
CA ILE A 23 -0.11 -5.23 -2.55
C ILE A 23 -1.49 -4.60 -2.35
N ILE A 24 -1.69 -3.43 -2.95
CA ILE A 24 -2.92 -2.62 -2.84
C ILE A 24 -3.41 -2.31 -4.26
N LYS A 25 -4.73 -2.10 -4.43
CA LYS A 25 -5.29 -1.59 -5.69
C LYS A 25 -6.14 -0.34 -5.38
N PRO A 26 -5.62 0.91 -5.65
CA PRO A 26 -6.37 2.17 -5.42
C PRO A 26 -7.67 2.23 -6.25
N LEU A 27 -8.73 2.79 -5.68
CA LEU A 27 -10.07 2.87 -6.34
C LEU A 27 -10.05 3.82 -7.54
N ASP A 28 -9.39 4.97 -7.37
CA ASP A 28 -9.21 6.00 -8.42
C ASP A 28 -8.30 5.49 -9.57
N VAL A 29 -7.42 4.55 -9.23
CA VAL A 29 -6.40 4.00 -10.14
C VAL A 29 -6.77 2.59 -10.62
N ASN A 30 -7.00 2.44 -11.93
CA ASN A 30 -7.36 1.15 -12.55
C ASN A 30 -6.43 0.85 -13.75
N SER A 31 -5.32 1.62 -13.87
CA SER A 31 -4.34 1.47 -14.96
C SER A 31 -2.91 1.75 -14.46
N ARG A 32 -1.91 1.33 -15.27
CA ARG A 32 -0.48 1.31 -14.89
C ARG A 32 0.04 2.70 -14.52
N GLU A 33 -0.21 3.67 -15.40
CA GLU A 33 0.40 5.02 -15.34
C GLU A 33 -0.24 5.86 -14.22
N GLU A 34 -1.53 5.57 -13.95
CA GLU A 34 -2.26 6.15 -12.82
C GLU A 34 -1.63 5.71 -11.48
N ALA A 35 -1.06 4.49 -11.49
CA ALA A 35 -0.34 3.91 -10.35
C ALA A 35 1.13 4.37 -10.32
N SER A 36 1.71 4.59 -11.51
CA SER A 36 3.13 4.92 -11.68
C SER A 36 3.42 6.40 -11.35
N LYS A 37 2.38 7.24 -11.30
CA LYS A 37 2.50 8.63 -10.82
C LYS A 37 2.43 8.68 -9.29
N LEU A 38 1.97 7.57 -8.67
CA LEU A 38 1.85 7.45 -7.21
C LEU A 38 3.14 6.87 -6.58
N ILE A 39 4.19 6.69 -7.40
CA ILE A 39 5.52 6.26 -6.89
C ILE A 39 6.12 7.42 -6.06
N GLY A 40 6.09 7.26 -4.73
CA GLY A 40 6.59 8.28 -3.80
C GLY A 40 5.53 8.77 -2.82
N ARG A 41 4.27 8.32 -2.99
CA ARG A 41 3.16 8.74 -2.10
C ARG A 41 3.12 7.86 -0.84
N LEU A 42 2.65 8.46 0.27
CA LEU A 42 2.61 7.83 1.59
C LEU A 42 1.27 7.10 1.74
N VAL A 43 1.29 5.89 2.32
CA VAL A 43 0.08 5.07 2.50
C VAL A 43 -0.11 4.81 4.01
N LEU A 44 -1.36 4.91 4.48
CA LEU A 44 -1.72 4.66 5.88
C LEU A 44 -2.84 3.60 5.90
N TRP A 45 -2.69 2.61 6.78
CA TRP A 45 -3.69 1.55 6.97
C TRP A 45 -3.84 1.24 8.46
N LYS A 46 -5.10 1.25 8.95
CA LYS A 46 -5.44 0.86 10.31
C LYS A 46 -5.48 -0.67 10.41
N SER A 47 -4.65 -1.20 11.28
CA SER A 47 -4.57 -2.64 11.57
C SER A 47 -5.67 -3.00 12.61
N PRO A 48 -6.40 -4.18 12.44
CA PRO A 48 -7.44 -4.65 13.40
C PRO A 48 -6.89 -4.87 14.84
N SER A 49 -5.56 -4.99 14.96
CA SER A 49 -4.87 -5.11 16.27
C SER A 49 -4.63 -3.72 16.94
N GLY A 50 -5.31 -2.67 16.41
CA GLY A 50 -5.22 -1.31 17.00
C GLY A 50 -3.87 -0.64 16.73
N LYS A 51 -3.38 -0.82 15.49
CA LYS A 51 -2.09 -0.28 15.04
C LYS A 51 -2.29 0.58 13.78
N ILE A 52 -1.25 1.31 13.38
CA ILE A 52 -1.25 2.13 12.14
C ILE A 52 0.03 1.84 11.36
N LEU A 53 -0.13 1.13 10.24
CA LEU A 53 0.98 0.81 9.35
C LEU A 53 1.20 1.99 8.40
N LYS A 54 2.43 2.49 8.39
CA LYS A 54 2.88 3.57 7.48
C LYS A 54 3.74 2.95 6.39
N GLY A 55 3.45 3.28 5.12
CA GLY A 55 4.14 2.70 3.97
C GLY A 55 4.29 3.67 2.83
N LYS A 56 4.90 3.22 1.74
CA LYS A 56 5.11 4.09 0.55
C LYS A 56 5.18 3.24 -0.72
N ILE A 57 4.44 3.69 -1.76
CA ILE A 57 4.40 3.03 -3.07
C ILE A 57 5.76 3.16 -3.76
N VAL A 58 6.54 2.06 -3.77
CA VAL A 58 7.91 2.05 -4.32
C VAL A 58 7.91 1.68 -5.82
N ARG A 59 6.99 0.79 -6.23
CA ARG A 59 6.94 0.27 -7.60
C ARG A 59 5.58 -0.40 -7.84
N VAL A 60 5.10 -0.38 -9.09
CA VAL A 60 3.81 -0.98 -9.47
C VAL A 60 4.01 -2.41 -10.02
N HIS A 61 2.89 -3.11 -10.24
CA HIS A 61 2.88 -4.45 -10.86
C HIS A 61 1.88 -4.47 -12.02
N GLY A 62 2.42 -4.64 -13.25
CA GLY A 62 1.61 -4.77 -14.47
C GLY A 62 0.83 -3.50 -14.82
N THR A 63 -0.28 -3.69 -15.55
CA THR A 63 -1.17 -2.61 -16.00
C THR A 63 -2.48 -2.57 -15.20
N LYS A 64 -2.55 -3.39 -14.13
CA LYS A 64 -3.79 -3.61 -13.36
C LYS A 64 -4.00 -2.54 -12.26
N GLY A 65 -3.10 -1.55 -12.17
CA GLY A 65 -3.19 -0.49 -11.15
C GLY A 65 -2.73 -0.95 -9.76
N ALA A 66 -2.31 -2.23 -9.66
CA ALA A 66 -1.87 -2.84 -8.40
C ALA A 66 -0.47 -2.32 -8.02
N VAL A 67 -0.39 -1.64 -6.87
CA VAL A 67 0.84 -1.00 -6.39
C VAL A 67 1.49 -1.85 -5.28
N ARG A 68 2.82 -1.75 -5.19
CA ARG A 68 3.60 -2.34 -4.10
C ARG A 68 3.99 -1.21 -3.14
N ALA A 69 3.32 -1.15 -2.00
CA ALA A 69 3.60 -0.18 -0.95
C ALA A 69 4.32 -0.90 0.18
N ARG A 70 5.57 -0.50 0.47
CA ARG A 70 6.39 -1.13 1.52
C ARG A 70 6.15 -0.41 2.84
N PHE A 71 5.62 -1.15 3.82
CA PHE A 71 5.30 -0.63 5.15
C PHE A 71 6.43 -0.97 6.13
N GLU A 72 6.86 0.05 6.90
CA GLU A 72 7.96 -0.04 7.90
C GLU A 72 7.76 -1.21 8.89
N LYS A 73 6.50 -1.36 9.35
CA LYS A 73 6.08 -2.42 10.27
C LYS A 73 5.63 -3.64 9.45
N GLY A 74 4.78 -3.38 8.43
CA GLY A 74 4.32 -4.42 7.49
C GLY A 74 3.56 -5.57 8.16
N LEU A 75 2.73 -5.25 9.16
CA LEU A 75 1.97 -6.26 9.93
C LEU A 75 0.89 -6.93 9.05
N PRO A 76 0.82 -8.30 9.06
CA PRO A 76 -0.16 -9.05 8.23
C PRO A 76 -1.59 -8.99 8.82
N GLY A 77 -2.55 -9.57 8.10
CA GLY A 77 -3.94 -9.59 8.55
C GLY A 77 -4.86 -10.25 7.54
N GLN A 78 -6.02 -10.73 8.00
CA GLN A 78 -7.08 -11.28 7.12
C GLN A 78 -8.11 -10.18 6.77
N ALA A 79 -7.66 -8.92 6.81
CA ALA A 79 -8.46 -7.73 6.47
C ALA A 79 -8.37 -7.42 4.95
N LEU A 80 -8.15 -8.48 4.13
CA LEU A 80 -8.10 -8.37 2.66
C LEU A 80 -9.44 -7.87 2.12
N GLY A 81 -9.46 -6.62 1.61
CA GLY A 81 -10.70 -5.96 1.17
C GLY A 81 -10.91 -4.60 1.84
N ASP A 82 -10.18 -4.33 2.93
CA ASP A 82 -10.30 -3.09 3.73
C ASP A 82 -9.69 -1.88 3.00
N TYR A 83 -10.09 -0.66 3.40
CA TYR A 83 -9.65 0.59 2.77
C TYR A 83 -8.34 1.11 3.38
N VAL A 84 -7.39 1.46 2.50
CA VAL A 84 -6.17 2.22 2.86
C VAL A 84 -6.34 3.67 2.37
N GLU A 85 -5.71 4.63 3.06
CA GLU A 85 -5.65 6.03 2.59
C GLU A 85 -4.22 6.34 2.13
N ILE A 86 -4.05 6.49 0.81
CA ILE A 86 -2.76 6.86 0.21
C ILE A 86 -2.67 8.39 0.22
N VAL A 87 -2.09 8.91 1.31
CA VAL A 87 -1.95 10.34 1.55
C VAL A 87 -0.81 10.91 0.67
N LEU A 88 -0.98 12.17 0.26
CA LEU A 88 0.04 12.90 -0.53
C LEU A 88 1.29 13.23 0.34
N GLU A 89 2.18 14.08 -0.17
CA GLU A 89 3.48 14.37 0.46
C GLU A 89 3.31 15.02 1.85
N HIS A 90 3.24 14.14 2.87
CA HIS A 90 3.14 14.54 4.27
C HIS A 90 4.48 15.14 4.73
N HIS A 91 4.61 16.47 4.54
CA HIS A 91 5.79 17.24 4.96
C HIS A 91 5.58 17.71 6.42
N MET A 1 -6.22 15.64 -1.23
CA MET A 1 -5.58 14.81 -2.27
C MET A 1 -5.07 13.49 -1.64
N ARG A 2 -6.02 12.57 -1.43
CA ARG A 2 -5.78 11.20 -0.95
C ARG A 2 -6.57 10.23 -1.83
N ILE A 3 -5.92 9.16 -2.33
CA ILE A 3 -6.57 8.14 -3.19
C ILE A 3 -6.90 6.89 -2.36
N LYS A 4 -8.13 6.34 -2.51
CA LYS A 4 -8.64 5.22 -1.70
C LYS A 4 -8.27 3.89 -2.38
N GLY A 5 -7.51 3.02 -1.67
CA GLY A 5 -7.01 1.75 -2.24
C GLY A 5 -7.61 0.52 -1.57
N VAL A 6 -7.40 -0.67 -2.19
CA VAL A 6 -7.93 -1.96 -1.70
C VAL A 6 -6.76 -2.96 -1.51
N VAL A 7 -6.60 -3.49 -0.28
CA VAL A 7 -5.58 -4.50 0.04
C VAL A 7 -5.94 -5.85 -0.65
N LEU A 8 -5.33 -6.09 -1.81
CA LEU A 8 -5.57 -7.32 -2.59
C LEU A 8 -4.86 -8.53 -1.96
N SER A 9 -3.57 -8.33 -1.62
CA SER A 9 -2.68 -9.40 -1.10
C SER A 9 -1.60 -8.82 -0.18
N TYR A 10 -1.13 -9.64 0.78
CA TYR A 10 0.05 -9.33 1.61
C TYR A 10 1.25 -10.18 1.13
N ARG A 11 2.44 -9.58 1.15
CA ARG A 11 3.70 -10.30 1.16
C ARG A 11 4.53 -9.66 2.29
N ARG A 12 4.64 -10.35 3.44
CA ARG A 12 5.40 -9.82 4.59
C ARG A 12 6.86 -10.27 4.48
N SER A 13 7.75 -9.40 4.94
CA SER A 13 9.21 -9.57 4.77
C SER A 13 9.93 -9.24 6.09
N LYS A 14 11.00 -10.01 6.36
CA LYS A 14 11.89 -9.83 7.52
C LYS A 14 13.33 -10.33 7.18
N GLU A 15 13.49 -10.94 5.97
CA GLU A 15 14.73 -11.62 5.56
C GLU A 15 15.90 -10.60 5.44
N ASN A 16 15.71 -9.60 4.56
CA ASN A 16 16.64 -8.47 4.42
C ASN A 16 15.98 -7.22 5.04
N GLN A 17 14.83 -6.82 4.46
CA GLN A 17 14.02 -5.68 4.93
C GLN A 17 12.89 -6.19 5.82
N HIS A 18 12.59 -5.44 6.90
CA HIS A 18 11.49 -5.76 7.84
C HIS A 18 10.22 -4.97 7.45
N ASN A 19 9.64 -5.34 6.29
CA ASN A 19 8.52 -4.60 5.68
C ASN A 19 7.30 -5.51 5.45
N ASN A 20 6.14 -5.10 6.01
CA ASN A 20 4.85 -5.67 5.61
C ASN A 20 4.49 -5.06 4.25
N VAL A 21 4.85 -5.77 3.19
CA VAL A 21 4.60 -5.33 1.81
C VAL A 21 3.20 -5.83 1.42
N MET A 22 2.48 -5.09 0.57
CA MET A 22 1.13 -5.49 0.13
C MET A 22 0.82 -4.91 -1.25
N ILE A 23 0.06 -5.68 -2.05
CA ILE A 23 -0.46 -5.26 -3.35
C ILE A 23 -1.80 -4.54 -3.11
N ILE A 24 -1.88 -3.26 -3.50
CA ILE A 24 -3.06 -2.39 -3.27
C ILE A 24 -3.60 -1.88 -4.62
N LYS A 25 -4.89 -2.13 -4.94
CA LYS A 25 -5.51 -1.53 -6.14
C LYS A 25 -6.35 -0.30 -5.73
N PRO A 26 -5.90 0.94 -6.08
CA PRO A 26 -6.71 2.17 -5.90
C PRO A 26 -7.95 2.20 -6.83
N LEU A 27 -9.10 2.64 -6.25
CA LEU A 27 -10.41 2.67 -6.92
C LEU A 27 -10.40 3.58 -8.17
N ASP A 28 -9.70 4.72 -8.06
CA ASP A 28 -9.60 5.74 -9.13
C ASP A 28 -8.61 5.32 -10.25
N VAL A 29 -7.62 4.52 -9.85
CA VAL A 29 -6.47 4.17 -10.71
C VAL A 29 -6.76 2.86 -11.49
N ASN A 30 -6.87 2.99 -12.83
CA ASN A 30 -7.24 1.86 -13.73
C ASN A 30 -6.01 1.28 -14.44
N SER A 31 -4.98 2.12 -14.66
CA SER A 31 -3.79 1.75 -15.47
C SER A 31 -2.50 1.85 -14.64
N ARG A 32 -1.41 1.27 -15.19
CA ARG A 32 -0.06 1.30 -14.57
C ARG A 32 0.46 2.74 -14.44
N GLU A 33 0.16 3.59 -15.45
CA GLU A 33 0.62 5.00 -15.47
C GLU A 33 0.02 5.80 -14.29
N GLU A 34 -1.29 5.60 -14.08
CA GLU A 34 -2.04 6.19 -12.94
C GLU A 34 -1.56 5.62 -11.59
N ALA A 35 -0.96 4.42 -11.64
CA ALA A 35 -0.35 3.77 -10.48
C ALA A 35 1.08 4.28 -10.25
N SER A 36 1.75 4.72 -11.33
CA SER A 36 3.16 5.17 -11.30
C SER A 36 3.27 6.61 -10.77
N LYS A 37 2.20 7.43 -10.87
CA LYS A 37 2.13 8.74 -10.19
C LYS A 37 2.21 8.56 -8.65
N LEU A 38 1.89 7.33 -8.18
CA LEU A 38 1.81 6.99 -6.76
C LEU A 38 3.17 6.52 -6.18
N ILE A 39 4.23 6.46 -7.01
CA ILE A 39 5.56 6.01 -6.53
C ILE A 39 6.19 7.11 -5.64
N GLY A 40 6.16 6.88 -4.32
CA GLY A 40 6.68 7.83 -3.34
C GLY A 40 5.61 8.36 -2.39
N ARG A 41 4.34 7.98 -2.61
CA ARG A 41 3.23 8.40 -1.72
C ARG A 41 3.27 7.60 -0.41
N LEU A 42 2.74 8.20 0.65
CA LEU A 42 2.63 7.58 1.97
C LEU A 42 1.27 6.83 2.03
N VAL A 43 1.23 5.70 2.74
CA VAL A 43 0.00 4.89 2.89
C VAL A 43 -0.27 4.67 4.38
N LEU A 44 -1.39 5.23 4.87
CA LEU A 44 -1.86 5.06 6.24
C LEU A 44 -2.97 3.99 6.26
N TRP A 45 -2.63 2.81 6.78
CA TRP A 45 -3.56 1.70 6.96
C TRP A 45 -3.55 1.27 8.44
N LYS A 46 -4.74 1.15 9.04
CA LYS A 46 -4.90 0.76 10.44
C LYS A 46 -4.95 -0.79 10.53
N SER A 47 -3.93 -1.38 11.17
CA SER A 47 -3.86 -2.83 11.43
C SER A 47 -4.96 -3.29 12.42
N PRO A 48 -5.43 -4.59 12.33
CA PRO A 48 -6.33 -5.19 13.36
C PRO A 48 -5.60 -5.41 14.71
N SER A 49 -4.26 -5.21 14.70
CA SER A 49 -3.43 -5.20 15.92
C SER A 49 -3.72 -3.93 16.75
N GLY A 50 -4.10 -2.82 16.07
CA GLY A 50 -4.51 -1.58 16.72
C GLY A 50 -3.81 -0.34 16.16
N LYS A 51 -2.54 -0.50 15.76
CA LYS A 51 -1.68 0.60 15.27
C LYS A 51 -2.11 1.07 13.87
N ILE A 52 -1.76 2.31 13.52
CA ILE A 52 -1.85 2.82 12.15
C ILE A 52 -0.46 2.66 11.51
N LEU A 53 -0.34 1.64 10.64
CA LEU A 53 0.91 1.34 9.95
C LEU A 53 1.18 2.36 8.83
N LYS A 54 2.44 2.81 8.74
CA LYS A 54 2.90 3.74 7.71
C LYS A 54 3.71 2.98 6.66
N GLY A 55 3.34 3.16 5.38
CA GLY A 55 3.98 2.51 4.26
C GLY A 55 4.24 3.47 3.11
N LYS A 56 4.88 2.99 2.05
CA LYS A 56 5.19 3.81 0.87
C LYS A 56 5.14 2.94 -0.37
N ILE A 57 4.39 3.41 -1.38
CA ILE A 57 4.29 2.77 -2.70
C ILE A 57 5.66 2.89 -3.40
N VAL A 58 6.45 1.82 -3.29
CA VAL A 58 7.84 1.79 -3.79
C VAL A 58 7.90 1.43 -5.28
N ARG A 59 6.92 0.62 -5.73
CA ARG A 59 6.83 0.15 -7.12
C ARG A 59 5.36 -0.28 -7.40
N VAL A 60 5.00 -0.39 -8.69
CA VAL A 60 3.65 -0.81 -9.13
C VAL A 60 3.61 -2.34 -9.33
N HIS A 61 2.38 -2.87 -9.50
CA HIS A 61 2.16 -4.29 -9.78
C HIS A 61 1.08 -4.44 -10.87
N GLY A 62 1.52 -4.75 -12.10
CA GLY A 62 0.62 -4.94 -13.24
C GLY A 62 0.12 -3.64 -13.84
N THR A 63 -0.69 -3.78 -14.90
CA THR A 63 -1.29 -2.66 -15.64
C THR A 63 -2.74 -2.39 -15.17
N LYS A 64 -3.23 -3.18 -14.20
CA LYS A 64 -4.63 -3.10 -13.70
C LYS A 64 -4.80 -2.02 -12.62
N GLY A 65 -3.78 -1.14 -12.46
CA GLY A 65 -3.84 -0.03 -11.52
C GLY A 65 -3.28 -0.37 -10.16
N ALA A 66 -3.05 -1.68 -9.91
CA ALA A 66 -2.51 -2.15 -8.64
C ALA A 66 -1.04 -1.68 -8.46
N VAL A 67 -0.72 -1.36 -7.20
CA VAL A 67 0.61 -0.89 -6.76
C VAL A 67 1.19 -1.88 -5.74
N ARG A 68 2.32 -1.51 -5.11
CA ARG A 68 2.99 -2.33 -4.09
C ARG A 68 3.63 -1.40 -3.03
N ALA A 69 3.02 -1.37 -1.83
CA ALA A 69 3.45 -0.49 -0.72
C ALA A 69 4.16 -1.29 0.38
N ARG A 70 5.40 -0.86 0.74
CA ARG A 70 6.18 -1.43 1.85
C ARG A 70 5.88 -0.66 3.14
N PHE A 71 5.28 -1.33 4.14
CA PHE A 71 5.08 -0.75 5.47
C PHE A 71 6.30 -1.09 6.34
N GLU A 72 6.98 -0.03 6.82
CA GLU A 72 8.25 -0.16 7.58
C GLU A 72 8.03 -0.75 8.98
N LYS A 73 6.77 -0.69 9.46
CA LYS A 73 6.35 -1.20 10.76
C LYS A 73 6.38 -2.73 10.78
N GLY A 74 5.65 -3.35 9.83
CA GLY A 74 5.66 -4.80 9.67
C GLY A 74 4.74 -5.54 10.63
N LEU A 75 3.48 -5.07 10.80
CA LEU A 75 2.45 -5.80 11.56
C LEU A 75 1.53 -6.62 10.61
N PRO A 76 1.08 -7.85 11.03
CA PRO A 76 0.21 -8.73 10.22
C PRO A 76 -1.31 -8.48 10.46
N GLY A 77 -2.13 -9.31 9.82
CA GLY A 77 -3.60 -9.27 9.95
C GLY A 77 -4.28 -9.68 8.65
N GLN A 78 -5.52 -10.20 8.74
CA GLN A 78 -6.33 -10.59 7.57
C GLN A 78 -7.35 -9.49 7.25
N ALA A 79 -6.93 -8.51 6.44
CA ALA A 79 -7.79 -7.43 5.95
C ALA A 79 -7.82 -7.39 4.40
N LEU A 80 -7.68 -8.58 3.77
CA LEU A 80 -7.81 -8.69 2.29
C LEU A 80 -9.22 -8.20 1.84
N GLY A 81 -9.25 -7.00 1.24
CA GLY A 81 -10.48 -6.32 0.80
C GLY A 81 -10.72 -5.01 1.56
N ASP A 82 -9.76 -4.62 2.41
CA ASP A 82 -9.87 -3.40 3.25
C ASP A 82 -9.36 -2.17 2.48
N TYR A 83 -9.72 -0.96 2.96
CA TYR A 83 -9.44 0.29 2.26
C TYR A 83 -8.36 1.11 2.98
N VAL A 84 -7.30 1.47 2.22
CA VAL A 84 -6.15 2.26 2.73
C VAL A 84 -6.28 3.74 2.29
N GLU A 85 -5.52 4.62 2.98
CA GLU A 85 -5.39 6.04 2.62
C GLU A 85 -4.03 6.28 1.95
N ILE A 86 -4.03 6.58 0.64
CA ILE A 86 -2.82 6.98 -0.08
C ILE A 86 -2.68 8.51 0.06
N VAL A 87 -1.95 8.92 1.12
CA VAL A 87 -1.76 10.33 1.51
C VAL A 87 -0.41 10.85 0.97
N LEU A 88 -0.29 12.17 0.71
CA LEU A 88 1.00 12.81 0.41
C LEU A 88 0.86 14.31 0.67
N GLU A 89 1.65 14.80 1.65
CA GLU A 89 1.76 16.24 1.97
C GLU A 89 2.44 16.96 0.80
N HIS A 90 1.64 17.66 -0.01
CA HIS A 90 2.09 18.29 -1.25
C HIS A 90 3.06 19.45 -0.95
N HIS A 91 4.36 19.16 -1.15
CA HIS A 91 5.46 20.15 -1.04
C HIS A 91 5.95 20.52 -2.46
N MET A 1 -7.55 15.26 0.81
CA MET A 1 -7.17 14.73 -0.52
C MET A 1 -6.23 13.53 -0.34
N ARG A 2 -6.80 12.31 -0.45
CA ARG A 2 -6.02 11.05 -0.51
C ARG A 2 -6.81 9.99 -1.29
N ILE A 3 -6.09 8.99 -1.82
CA ILE A 3 -6.68 7.93 -2.67
C ILE A 3 -7.01 6.70 -1.82
N LYS A 4 -8.20 6.12 -2.04
CA LYS A 4 -8.67 4.94 -1.32
C LYS A 4 -8.21 3.68 -2.08
N GLY A 5 -7.75 2.66 -1.34
CA GLY A 5 -7.28 1.40 -1.94
C GLY A 5 -7.81 0.19 -1.18
N VAL A 6 -7.42 -1.03 -1.64
CA VAL A 6 -7.84 -2.31 -1.02
C VAL A 6 -6.61 -3.21 -0.83
N VAL A 7 -6.46 -3.75 0.39
CA VAL A 7 -5.41 -4.73 0.76
C VAL A 7 -5.66 -6.06 0.02
N LEU A 8 -4.90 -6.28 -1.07
CA LEU A 8 -5.03 -7.50 -1.88
C LEU A 8 -4.23 -8.67 -1.28
N SER A 9 -2.91 -8.48 -1.06
CA SER A 9 -2.03 -9.57 -0.59
C SER A 9 -0.91 -9.02 0.31
N TYR A 10 -0.65 -9.70 1.45
CA TYR A 10 0.54 -9.45 2.29
C TYR A 10 1.75 -10.18 1.68
N ARG A 11 2.81 -9.43 1.37
CA ARG A 11 4.06 -9.96 0.79
C ARG A 11 5.21 -9.70 1.79
N ARG A 12 5.69 -10.75 2.45
CA ARG A 12 6.78 -10.64 3.44
C ARG A 12 8.14 -10.68 2.73
N SER A 13 8.87 -9.55 2.81
CA SER A 13 10.20 -9.41 2.20
C SER A 13 11.25 -10.20 3.01
N LYS A 14 11.65 -9.67 4.19
CA LYS A 14 12.58 -10.36 5.13
C LYS A 14 12.15 -10.14 6.58
N GLU A 15 12.65 -11.00 7.48
CA GLU A 15 12.40 -10.94 8.92
C GLU A 15 13.07 -9.70 9.55
N ASN A 16 14.37 -9.52 9.21
CA ASN A 16 15.25 -8.56 9.91
C ASN A 16 15.07 -7.13 9.37
N GLN A 17 13.98 -6.46 9.85
CA GLN A 17 13.75 -5.01 9.74
C GLN A 17 13.57 -4.49 8.29
N HIS A 18 13.61 -5.39 7.28
CA HIS A 18 13.44 -5.01 5.85
C HIS A 18 11.94 -4.90 5.53
N ASN A 19 11.52 -3.75 4.95
CA ASN A 19 10.10 -3.40 4.79
C ASN A 19 9.39 -4.38 3.86
N ASN A 20 8.38 -5.08 4.41
CA ASN A 20 7.57 -6.05 3.67
C ASN A 20 6.69 -5.31 2.65
N VAL A 21 6.37 -5.95 1.52
CA VAL A 21 5.50 -5.37 0.49
C VAL A 21 4.03 -5.70 0.84
N MET A 22 3.09 -4.91 0.33
CA MET A 22 1.67 -5.24 0.41
C MET A 22 1.04 -4.80 -0.90
N ILE A 23 0.56 -5.80 -1.68
CA ILE A 23 -0.15 -5.56 -2.94
C ILE A 23 -1.50 -4.90 -2.60
N ILE A 24 -1.74 -3.74 -3.21
CA ILE A 24 -2.91 -2.90 -2.97
C ILE A 24 -3.48 -2.46 -4.32
N LYS A 25 -4.80 -2.50 -4.49
CA LYS A 25 -5.45 -1.89 -5.68
C LYS A 25 -6.06 -0.54 -5.26
N PRO A 26 -5.55 0.62 -5.78
CA PRO A 26 -6.22 1.91 -5.60
C PRO A 26 -7.55 1.95 -6.40
N LEU A 27 -8.67 2.14 -5.69
CA LEU A 27 -10.02 2.18 -6.30
C LEU A 27 -10.16 3.36 -7.28
N ASP A 28 -9.51 4.50 -6.94
CA ASP A 28 -9.52 5.70 -7.79
C ASP A 28 -8.57 5.54 -8.99
N VAL A 29 -7.50 4.74 -8.81
CA VAL A 29 -6.42 4.58 -9.82
C VAL A 29 -6.38 3.14 -10.36
N ASN A 30 -6.92 2.96 -11.58
CA ASN A 30 -6.92 1.68 -12.30
C ASN A 30 -5.98 1.72 -13.53
N SER A 31 -5.28 2.87 -13.73
CA SER A 31 -4.30 3.04 -14.83
C SER A 31 -2.87 2.80 -14.32
N ARG A 32 -1.96 2.44 -15.25
CA ARG A 32 -0.53 2.21 -14.93
C ARG A 32 0.20 3.55 -14.70
N GLU A 33 -0.08 4.55 -15.56
CA GLU A 33 0.57 5.89 -15.53
C GLU A 33 0.21 6.64 -14.24
N GLU A 34 -1.07 6.52 -13.85
CA GLU A 34 -1.59 7.12 -12.62
C GLU A 34 -1.03 6.38 -11.38
N ALA A 35 -0.72 5.08 -11.55
CA ALA A 35 -0.04 4.25 -10.53
C ALA A 35 1.48 4.52 -10.50
N SER A 36 2.02 4.98 -11.64
CA SER A 36 3.46 5.25 -11.82
C SER A 36 3.83 6.61 -11.18
N LYS A 37 2.81 7.51 -11.02
CA LYS A 37 2.96 8.76 -10.27
C LYS A 37 2.53 8.57 -8.79
N LEU A 38 2.14 7.33 -8.42
CA LEU A 38 1.88 6.94 -7.03
C LEU A 38 3.19 6.50 -6.33
N ILE A 39 4.27 6.31 -7.11
CA ILE A 39 5.59 5.94 -6.57
C ILE A 39 6.12 7.08 -5.68
N GLY A 40 6.48 6.74 -4.44
CA GLY A 40 7.00 7.71 -3.47
C GLY A 40 5.91 8.34 -2.61
N ARG A 41 4.66 7.83 -2.70
CA ARG A 41 3.54 8.34 -1.87
C ARG A 41 3.34 7.47 -0.63
N LEU A 42 2.83 8.11 0.44
CA LEU A 42 2.73 7.54 1.78
C LEU A 42 1.37 6.87 1.96
N VAL A 43 1.37 5.55 2.15
CA VAL A 43 0.16 4.75 2.33
C VAL A 43 -0.09 4.53 3.83
N LEU A 44 -1.19 5.11 4.31
CA LEU A 44 -1.66 4.96 5.68
C LEU A 44 -2.66 3.80 5.73
N TRP A 45 -2.22 2.63 6.20
CA TRP A 45 -3.13 1.51 6.44
C TRP A 45 -3.36 1.39 7.94
N LYS A 46 -4.62 1.29 8.32
CA LYS A 46 -5.04 1.07 9.69
C LYS A 46 -5.26 -0.43 9.87
N SER A 47 -4.42 -1.05 10.71
CA SER A 47 -4.55 -2.45 11.14
C SER A 47 -5.94 -2.70 11.82
N PRO A 48 -6.46 -3.98 11.82
CA PRO A 48 -7.74 -4.33 12.52
C PRO A 48 -7.73 -3.95 14.03
N SER A 49 -6.51 -3.89 14.60
CA SER A 49 -6.24 -3.46 15.99
C SER A 49 -6.77 -2.03 16.25
N GLY A 50 -6.62 -1.15 15.24
CA GLY A 50 -6.99 0.27 15.32
C GLY A 50 -5.78 1.19 15.10
N LYS A 51 -4.59 0.58 15.05
CA LYS A 51 -3.30 1.27 14.88
C LYS A 51 -3.06 1.57 13.38
N ILE A 52 -2.27 2.63 13.07
CA ILE A 52 -1.99 3.03 11.67
C ILE A 52 -0.51 2.74 11.33
N LEU A 53 -0.29 1.72 10.47
CA LEU A 53 1.02 1.36 9.92
C LEU A 53 1.39 2.30 8.76
N LYS A 54 2.68 2.65 8.68
CA LYS A 54 3.24 3.54 7.65
C LYS A 54 3.84 2.69 6.51
N GLY A 55 3.44 2.99 5.27
CA GLY A 55 3.96 2.32 4.07
C GLY A 55 4.23 3.30 2.95
N LYS A 56 4.84 2.83 1.85
CA LYS A 56 5.12 3.68 0.68
C LYS A 56 5.18 2.84 -0.60
N ILE A 57 4.47 3.30 -1.64
CA ILE A 57 4.45 2.65 -2.97
C ILE A 57 5.83 2.80 -3.62
N VAL A 58 6.60 1.70 -3.63
CA VAL A 58 7.94 1.67 -4.24
C VAL A 58 7.85 1.24 -5.71
N ARG A 59 6.94 0.27 -6.01
CA ARG A 59 6.74 -0.30 -7.37
C ARG A 59 5.25 -0.44 -7.68
N VAL A 60 4.96 -0.88 -8.92
CA VAL A 60 3.61 -1.23 -9.40
C VAL A 60 3.60 -2.68 -9.91
N HIS A 61 2.38 -3.18 -10.17
CA HIS A 61 2.15 -4.53 -10.73
C HIS A 61 0.94 -4.45 -11.68
N GLY A 62 1.21 -4.49 -12.99
CA GLY A 62 0.18 -4.53 -14.02
C GLY A 62 -0.40 -3.16 -14.36
N THR A 63 -1.18 -3.11 -15.45
CA THR A 63 -1.85 -1.89 -15.94
C THR A 63 -3.28 -1.79 -15.38
N LYS A 64 -3.68 -2.77 -14.53
CA LYS A 64 -5.03 -2.85 -13.91
C LYS A 64 -5.13 -2.00 -12.62
N GLY A 65 -4.08 -1.20 -12.32
CA GLY A 65 -4.04 -0.36 -11.13
C GLY A 65 -3.93 -1.18 -9.85
N ALA A 66 -2.79 -1.88 -9.73
CA ALA A 66 -2.39 -2.59 -8.51
C ALA A 66 -0.96 -2.14 -8.18
N VAL A 67 -0.80 -1.43 -7.07
CA VAL A 67 0.48 -0.88 -6.63
C VAL A 67 1.11 -1.76 -5.53
N ARG A 68 2.38 -1.52 -5.23
CA ARG A 68 3.17 -2.29 -4.27
C ARG A 68 3.71 -1.33 -3.20
N ALA A 69 3.07 -1.34 -2.02
CA ALA A 69 3.40 -0.43 -0.90
C ALA A 69 4.11 -1.20 0.22
N ARG A 70 5.37 -0.84 0.50
CA ARG A 70 6.17 -1.51 1.53
C ARG A 70 6.01 -0.82 2.90
N PHE A 71 5.51 -1.59 3.88
CA PHE A 71 5.24 -1.11 5.24
C PHE A 71 6.45 -1.38 6.17
N GLU A 72 6.87 -0.32 6.88
CA GLU A 72 8.09 -0.32 7.71
C GLU A 72 7.91 -1.10 9.03
N LYS A 73 6.67 -1.12 9.55
CA LYS A 73 6.38 -1.75 10.86
C LYS A 73 6.14 -3.26 10.70
N GLY A 74 5.59 -3.64 9.54
CA GLY A 74 5.47 -5.03 9.13
C GLY A 74 4.62 -5.93 10.03
N LEU A 75 3.53 -5.36 10.57
CA LEU A 75 2.57 -6.11 11.42
C LEU A 75 1.54 -6.85 10.54
N PRO A 76 1.02 -8.03 11.02
CA PRO A 76 -0.07 -8.78 10.33
C PRO A 76 -1.43 -8.03 10.39
N GLY A 77 -2.47 -8.67 9.86
CA GLY A 77 -3.82 -8.14 9.89
C GLY A 77 -4.87 -9.19 9.58
N GLN A 78 -4.56 -10.07 8.60
CA GLN A 78 -5.52 -11.06 8.03
C GLN A 78 -6.77 -10.30 7.47
N ALA A 79 -6.50 -9.06 7.03
CA ALA A 79 -7.51 -8.07 6.67
C ALA A 79 -7.51 -7.84 5.14
N LEU A 80 -7.19 -8.90 4.37
CA LEU A 80 -7.33 -8.88 2.89
C LEU A 80 -8.79 -8.50 2.50
N GLY A 81 -8.97 -7.31 1.91
CA GLY A 81 -10.29 -6.74 1.60
C GLY A 81 -10.57 -5.45 2.37
N ASP A 82 -9.66 -5.11 3.30
CA ASP A 82 -9.71 -3.84 4.08
C ASP A 82 -9.19 -2.69 3.19
N TYR A 83 -9.36 -1.44 3.62
CA TYR A 83 -9.08 -0.27 2.78
C TYR A 83 -7.91 0.55 3.35
N VAL A 84 -6.99 0.97 2.44
CA VAL A 84 -5.86 1.85 2.76
C VAL A 84 -6.19 3.28 2.29
N GLU A 85 -5.37 4.25 2.72
CA GLU A 85 -5.48 5.66 2.27
C GLU A 85 -4.07 6.17 1.87
N ILE A 86 -3.88 6.30 0.54
CA ILE A 86 -2.61 6.74 -0.07
C ILE A 86 -2.57 8.27 -0.10
N VAL A 87 -1.94 8.85 0.92
CA VAL A 87 -1.75 10.30 1.03
C VAL A 87 -0.41 10.71 0.37
N LEU A 88 -0.37 11.94 -0.16
CA LEU A 88 0.87 12.57 -0.62
C LEU A 88 1.72 12.89 0.64
N GLU A 89 2.95 12.33 0.72
CA GLU A 89 3.80 12.44 1.95
C GLU A 89 4.27 13.88 2.21
N HIS A 90 4.59 14.62 1.13
CA HIS A 90 5.06 16.02 1.20
C HIS A 90 3.93 16.95 1.68
N HIS A 91 2.68 16.51 1.45
CA HIS A 91 1.49 17.18 1.98
C HIS A 91 1.28 16.74 3.46
N MET A 1 -5.64 15.84 -1.12
CA MET A 1 -6.13 14.76 -2.01
C MET A 1 -5.50 13.42 -1.59
N ARG A 2 -6.31 12.56 -0.93
CA ARG A 2 -5.88 11.24 -0.47
C ARG A 2 -6.55 10.16 -1.36
N ILE A 3 -5.77 9.18 -1.80
CA ILE A 3 -6.22 8.14 -2.74
C ILE A 3 -6.66 6.91 -1.94
N LYS A 4 -7.90 6.46 -2.17
CA LYS A 4 -8.50 5.34 -1.44
C LYS A 4 -8.16 4.03 -2.16
N GLY A 5 -7.61 3.07 -1.41
CA GLY A 5 -7.20 1.78 -1.96
C GLY A 5 -7.70 0.61 -1.13
N VAL A 6 -7.18 -0.59 -1.44
CA VAL A 6 -7.56 -1.88 -0.79
C VAL A 6 -6.32 -2.78 -0.65
N VAL A 7 -6.16 -3.41 0.53
CA VAL A 7 -5.13 -4.43 0.78
C VAL A 7 -5.50 -5.73 0.05
N LEU A 8 -4.68 -6.13 -0.92
CA LEU A 8 -4.86 -7.38 -1.66
C LEU A 8 -4.11 -8.54 -0.96
N SER A 9 -2.83 -8.30 -0.59
CA SER A 9 -1.98 -9.32 0.08
C SER A 9 -0.90 -8.68 0.99
N TYR A 10 -0.46 -9.44 2.01
CA TYR A 10 0.69 -9.09 2.87
C TYR A 10 1.86 -10.06 2.56
N ARG A 11 3.09 -9.54 2.49
CA ARG A 11 4.32 -10.35 2.34
C ARG A 11 5.29 -9.93 3.45
N ARG A 12 5.49 -10.80 4.45
CA ARG A 12 6.21 -10.45 5.70
C ARG A 12 7.73 -10.31 5.48
N SER A 13 8.37 -9.44 6.30
CA SER A 13 9.83 -9.23 6.31
C SER A 13 10.56 -10.52 6.75
N LYS A 14 11.10 -11.26 5.77
CA LYS A 14 11.71 -12.59 5.98
C LYS A 14 12.63 -12.95 4.78
N GLU A 15 13.59 -13.88 5.03
CA GLU A 15 14.53 -14.46 4.03
C GLU A 15 15.60 -13.42 3.62
N ASN A 16 15.22 -12.55 2.69
CA ASN A 16 16.08 -11.53 2.09
C ASN A 16 15.85 -10.19 2.85
N GLN A 17 16.80 -9.25 2.74
CA GLN A 17 16.71 -7.92 3.39
C GLN A 17 15.66 -7.05 2.68
N HIS A 18 14.41 -7.21 3.14
CA HIS A 18 13.24 -6.41 2.71
C HIS A 18 12.27 -6.31 3.89
N ASN A 19 11.41 -5.28 3.87
CA ASN A 19 10.36 -5.09 4.89
C ASN A 19 9.03 -5.71 4.37
N ASN A 20 7.90 -5.46 5.06
CA ASN A 20 6.60 -6.01 4.65
C ASN A 20 6.14 -5.41 3.32
N VAL A 21 6.12 -6.24 2.28
CA VAL A 21 5.65 -5.85 0.95
C VAL A 21 4.14 -6.11 0.84
N MET A 22 3.34 -5.04 0.87
CA MET A 22 1.87 -5.12 0.71
C MET A 22 1.50 -4.75 -0.72
N ILE A 23 0.77 -5.64 -1.40
CA ILE A 23 0.18 -5.38 -2.72
C ILE A 23 -1.14 -4.60 -2.50
N ILE A 24 -1.18 -3.34 -2.97
CA ILE A 24 -2.35 -2.45 -2.80
C ILE A 24 -3.06 -2.25 -4.15
N LYS A 25 -4.37 -2.01 -4.09
CA LYS A 25 -5.23 -1.70 -5.24
C LYS A 25 -5.87 -0.30 -5.02
N PRO A 26 -5.29 0.81 -5.59
CA PRO A 26 -5.95 2.13 -5.58
C PRO A 26 -7.25 2.09 -6.42
N LEU A 27 -8.40 2.10 -5.71
CA LEU A 27 -9.75 1.90 -6.31
C LEU A 27 -10.05 2.84 -7.49
N ASP A 28 -9.59 4.10 -7.37
CA ASP A 28 -9.86 5.14 -8.37
C ASP A 28 -8.98 4.96 -9.64
N VAL A 29 -7.80 4.32 -9.47
CA VAL A 29 -6.79 4.18 -10.55
C VAL A 29 -6.85 2.77 -11.19
N ASN A 30 -7.37 2.70 -12.43
CA ASN A 30 -7.40 1.47 -13.25
C ASN A 30 -6.16 1.33 -14.16
N SER A 31 -5.44 2.45 -14.41
CA SER A 31 -4.33 2.47 -15.38
C SER A 31 -2.97 2.47 -14.67
N ARG A 32 -2.06 1.59 -15.16
CA ARG A 32 -0.69 1.44 -14.62
C ARG A 32 0.11 2.75 -14.67
N GLU A 33 0.01 3.47 -15.82
CA GLU A 33 0.72 4.74 -16.07
C GLU A 33 0.28 5.85 -15.08
N GLU A 34 -1.04 5.88 -14.81
CA GLU A 34 -1.64 6.81 -13.84
C GLU A 34 -1.20 6.49 -12.41
N ALA A 35 -0.99 5.20 -12.12
CA ALA A 35 -0.41 4.74 -10.84
C ALA A 35 1.12 5.00 -10.79
N SER A 36 1.76 5.07 -11.98
CA SER A 36 3.23 5.18 -12.11
C SER A 36 3.74 6.58 -11.77
N LYS A 37 2.95 7.62 -12.08
CA LYS A 37 3.26 9.01 -11.65
C LYS A 37 3.08 9.14 -10.11
N LEU A 38 2.28 8.21 -9.54
CA LEU A 38 1.90 8.24 -8.12
C LEU A 38 2.92 7.50 -7.23
N ILE A 39 4.00 6.98 -7.80
CA ILE A 39 5.03 6.25 -7.03
C ILE A 39 5.76 7.21 -6.04
N GLY A 40 5.94 6.74 -4.80
CA GLY A 40 6.69 7.46 -3.77
C GLY A 40 5.81 7.99 -2.65
N ARG A 41 4.47 7.90 -2.81
CA ARG A 41 3.52 8.43 -1.82
C ARG A 41 3.35 7.46 -0.64
N LEU A 42 2.99 8.02 0.52
CA LEU A 42 2.89 7.28 1.79
C LEU A 42 1.48 6.72 1.95
N VAL A 43 1.37 5.55 2.57
CA VAL A 43 0.09 4.88 2.84
C VAL A 43 -0.11 4.78 4.35
N LEU A 44 -1.30 5.18 4.81
CA LEU A 44 -1.73 5.07 6.21
C LEU A 44 -2.88 4.04 6.25
N TRP A 45 -2.58 2.84 6.76
CA TRP A 45 -3.56 1.76 6.90
C TRP A 45 -3.60 1.28 8.36
N LYS A 46 -4.80 1.30 8.95
CA LYS A 46 -5.02 0.80 10.31
C LYS A 46 -5.18 -0.72 10.26
N SER A 47 -4.33 -1.45 11.00
CA SER A 47 -4.47 -2.91 11.19
C SER A 47 -5.77 -3.23 11.97
N PRO A 48 -6.39 -4.45 11.77
CA PRO A 48 -7.56 -4.90 12.59
C PRO A 48 -7.20 -5.03 14.09
N SER A 49 -5.89 -5.01 14.40
CA SER A 49 -5.35 -4.92 15.77
C SER A 49 -5.61 -3.51 16.36
N GLY A 50 -5.39 -2.46 15.54
CA GLY A 50 -5.62 -1.07 15.95
C GLY A 50 -4.48 -0.14 15.54
N LYS A 51 -3.29 -0.71 15.31
CA LYS A 51 -2.06 0.05 15.02
C LYS A 51 -2.11 0.60 13.58
N ILE A 52 -1.99 1.93 13.43
CA ILE A 52 -1.93 2.58 12.11
C ILE A 52 -0.50 2.42 11.55
N LEU A 53 -0.39 1.55 10.56
CA LEU A 53 0.88 1.24 9.89
C LEU A 53 1.12 2.24 8.74
N LYS A 54 2.40 2.40 8.39
CA LYS A 54 2.85 3.32 7.32
C LYS A 54 3.65 2.52 6.28
N GLY A 55 3.54 2.90 5.00
CA GLY A 55 4.26 2.23 3.93
C GLY A 55 4.39 3.07 2.68
N LYS A 56 5.61 3.15 2.10
CA LYS A 56 5.86 3.94 0.89
C LYS A 56 5.72 3.05 -0.35
N ILE A 57 4.92 3.51 -1.31
CA ILE A 57 4.75 2.86 -2.61
C ILE A 57 6.02 3.06 -3.45
N VAL A 58 6.69 1.95 -3.77
CA VAL A 58 8.01 1.95 -4.44
C VAL A 58 7.94 1.37 -5.87
N ARG A 59 6.75 0.88 -6.29
CA ARG A 59 6.54 0.27 -7.62
C ARG A 59 5.04 0.13 -7.93
N VAL A 60 4.72 -0.04 -9.22
CA VAL A 60 3.37 -0.42 -9.69
C VAL A 60 3.27 -1.96 -9.80
N HIS A 61 2.05 -2.45 -9.99
CA HIS A 61 1.79 -3.89 -10.11
C HIS A 61 0.65 -4.12 -11.13
N GLY A 62 1.02 -4.61 -12.33
CA GLY A 62 0.07 -4.92 -13.40
C GLY A 62 -0.49 -3.68 -14.10
N THR A 63 -1.31 -3.93 -15.13
CA THR A 63 -2.01 -2.89 -15.92
C THR A 63 -3.41 -2.59 -15.32
N LYS A 64 -3.67 -3.12 -14.11
CA LYS A 64 -4.93 -2.92 -13.38
C LYS A 64 -4.84 -1.71 -12.42
N GLY A 65 -3.78 -0.89 -12.57
CA GLY A 65 -3.61 0.34 -11.79
C GLY A 65 -3.26 0.10 -10.34
N ALA A 66 -2.89 -1.15 -10.02
CA ALA A 66 -2.46 -1.55 -8.69
C ALA A 66 -1.01 -1.09 -8.46
N VAL A 67 -0.60 -1.05 -7.19
CA VAL A 67 0.73 -0.61 -6.76
C VAL A 67 1.34 -1.63 -5.76
N ARG A 68 2.58 -1.34 -5.33
CA ARG A 68 3.38 -2.20 -4.45
C ARG A 68 4.08 -1.29 -3.44
N ALA A 69 3.75 -1.46 -2.14
CA ALA A 69 4.27 -0.62 -1.05
C ALA A 69 5.12 -1.45 -0.06
N ARG A 70 6.15 -0.81 0.50
CA ARG A 70 6.95 -1.35 1.61
C ARG A 70 6.47 -0.72 2.92
N PHE A 71 5.66 -1.47 3.69
CA PHE A 71 5.23 -1.07 5.04
C PHE A 71 6.36 -1.31 6.07
N GLU A 72 6.73 -0.22 6.79
CA GLU A 72 7.77 -0.24 7.83
C GLU A 72 7.38 -1.19 8.98
N LYS A 73 6.08 -1.23 9.30
CA LYS A 73 5.52 -2.10 10.35
C LYS A 73 4.92 -3.35 9.70
N GLY A 74 3.85 -3.14 8.90
CA GLY A 74 3.20 -4.22 8.14
C GLY A 74 2.80 -5.43 8.96
N LEU A 75 2.05 -5.17 10.04
CA LEU A 75 1.49 -6.23 10.90
C LEU A 75 0.41 -7.04 10.14
N PRO A 76 0.41 -8.40 10.28
CA PRO A 76 -0.57 -9.29 9.60
C PRO A 76 -2.02 -9.11 10.12
N GLY A 77 -2.96 -9.72 9.40
CA GLY A 77 -4.38 -9.66 9.73
C GLY A 77 -5.23 -10.27 8.63
N GLN A 78 -6.47 -10.63 8.95
CA GLN A 78 -7.43 -11.21 7.97
C GLN A 78 -8.24 -10.07 7.30
N ALA A 79 -7.55 -8.95 7.04
CA ALA A 79 -8.13 -7.71 6.50
C ALA A 79 -7.87 -7.61 4.97
N LEU A 80 -7.77 -8.79 4.30
CA LEU A 80 -7.77 -8.88 2.84
C LEU A 80 -9.11 -8.34 2.29
N GLY A 81 -9.06 -7.15 1.68
CA GLY A 81 -10.25 -6.46 1.18
C GLY A 81 -10.50 -5.13 1.90
N ASP A 82 -9.76 -4.88 3.00
CA ASP A 82 -9.92 -3.65 3.82
C ASP A 82 -9.24 -2.46 3.14
N TYR A 83 -9.74 -1.25 3.43
CA TYR A 83 -9.37 -0.02 2.72
C TYR A 83 -8.14 0.67 3.35
N VAL A 84 -7.21 1.11 2.50
CA VAL A 84 -6.06 1.95 2.88
C VAL A 84 -6.37 3.42 2.53
N GLU A 85 -5.76 4.37 3.27
CA GLU A 85 -5.83 5.82 2.94
C GLU A 85 -4.40 6.28 2.57
N ILE A 86 -4.20 6.57 1.28
CA ILE A 86 -2.87 6.92 0.73
C ILE A 86 -2.72 8.45 0.67
N VAL A 87 -1.74 9.00 1.39
CA VAL A 87 -1.53 10.45 1.50
C VAL A 87 -0.20 10.90 0.82
N LEU A 88 -0.23 12.08 0.17
CA LEU A 88 0.93 12.70 -0.48
C LEU A 88 1.86 13.39 0.55
N GLU A 89 2.95 14.01 0.03
CA GLU A 89 4.05 14.57 0.84
C GLU A 89 3.61 15.78 1.67
N HIS A 90 4.03 15.81 2.94
CA HIS A 90 3.81 16.95 3.87
C HIS A 90 5.12 17.73 4.03
N HIS A 91 6.19 17.01 4.44
CA HIS A 91 7.55 17.57 4.62
C HIS A 91 8.60 16.54 4.12
N MET A 1 -6.02 15.22 -2.32
CA MET A 1 -5.26 14.20 -3.07
C MET A 1 -5.03 12.96 -2.21
N ARG A 2 -6.07 12.10 -2.14
CA ARG A 2 -6.05 10.82 -1.41
C ARG A 2 -6.79 9.78 -2.24
N ILE A 3 -6.27 8.54 -2.23
CA ILE A 3 -6.85 7.41 -2.98
C ILE A 3 -7.01 6.22 -2.04
N LYS A 4 -8.20 5.60 -2.02
CA LYS A 4 -8.47 4.42 -1.19
C LYS A 4 -8.10 3.16 -1.98
N GLY A 5 -7.31 2.27 -1.35
CA GLY A 5 -6.80 1.07 -2.02
C GLY A 5 -7.08 -0.19 -1.24
N VAL A 6 -7.43 -1.29 -1.93
CA VAL A 6 -7.85 -2.54 -1.30
C VAL A 6 -6.66 -3.48 -1.09
N VAL A 7 -6.44 -3.86 0.19
CA VAL A 7 -5.45 -4.88 0.60
C VAL A 7 -5.82 -6.24 -0.03
N LEU A 8 -5.15 -6.53 -1.16
CA LEU A 8 -5.32 -7.80 -1.89
C LEU A 8 -4.67 -8.96 -1.10
N SER A 9 -3.40 -8.73 -0.68
CA SER A 9 -2.62 -9.72 0.09
C SER A 9 -1.43 -9.06 0.79
N TYR A 10 -0.80 -9.80 1.71
CA TYR A 10 0.48 -9.42 2.33
C TYR A 10 1.57 -10.31 1.72
N ARG A 11 2.60 -9.69 1.15
CA ARG A 11 3.76 -10.40 0.58
C ARG A 11 5.00 -9.96 1.35
N ARG A 12 5.55 -10.83 2.20
CA ARG A 12 6.74 -10.50 3.02
C ARG A 12 8.02 -10.75 2.20
N SER A 13 9.08 -10.03 2.56
CA SER A 13 10.40 -10.18 1.94
C SER A 13 11.47 -10.33 3.05
N LYS A 14 12.74 -10.33 2.64
CA LYS A 14 13.89 -10.37 3.56
C LYS A 14 13.95 -9.03 4.29
N GLU A 15 13.65 -9.02 5.60
CA GLU A 15 13.60 -7.79 6.44
C GLU A 15 14.93 -7.02 6.41
N ASN A 16 16.04 -7.78 6.31
CA ASN A 16 17.41 -7.22 6.27
C ASN A 16 17.66 -6.46 4.96
N GLN A 17 16.90 -6.80 3.91
CA GLN A 17 16.90 -6.09 2.63
C GLN A 17 15.88 -4.94 2.69
N HIS A 18 14.58 -5.31 2.71
CA HIS A 18 13.43 -4.39 2.91
C HIS A 18 12.31 -5.14 3.63
N ASN A 19 11.50 -4.39 4.41
CA ASN A 19 10.34 -4.95 5.14
C ASN A 19 9.23 -5.42 4.17
N ASN A 20 8.20 -6.04 4.74
CA ASN A 20 7.10 -6.67 4.00
C ASN A 20 6.33 -5.65 3.13
N VAL A 21 5.92 -6.13 1.96
CA VAL A 21 5.21 -5.35 0.95
C VAL A 21 3.73 -5.77 0.93
N MET A 22 2.82 -4.83 1.17
CA MET A 22 1.38 -5.07 1.10
C MET A 22 0.92 -4.80 -0.34
N ILE A 23 0.29 -5.81 -0.93
CA ILE A 23 -0.28 -5.74 -2.28
C ILE A 23 -1.62 -5.00 -2.21
N ILE A 24 -1.68 -3.83 -2.87
CA ILE A 24 -2.81 -2.90 -2.77
C ILE A 24 -3.42 -2.69 -4.17
N LYS A 25 -4.73 -2.40 -4.22
CA LYS A 25 -5.44 -2.04 -5.47
C LYS A 25 -6.12 -0.66 -5.29
N PRO A 26 -5.43 0.47 -5.66
CA PRO A 26 -6.03 1.82 -5.58
C PRO A 26 -7.23 1.96 -6.55
N LEU A 27 -8.44 2.07 -5.98
CA LEU A 27 -9.73 2.03 -6.72
C LEU A 27 -9.88 3.20 -7.73
N ASP A 28 -9.39 4.37 -7.34
CA ASP A 28 -9.40 5.58 -8.19
C ASP A 28 -8.50 5.41 -9.43
N VAL A 29 -7.48 4.55 -9.31
CA VAL A 29 -6.48 4.31 -10.35
C VAL A 29 -6.79 3.00 -11.12
N ASN A 30 -6.77 3.08 -12.46
CA ASN A 30 -7.02 1.91 -13.36
C ASN A 30 -5.92 1.79 -14.43
N SER A 31 -4.97 2.72 -14.46
CA SER A 31 -3.87 2.76 -15.47
C SER A 31 -2.51 2.77 -14.78
N ARG A 32 -1.50 2.27 -15.51
CA ARG A 32 -0.11 2.15 -15.02
C ARG A 32 0.52 3.52 -14.75
N GLU A 33 0.08 4.52 -15.53
CA GLU A 33 0.62 5.88 -15.49
C GLU A 33 0.23 6.58 -14.18
N GLU A 34 -1.02 6.32 -13.75
CA GLU A 34 -1.59 6.83 -12.50
C GLU A 34 -0.92 6.11 -11.31
N ALA A 35 -0.66 4.80 -11.48
CA ALA A 35 0.07 3.97 -10.51
C ALA A 35 1.55 4.38 -10.43
N SER A 36 2.10 4.86 -11.55
CA SER A 36 3.51 5.26 -11.68
C SER A 36 3.74 6.60 -10.95
N LYS A 37 2.70 7.46 -10.92
CA LYS A 37 2.72 8.71 -10.14
C LYS A 37 2.17 8.50 -8.73
N LEU A 38 1.86 7.24 -8.38
CA LEU A 38 1.62 6.83 -6.99
C LEU A 38 2.93 6.43 -6.30
N ILE A 39 3.97 6.12 -7.12
CA ILE A 39 5.32 5.84 -6.63
C ILE A 39 5.86 7.04 -5.84
N GLY A 40 5.90 6.91 -4.50
CA GLY A 40 6.39 7.96 -3.61
C GLY A 40 5.38 8.31 -2.53
N ARG A 41 4.08 8.12 -2.83
CA ARG A 41 2.98 8.54 -1.94
C ARG A 41 2.96 7.75 -0.61
N LEU A 42 2.41 8.40 0.43
CA LEU A 42 2.36 7.86 1.79
C LEU A 42 1.08 7.06 1.98
N VAL A 43 1.22 5.79 2.39
CA VAL A 43 0.08 4.91 2.62
C VAL A 43 -0.14 4.75 4.15
N LEU A 44 -1.28 5.24 4.62
CA LEU A 44 -1.69 5.17 6.03
C LEU A 44 -2.76 4.08 6.16
N TRP A 45 -2.42 2.98 6.81
CA TRP A 45 -3.37 1.88 7.05
C TRP A 45 -3.43 1.58 8.55
N LYS A 46 -4.64 1.58 9.11
CA LYS A 46 -4.89 1.32 10.53
C LYS A 46 -5.04 -0.20 10.72
N SER A 47 -4.01 -0.81 11.32
CA SER A 47 -3.96 -2.27 11.57
C SER A 47 -5.06 -2.74 12.57
N PRO A 48 -5.45 -4.06 12.56
CA PRO A 48 -6.38 -4.63 13.58
C PRO A 48 -5.80 -4.51 15.01
N SER A 49 -4.46 -4.41 15.11
CA SER A 49 -3.72 -4.14 16.36
C SER A 49 -4.12 -2.77 16.96
N GLY A 50 -4.63 -1.88 16.10
CA GLY A 50 -5.06 -0.53 16.50
C GLY A 50 -3.98 0.51 16.33
N LYS A 51 -2.96 0.19 15.51
CA LYS A 51 -1.82 1.07 15.24
C LYS A 51 -1.89 1.61 13.80
N ILE A 52 -1.50 2.87 13.62
CA ILE A 52 -1.48 3.53 12.31
C ILE A 52 -0.12 3.27 11.64
N LEU A 53 -0.08 2.33 10.70
CA LEU A 53 1.14 1.91 10.02
C LEU A 53 1.47 2.87 8.87
N LYS A 54 2.76 3.20 8.76
CA LYS A 54 3.29 4.08 7.70
C LYS A 54 3.82 3.20 6.56
N GLY A 55 3.43 3.54 5.33
CA GLY A 55 3.88 2.83 4.14
C GLY A 55 4.23 3.78 3.00
N LYS A 56 4.79 3.23 1.92
CA LYS A 56 5.09 3.99 0.70
C LYS A 56 5.04 3.07 -0.52
N ILE A 57 4.33 3.51 -1.56
CA ILE A 57 4.25 2.79 -2.85
C ILE A 57 5.61 2.90 -3.56
N VAL A 58 6.32 1.77 -3.62
CA VAL A 58 7.69 1.66 -4.17
C VAL A 58 7.69 0.93 -5.53
N ARG A 59 6.58 0.24 -5.84
CA ARG A 59 6.46 -0.63 -7.02
C ARG A 59 5.00 -0.64 -7.51
N VAL A 60 4.81 -0.79 -8.82
CA VAL A 60 3.47 -0.97 -9.44
C VAL A 60 3.20 -2.46 -9.70
N HIS A 61 1.97 -2.79 -10.08
CA HIS A 61 1.56 -4.15 -10.50
C HIS A 61 0.94 -4.05 -11.91
N GLY A 62 1.73 -4.47 -12.93
CA GLY A 62 1.29 -4.52 -14.33
C GLY A 62 0.79 -3.17 -14.86
N THR A 63 -0.35 -3.19 -15.56
CA THR A 63 -0.95 -1.98 -16.17
C THR A 63 -2.36 -1.70 -15.60
N LYS A 64 -2.88 -2.60 -14.73
CA LYS A 64 -4.25 -2.49 -14.18
C LYS A 64 -4.35 -1.38 -13.11
N GLY A 65 -3.22 -0.79 -12.72
CA GLY A 65 -3.20 0.32 -11.78
C GLY A 65 -2.98 -0.11 -10.34
N ALA A 66 -3.07 -1.43 -10.08
CA ALA A 66 -2.74 -2.02 -8.77
C ALA A 66 -1.27 -1.72 -8.42
N VAL A 67 -0.95 -1.59 -7.12
CA VAL A 67 0.40 -1.18 -6.66
C VAL A 67 0.93 -2.12 -5.54
N ARG A 68 2.15 -1.80 -5.11
CA ARG A 68 2.88 -2.50 -4.03
C ARG A 68 3.48 -1.43 -3.09
N ALA A 69 3.06 -1.44 -1.81
CA ALA A 69 3.54 -0.49 -0.81
C ALA A 69 4.31 -1.22 0.31
N ARG A 70 5.47 -0.68 0.68
CA ARG A 70 6.29 -1.21 1.78
C ARG A 70 5.86 -0.56 3.10
N PHE A 71 5.47 -1.38 4.06
CA PHE A 71 5.14 -0.94 5.43
C PHE A 71 6.28 -1.31 6.38
N GLU A 72 6.68 -0.35 7.22
CA GLU A 72 7.77 -0.53 8.21
C GLU A 72 7.44 -1.64 9.24
N LYS A 73 6.17 -1.72 9.61
CA LYS A 73 5.65 -2.74 10.53
C LYS A 73 5.01 -3.87 9.72
N GLY A 74 3.97 -3.50 8.94
CA GLY A 74 3.22 -4.46 8.12
C GLY A 74 2.56 -5.55 8.94
N LEU A 75 1.77 -5.11 9.92
CA LEU A 75 1.04 -5.98 10.85
C LEU A 75 -0.08 -6.75 10.10
N PRO A 76 0.03 -8.11 10.04
CA PRO A 76 -0.94 -8.97 9.31
C PRO A 76 -2.27 -9.13 10.07
N GLY A 77 -3.18 -9.89 9.47
CA GLY A 77 -4.51 -10.12 10.02
C GLY A 77 -5.51 -10.39 8.93
N GLN A 78 -6.76 -10.68 9.32
CA GLN A 78 -7.87 -10.91 8.38
C GLN A 78 -8.37 -9.54 7.85
N ALA A 79 -7.54 -8.91 7.02
CA ALA A 79 -7.77 -7.57 6.47
C ALA A 79 -7.81 -7.58 4.94
N LEU A 80 -7.90 -8.78 4.34
CA LEU A 80 -7.90 -8.94 2.88
C LEU A 80 -9.27 -8.48 2.34
N GLY A 81 -9.30 -7.27 1.75
CA GLY A 81 -10.54 -6.63 1.29
C GLY A 81 -10.73 -5.24 1.87
N ASP A 82 -9.99 -4.94 2.98
CA ASP A 82 -10.04 -3.61 3.64
C ASP A 82 -9.28 -2.56 2.84
N TYR A 83 -9.44 -1.29 3.23
CA TYR A 83 -8.95 -0.15 2.46
C TYR A 83 -7.75 0.50 3.14
N VAL A 84 -6.93 1.20 2.34
CA VAL A 84 -5.78 2.01 2.81
C VAL A 84 -5.96 3.46 2.34
N GLU A 85 -5.26 4.40 2.99
CA GLU A 85 -5.31 5.82 2.61
C GLU A 85 -4.00 6.19 1.92
N ILE A 86 -4.05 6.42 0.60
CA ILE A 86 -2.87 6.84 -0.18
C ILE A 86 -2.89 8.37 -0.25
N VAL A 87 -2.21 9.00 0.71
CA VAL A 87 -2.23 10.43 0.93
C VAL A 87 -1.00 11.09 0.25
N LEU A 88 -1.26 12.12 -0.59
CA LEU A 88 -0.22 12.93 -1.22
C LEU A 88 -0.28 14.34 -0.60
N GLU A 89 0.67 14.64 0.28
CA GLU A 89 0.85 15.97 0.91
C GLU A 89 2.12 16.62 0.36
N HIS A 90 2.11 17.96 0.25
CA HIS A 90 3.27 18.74 -0.23
C HIS A 90 4.00 19.39 0.96
N HIS A 91 5.09 18.73 1.40
CA HIS A 91 6.00 19.27 2.42
C HIS A 91 6.71 20.54 1.87
#